data_1X5N
#
_entry.id   1X5N
#
_entity_poly.entity_id   1
_entity_poly.type   'polypeptide(L)'
_entity_poly.pdbx_seq_one_letter_code
;GSSGSSGSPGNRENKEKKVFISLVGSRGLGCSISSGPIQKPGIFISHVKPGSLSAEVGLEIGDQIVEVNGVDFSNLDHKE
AVNVLKSSRSLTISIVAAAGRELFMTDRSGPSSG
;
_entity_poly.pdbx_strand_id   A
#
# COMPACT_ATOMS: atom_id res chain seq x y z
N GLY A 1 24.22 8.33 29.29
CA GLY A 1 23.72 8.80 28.01
C GLY A 1 23.04 10.17 28.16
N SER A 2 23.37 11.06 27.23
CA SER A 2 22.81 12.40 27.26
C SER A 2 23.02 13.08 25.90
N SER A 3 21.93 13.23 25.17
CA SER A 3 21.99 13.85 23.86
C SER A 3 20.57 14.10 23.34
N GLY A 4 20.26 15.38 23.15
CA GLY A 4 18.95 15.77 22.66
C GLY A 4 19.06 16.53 21.33
N SER A 5 18.10 16.28 20.46
CA SER A 5 18.08 16.94 19.16
C SER A 5 16.67 17.45 18.86
N SER A 6 16.61 18.74 18.54
CA SER A 6 15.33 19.37 18.23
C SER A 6 14.97 19.11 16.77
N GLY A 7 16.00 18.92 15.96
CA GLY A 7 15.80 18.66 14.55
C GLY A 7 15.15 19.85 13.85
N SER A 8 15.29 19.88 12.53
CA SER A 8 14.73 20.96 11.75
C SER A 8 13.42 20.51 11.09
N PRO A 9 12.29 21.05 11.62
CA PRO A 9 10.98 20.70 11.09
C PRO A 9 10.73 21.40 9.76
N GLY A 10 9.57 21.11 9.18
CA GLY A 10 9.19 21.69 7.90
C GLY A 10 8.64 20.63 6.95
N ASN A 11 7.34 20.42 7.06
CA ASN A 11 6.68 19.43 6.21
C ASN A 11 5.18 19.73 6.17
N ARG A 12 4.56 19.38 5.05
CA ARG A 12 3.15 19.61 4.86
C ARG A 12 2.60 18.70 3.76
N GLU A 13 2.15 17.52 4.17
CA GLU A 13 1.60 16.56 3.24
C GLU A 13 0.62 15.62 3.95
N ASN A 14 -0.23 15.00 3.15
CA ASN A 14 -1.22 14.07 3.69
C ASN A 14 -1.38 12.89 2.73
N LYS A 15 -1.73 13.22 1.50
CA LYS A 15 -1.92 12.20 0.48
C LYS A 15 -0.56 11.64 0.06
N GLU A 16 -0.62 10.57 -0.72
CA GLU A 16 0.61 9.94 -1.20
C GLU A 16 1.61 9.78 -0.06
N LYS A 17 1.51 8.65 0.62
CA LYS A 17 2.40 8.37 1.73
C LYS A 17 3.37 7.25 1.34
N LYS A 18 4.56 7.30 1.92
CA LYS A 18 5.57 6.31 1.64
C LYS A 18 5.64 5.31 2.80
N VAL A 19 5.38 4.05 2.47
CA VAL A 19 5.40 3.00 3.47
C VAL A 19 6.43 1.95 3.06
N PHE A 20 7.44 1.80 3.91
CA PHE A 20 8.50 0.83 3.66
C PHE A 20 8.24 -0.48 4.40
N ILE A 21 8.00 -1.52 3.62
CA ILE A 21 7.73 -2.83 4.19
C ILE A 21 9.02 -3.66 4.21
N SER A 22 9.39 -4.10 5.40
CA SER A 22 10.59 -4.89 5.57
C SER A 22 10.24 -6.34 5.93
N LEU A 23 10.73 -7.25 5.11
CA LEU A 23 10.46 -8.67 5.33
C LEU A 23 11.65 -9.30 6.05
N VAL A 24 11.85 -8.88 7.28
CA VAL A 24 12.95 -9.40 8.08
C VAL A 24 12.43 -9.75 9.48
N GLY A 25 13.28 -10.45 10.23
CA GLY A 25 12.92 -10.85 11.58
C GLY A 25 11.50 -11.41 11.63
N SER A 26 10.99 -11.52 12.85
CA SER A 26 9.64 -12.04 13.05
C SER A 26 8.60 -11.00 12.61
N ARG A 27 8.33 -10.99 11.33
CA ARG A 27 7.36 -10.06 10.76
C ARG A 27 7.21 -10.28 9.27
N GLY A 28 6.03 -10.77 8.89
CA GLY A 28 5.74 -11.04 7.49
C GLY A 28 4.40 -10.43 7.09
N LEU A 29 4.42 -9.76 5.95
CA LEU A 29 3.22 -9.12 5.43
C LEU A 29 2.02 -10.04 5.64
N GLY A 30 0.87 -9.42 5.90
CA GLY A 30 -0.35 -10.18 6.12
C GLY A 30 -1.56 -9.44 5.57
N CYS A 31 -1.33 -8.67 4.52
CA CYS A 31 -2.39 -7.90 3.90
C CYS A 31 -2.68 -8.51 2.53
N SER A 32 -3.95 -8.40 2.12
CA SER A 32 -4.37 -8.92 0.84
C SER A 32 -4.45 -7.80 -0.20
N ILE A 33 -4.01 -8.12 -1.41
CA ILE A 33 -4.03 -7.16 -2.49
C ILE A 33 -5.04 -7.61 -3.55
N SER A 34 -5.68 -6.63 -4.18
CA SER A 34 -6.66 -6.90 -5.21
C SER A 34 -6.30 -6.14 -6.48
N SER A 35 -6.96 -6.53 -7.57
CA SER A 35 -6.73 -5.89 -8.86
C SER A 35 -7.93 -5.03 -9.24
N GLY A 36 -7.66 -3.77 -9.55
CA GLY A 36 -8.72 -2.85 -9.93
C GLY A 36 -9.17 -3.11 -11.37
N PRO A 37 -10.30 -2.46 -11.74
CA PRO A 37 -10.85 -2.61 -13.08
C PRO A 37 -10.03 -1.83 -14.10
N ILE A 38 -10.54 -1.79 -15.32
CA ILE A 38 -9.86 -1.08 -16.40
C ILE A 38 -9.98 0.43 -16.16
N GLN A 39 -11.07 0.80 -15.52
CA GLN A 39 -11.32 2.21 -15.22
C GLN A 39 -10.46 2.66 -14.04
N LYS A 40 -10.21 1.72 -13.13
CA LYS A 40 -9.42 2.01 -11.95
C LYS A 40 -8.46 0.84 -11.70
N PRO A 41 -7.55 0.61 -12.68
CA PRO A 41 -6.58 -0.46 -12.58
C PRO A 41 -5.47 -0.10 -11.58
N GLY A 42 -5.00 -1.10 -10.87
CA GLY A 42 -3.93 -0.91 -9.90
C GLY A 42 -3.96 -2.01 -8.84
N ILE A 43 -3.19 -1.78 -7.78
CA ILE A 43 -3.10 -2.74 -6.69
C ILE A 43 -3.61 -2.08 -5.40
N PHE A 44 -4.71 -2.62 -4.90
CA PHE A 44 -5.31 -2.10 -3.68
C PHE A 44 -5.40 -3.19 -2.61
N ILE A 45 -5.27 -2.77 -1.36
CA ILE A 45 -5.33 -3.69 -0.24
C ILE A 45 -6.79 -4.07 0.01
N SER A 46 -6.99 -5.35 0.32
CA SER A 46 -8.33 -5.85 0.59
C SER A 46 -8.51 -6.08 2.09
N HIS A 47 -7.45 -6.56 2.71
CA HIS A 47 -7.48 -6.83 4.14
C HIS A 47 -6.06 -6.75 4.70
N VAL A 48 -5.99 -6.50 6.01
CA VAL A 48 -4.71 -6.39 6.68
C VAL A 48 -4.75 -7.20 7.98
N LYS A 49 -3.80 -8.11 8.11
CA LYS A 49 -3.72 -8.95 9.29
C LYS A 49 -3.23 -8.12 10.47
N PRO A 50 -3.67 -8.51 11.69
CA PRO A 50 -3.28 -7.81 12.90
C PRO A 50 -1.84 -8.15 13.28
N GLY A 51 -0.98 -7.15 13.16
CA GLY A 51 0.43 -7.32 13.49
C GLY A 51 1.23 -7.76 12.26
N SER A 52 0.79 -7.28 11.11
CA SER A 52 1.45 -7.61 9.86
C SER A 52 2.44 -6.49 9.49
N LEU A 53 3.18 -6.74 8.43
CA LEU A 53 4.17 -5.78 7.95
C LEU A 53 3.44 -4.52 7.48
N SER A 54 2.15 -4.68 7.19
CA SER A 54 1.34 -3.57 6.72
C SER A 54 0.62 -2.92 7.91
N ALA A 55 0.27 -3.76 8.88
CA ALA A 55 -0.42 -3.28 10.06
C ALA A 55 0.54 -2.43 10.91
N GLU A 56 1.80 -2.85 10.90
CA GLU A 56 2.82 -2.14 11.66
C GLU A 56 2.92 -0.69 11.18
N VAL A 57 2.77 -0.52 9.87
CA VAL A 57 2.84 0.80 9.27
C VAL A 57 1.50 1.51 9.43
N GLY A 58 0.46 0.71 9.65
CA GLY A 58 -0.88 1.23 9.82
C GLY A 58 -1.64 1.24 8.49
N LEU A 59 -1.28 0.30 7.64
CA LEU A 59 -1.92 0.18 6.34
C LEU A 59 -3.36 -0.30 6.53
N GLU A 60 -4.25 0.27 5.71
CA GLU A 60 -5.65 -0.09 5.78
C GLU A 60 -6.20 -0.37 4.37
N ILE A 61 -7.40 -0.91 4.34
CA ILE A 61 -8.04 -1.23 3.07
C ILE A 61 -8.27 0.06 2.28
N GLY A 62 -7.90 0.02 1.02
CA GLY A 62 -8.06 1.17 0.15
C GLY A 62 -6.69 1.69 -0.33
N ASP A 63 -5.70 1.53 0.53
CA ASP A 63 -4.35 1.96 0.20
C ASP A 63 -3.91 1.32 -1.11
N GLN A 64 -4.04 2.09 -2.18
CA GLN A 64 -3.66 1.61 -3.50
C GLN A 64 -2.16 1.79 -3.71
N ILE A 65 -1.53 0.70 -4.17
CA ILE A 65 -0.09 0.72 -4.41
C ILE A 65 0.17 1.30 -5.81
N VAL A 66 0.70 2.51 -5.82
CA VAL A 66 1.00 3.18 -7.08
C VAL A 66 2.49 3.00 -7.40
N GLU A 67 3.26 2.79 -6.35
CA GLU A 67 4.70 2.60 -6.51
C GLU A 67 5.24 1.68 -5.41
N VAL A 68 6.33 1.00 -5.73
CA VAL A 68 6.94 0.09 -4.78
C VAL A 68 8.44 -0.02 -5.09
N ASN A 69 9.23 0.51 -4.17
CA ASN A 69 10.68 0.49 -4.32
C ASN A 69 11.06 1.20 -5.62
N GLY A 70 10.26 2.19 -5.97
CA GLY A 70 10.49 2.95 -7.19
C GLY A 70 9.97 2.21 -8.42
N VAL A 71 9.02 1.32 -8.16
CA VAL A 71 8.43 0.54 -9.25
C VAL A 71 7.10 1.15 -9.64
N ASP A 72 6.66 0.83 -10.86
CA ASP A 72 5.41 1.35 -11.36
C ASP A 72 4.30 0.34 -11.07
N PHE A 73 3.72 0.47 -9.88
CA PHE A 73 2.65 -0.41 -9.46
C PHE A 73 1.28 0.19 -9.79
N SER A 74 1.30 1.19 -10.66
CA SER A 74 0.08 1.86 -11.06
C SER A 74 -0.55 1.14 -12.27
N ASN A 75 0.14 0.11 -12.72
CA ASN A 75 -0.33 -0.67 -13.85
C ASN A 75 0.24 -2.09 -13.76
N LEU A 76 0.58 -2.49 -12.55
CA LEU A 76 1.14 -3.81 -12.32
C LEU A 76 0.01 -4.84 -12.33
N ASP A 77 0.35 -6.05 -11.89
CA ASP A 77 -0.62 -7.13 -11.84
C ASP A 77 -0.51 -7.85 -10.50
N HIS A 78 -1.42 -8.79 -10.30
CA HIS A 78 -1.44 -9.56 -9.06
C HIS A 78 -0.27 -10.55 -9.06
N LYS A 79 0.41 -10.62 -10.19
CA LYS A 79 1.54 -11.52 -10.33
C LYS A 79 2.83 -10.70 -10.36
N GLU A 80 2.75 -9.54 -11.01
CA GLU A 80 3.91 -8.66 -11.12
C GLU A 80 4.09 -7.87 -9.83
N ALA A 81 2.96 -7.50 -9.23
CA ALA A 81 2.99 -6.74 -8.00
C ALA A 81 3.42 -7.65 -6.85
N VAL A 82 3.12 -8.93 -7.00
CA VAL A 82 3.48 -9.91 -5.99
C VAL A 82 4.94 -10.30 -6.16
N ASN A 83 5.32 -10.54 -7.41
CA ASN A 83 6.69 -10.92 -7.72
C ASN A 83 7.64 -9.82 -7.27
N VAL A 84 7.26 -8.59 -7.61
CA VAL A 84 8.08 -7.44 -7.26
C VAL A 84 8.05 -7.26 -5.73
N LEU A 85 6.91 -7.59 -5.15
CA LEU A 85 6.75 -7.47 -3.71
C LEU A 85 7.54 -8.59 -3.02
N LYS A 86 7.57 -9.74 -3.67
CA LYS A 86 8.29 -10.88 -3.14
C LYS A 86 9.73 -10.87 -3.65
N SER A 87 10.00 -9.90 -4.51
CA SER A 87 11.33 -9.76 -5.08
C SER A 87 12.37 -9.62 -3.96
N SER A 88 12.27 -8.51 -3.25
CA SER A 88 13.19 -8.24 -2.15
C SER A 88 12.43 -8.19 -0.83
N ARG A 89 13.18 -8.12 0.26
CA ARG A 89 12.59 -8.07 1.58
C ARG A 89 12.10 -6.64 1.88
N SER A 90 13.04 -5.71 1.86
CA SER A 90 12.71 -4.32 2.13
C SER A 90 12.30 -3.62 0.83
N LEU A 91 11.09 -3.07 0.86
CA LEU A 91 10.56 -2.36 -0.30
C LEU A 91 9.81 -1.12 0.16
N THR A 92 9.91 -0.08 -0.65
CA THR A 92 9.25 1.19 -0.34
C THR A 92 7.96 1.31 -1.15
N ILE A 93 6.85 1.05 -0.47
CA ILE A 93 5.55 1.14 -1.11
C ILE A 93 5.00 2.57 -0.96
N SER A 94 4.47 3.09 -2.05
CA SER A 94 3.92 4.42 -2.05
C SER A 94 2.40 4.36 -2.30
N ILE A 95 1.66 4.50 -1.21
CA ILE A 95 0.21 4.46 -1.28
C ILE A 95 -0.33 5.89 -1.24
N VAL A 96 -1.61 6.01 -1.56
CA VAL A 96 -2.26 7.31 -1.56
C VAL A 96 -3.25 7.38 -0.40
N ALA A 97 -2.88 6.72 0.69
CA ALA A 97 -3.73 6.70 1.88
C ALA A 97 -5.18 6.46 1.46
N ALA A 98 -5.57 5.20 1.49
CA ALA A 98 -6.93 4.82 1.12
C ALA A 98 -7.29 5.50 -0.20
N ALA A 99 -6.49 5.21 -1.22
CA ALA A 99 -6.72 5.77 -2.54
C ALA A 99 -8.07 5.30 -3.06
N GLY A 100 -8.17 3.99 -3.26
CA GLY A 100 -9.40 3.41 -3.76
C GLY A 100 -10.14 2.65 -2.65
N ARG A 101 -10.47 3.38 -1.60
CA ARG A 101 -11.17 2.79 -0.47
C ARG A 101 -12.62 2.48 -0.85
N GLU A 102 -13.09 3.17 -1.87
CA GLU A 102 -14.46 2.98 -2.35
C GLU A 102 -14.57 1.67 -3.13
N LEU A 103 -13.41 1.17 -3.56
CA LEU A 103 -13.37 -0.05 -4.32
C LEU A 103 -13.80 -1.22 -3.43
N PHE A 104 -13.82 -0.96 -2.13
CA PHE A 104 -14.22 -1.96 -1.16
C PHE A 104 -15.37 -1.48 -0.29
N MET A 105 -15.18 -0.28 0.26
CA MET A 105 -16.20 0.32 1.12
C MET A 105 -17.60 0.17 0.49
N THR A 106 -17.70 0.57 -0.76
CA THR A 106 -18.96 0.48 -1.47
C THR A 106 -19.64 -0.86 -1.21
N ASP A 107 -20.55 -0.84 -0.25
CA ASP A 107 -21.27 -2.05 0.12
C ASP A 107 -20.34 -2.98 0.88
N ARG A 108 -20.90 -3.63 1.90
CA ARG A 108 -20.14 -4.54 2.72
C ARG A 108 -20.76 -5.95 2.68
N SER A 109 -20.25 -6.76 1.76
CA SER A 109 -20.74 -8.11 1.61
C SER A 109 -20.15 -9.02 2.70
N GLY A 110 -18.83 -9.09 2.72
CA GLY A 110 -18.14 -9.91 3.71
C GLY A 110 -18.05 -11.36 3.24
N PRO A 111 -16.96 -11.66 2.48
CA PRO A 111 -16.75 -13.00 1.97
C PRO A 111 -16.26 -13.94 3.08
N SER A 112 -16.13 -15.20 2.73
CA SER A 112 -15.69 -16.21 3.68
C SER A 112 -14.33 -16.77 3.24
N SER A 113 -14.32 -17.32 2.04
CA SER A 113 -13.10 -17.91 1.50
C SER A 113 -12.99 -17.59 0.00
N GLY A 114 -12.10 -16.67 -0.32
CA GLY A 114 -11.89 -16.27 -1.70
C GLY A 114 -11.43 -17.46 -2.54
N GLY A 1 24.37 40.07 -6.56
CA GLY A 1 23.67 38.79 -6.44
C GLY A 1 22.42 38.94 -5.58
N SER A 2 21.28 38.66 -6.19
CA SER A 2 20.00 38.75 -5.50
C SER A 2 19.01 37.75 -6.10
N SER A 3 18.61 36.80 -5.27
CA SER A 3 17.65 35.79 -5.70
C SER A 3 16.81 35.33 -4.51
N GLY A 4 15.60 34.89 -4.83
CA GLY A 4 14.68 34.42 -3.81
C GLY A 4 13.27 34.23 -4.38
N SER A 5 12.43 33.61 -3.57
CA SER A 5 11.06 33.36 -3.98
C SER A 5 11.03 32.40 -5.18
N SER A 6 10.62 31.18 -4.91
CA SER A 6 10.55 30.16 -5.95
C SER A 6 9.10 30.01 -6.43
N GLY A 7 8.18 30.39 -5.56
CA GLY A 7 6.76 30.31 -5.88
C GLY A 7 6.33 28.85 -6.07
N SER A 8 5.64 28.34 -5.06
CA SER A 8 5.16 26.96 -5.11
C SER A 8 3.71 26.90 -4.62
N PRO A 9 3.03 25.79 -5.01
CA PRO A 9 1.64 25.59 -4.63
C PRO A 9 1.53 25.18 -3.16
N GLY A 10 0.31 24.93 -2.73
CA GLY A 10 0.06 24.53 -1.35
C GLY A 10 -0.66 23.17 -1.30
N ASN A 11 0.10 22.14 -0.99
CA ASN A 11 -0.45 20.80 -0.90
C ASN A 11 0.65 19.83 -0.46
N ARG A 12 0.49 19.32 0.75
CA ARG A 12 1.46 18.39 1.31
C ARG A 12 0.91 17.76 2.59
N GLU A 13 1.39 16.55 2.87
CA GLU A 13 0.95 15.84 4.05
C GLU A 13 -0.56 15.60 4.01
N ASN A 14 -0.94 14.49 3.40
CA ASN A 14 -2.34 14.15 3.28
C ASN A 14 -2.49 12.95 2.34
N LYS A 15 -2.06 13.16 1.11
CA LYS A 15 -2.14 12.11 0.10
C LYS A 15 -0.73 11.65 -0.26
N GLU A 16 -0.67 10.57 -1.03
CA GLU A 16 0.60 10.02 -1.45
C GLU A 16 1.57 9.93 -0.26
N LYS A 17 1.52 8.79 0.42
CA LYS A 17 2.38 8.57 1.57
C LYS A 17 3.40 7.49 1.24
N LYS A 18 4.57 7.63 1.85
CA LYS A 18 5.65 6.67 1.63
C LYS A 18 5.67 5.66 2.78
N VAL A 19 5.51 4.40 2.40
CA VAL A 19 5.51 3.32 3.39
C VAL A 19 6.54 2.27 2.99
N PHE A 20 7.42 1.97 3.94
CA PHE A 20 8.46 0.98 3.71
C PHE A 20 8.15 -0.33 4.43
N ILE A 21 7.95 -1.38 3.65
CA ILE A 21 7.64 -2.69 4.21
C ILE A 21 8.93 -3.50 4.32
N SER A 22 9.38 -3.67 5.55
CA SER A 22 10.61 -4.42 5.79
C SER A 22 10.26 -5.82 6.28
N LEU A 23 10.69 -6.82 5.51
CA LEU A 23 10.43 -8.20 5.85
C LEU A 23 11.64 -8.77 6.60
N VAL A 24 11.74 -8.41 7.86
CA VAL A 24 12.84 -8.87 8.69
C VAL A 24 12.41 -8.86 10.15
N GLY A 25 13.08 -9.69 10.95
CA GLY A 25 12.77 -9.78 12.36
C GLY A 25 11.50 -10.61 12.60
N SER A 26 11.53 -11.83 12.10
CA SER A 26 10.38 -12.72 12.25
C SER A 26 9.10 -11.98 11.90
N ARG A 27 8.75 -12.03 10.62
CA ARG A 27 7.55 -11.37 10.13
C ARG A 27 7.31 -11.70 8.66
N GLY A 28 6.13 -11.33 8.19
CA GLY A 28 5.77 -11.58 6.80
C GLY A 28 4.45 -10.90 6.45
N LEU A 29 4.45 -10.22 5.31
CA LEU A 29 3.26 -9.53 4.85
C LEU A 29 2.03 -10.39 5.13
N GLY A 30 0.99 -9.74 5.65
CA GLY A 30 -0.24 -10.44 5.96
C GLY A 30 -1.45 -9.66 5.44
N CYS A 31 -1.21 -8.87 4.40
CA CYS A 31 -2.26 -8.07 3.80
C CYS A 31 -2.56 -8.65 2.42
N SER A 32 -3.83 -8.57 2.04
CA SER A 32 -4.27 -9.08 0.76
C SER A 32 -4.42 -7.93 -0.25
N ILE A 33 -3.96 -8.18 -1.46
CA ILE A 33 -4.04 -7.18 -2.51
C ILE A 33 -5.07 -7.61 -3.55
N SER A 34 -5.76 -6.63 -4.11
CA SER A 34 -6.77 -6.90 -5.12
C SER A 34 -6.46 -6.12 -6.40
N SER A 35 -7.00 -6.62 -7.50
CA SER A 35 -6.78 -5.99 -8.79
C SER A 35 -7.96 -5.07 -9.13
N GLY A 36 -7.63 -3.84 -9.47
CA GLY A 36 -8.64 -2.86 -9.83
C GLY A 36 -9.15 -3.08 -11.25
N PRO A 37 -10.28 -2.39 -11.57
CA PRO A 37 -10.87 -2.50 -12.89
C PRO A 37 -10.06 -1.73 -13.93
N ILE A 38 -10.63 -1.60 -15.11
CA ILE A 38 -9.98 -0.88 -16.20
C ILE A 38 -10.05 0.63 -15.92
N GLN A 39 -11.12 1.02 -15.24
CA GLN A 39 -11.32 2.42 -14.91
C GLN A 39 -10.45 2.81 -13.72
N LYS A 40 -10.18 1.83 -12.87
CA LYS A 40 -9.36 2.06 -11.70
C LYS A 40 -8.38 0.90 -11.52
N PRO A 41 -7.49 0.73 -12.55
CA PRO A 41 -6.50 -0.33 -12.52
C PRO A 41 -5.37 0.00 -11.55
N GLY A 42 -4.85 -1.04 -10.92
CA GLY A 42 -3.77 -0.88 -9.97
C GLY A 42 -3.79 -2.00 -8.93
N ILE A 43 -3.21 -1.70 -7.78
CA ILE A 43 -3.14 -2.68 -6.70
C ILE A 43 -3.65 -2.03 -5.40
N PHE A 44 -4.73 -2.61 -4.87
CA PHE A 44 -5.32 -2.10 -3.65
C PHE A 44 -5.42 -3.19 -2.59
N ILE A 45 -5.26 -2.79 -1.35
CA ILE A 45 -5.33 -3.72 -0.24
C ILE A 45 -6.79 -4.11 0.01
N SER A 46 -6.98 -5.40 0.24
CA SER A 46 -8.32 -5.92 0.49
C SER A 46 -8.49 -6.22 1.98
N HIS A 47 -7.41 -6.72 2.58
CA HIS A 47 -7.44 -7.05 4.00
C HIS A 47 -6.02 -6.96 4.57
N VAL A 48 -5.96 -6.69 5.86
CA VAL A 48 -4.67 -6.58 6.54
C VAL A 48 -4.71 -7.39 7.83
N LYS A 49 -3.71 -8.25 7.98
CA LYS A 49 -3.62 -9.10 9.16
C LYS A 49 -3.20 -8.24 10.36
N PRO A 50 -3.57 -8.73 11.57
CA PRO A 50 -3.24 -8.02 12.79
C PRO A 50 -1.76 -8.20 13.14
N GLY A 51 -1.08 -7.06 13.28
CA GLY A 51 0.34 -7.08 13.60
C GLY A 51 1.17 -7.58 12.42
N SER A 52 0.65 -7.35 11.23
CA SER A 52 1.33 -7.76 10.02
C SER A 52 2.38 -6.71 9.62
N LEU A 53 2.87 -6.86 8.40
CA LEU A 53 3.87 -5.93 7.88
C LEU A 53 3.19 -4.63 7.46
N SER A 54 1.90 -4.74 7.16
CA SER A 54 1.13 -3.58 6.75
C SER A 54 0.43 -2.96 7.95
N ALA A 55 0.17 -3.80 8.95
CA ALA A 55 -0.50 -3.35 10.16
C ALA A 55 0.49 -2.55 11.01
N GLU A 56 1.77 -2.88 10.85
CA GLU A 56 2.82 -2.20 11.60
C GLU A 56 2.98 -0.77 11.08
N VAL A 57 2.83 -0.61 9.78
CA VAL A 57 2.97 0.69 9.16
C VAL A 57 1.65 1.46 9.32
N GLY A 58 0.58 0.71 9.50
CA GLY A 58 -0.73 1.30 9.66
C GLY A 58 -1.52 1.27 8.35
N LEU A 59 -1.10 0.37 7.47
CA LEU A 59 -1.75 0.22 6.18
C LEU A 59 -3.13 -0.40 6.38
N GLU A 60 -4.10 0.15 5.66
CA GLU A 60 -5.47 -0.33 5.75
C GLU A 60 -6.06 -0.52 4.35
N ILE A 61 -7.26 -1.10 4.32
CA ILE A 61 -7.93 -1.34 3.06
C ILE A 61 -8.15 0.00 2.33
N GLY A 62 -7.83 -0.01 1.04
CA GLY A 62 -7.98 1.19 0.23
C GLY A 62 -6.63 1.69 -0.25
N ASP A 63 -5.63 1.51 0.60
CA ASP A 63 -4.28 1.95 0.28
C ASP A 63 -3.84 1.30 -1.03
N GLN A 64 -3.98 2.05 -2.11
CA GLN A 64 -3.61 1.56 -3.43
C GLN A 64 -2.11 1.76 -3.65
N ILE A 65 -1.48 0.70 -4.16
CA ILE A 65 -0.06 0.74 -4.43
C ILE A 65 0.18 1.29 -5.84
N VAL A 66 0.72 2.51 -5.88
CA VAL A 66 1.00 3.15 -7.15
C VAL A 66 2.48 2.99 -7.49
N GLU A 67 3.27 2.75 -6.45
CA GLU A 67 4.71 2.57 -6.63
C GLU A 67 5.27 1.71 -5.50
N VAL A 68 6.36 1.01 -5.81
CA VAL A 68 7.00 0.15 -4.83
C VAL A 68 8.50 0.06 -5.15
N ASN A 69 9.30 0.54 -4.20
CA ASN A 69 10.74 0.52 -4.38
C ASN A 69 11.12 1.26 -5.66
N GLY A 70 10.20 2.10 -6.10
CA GLY A 70 10.41 2.88 -7.32
C GLY A 70 9.85 2.16 -8.54
N VAL A 71 9.07 1.12 -8.26
CA VAL A 71 8.47 0.34 -9.33
C VAL A 71 7.13 0.97 -9.72
N ASP A 72 6.74 0.72 -10.96
CA ASP A 72 5.48 1.26 -11.47
C ASP A 72 4.35 0.27 -11.19
N PHE A 73 3.72 0.46 -10.03
CA PHE A 73 2.63 -0.41 -9.63
C PHE A 73 1.28 0.19 -10.03
N SER A 74 1.35 1.22 -10.85
CA SER A 74 0.15 1.89 -11.31
C SER A 74 -0.59 1.02 -12.34
N ASN A 75 0.17 0.16 -12.98
CA ASN A 75 -0.39 -0.73 -13.98
C ASN A 75 0.31 -2.09 -13.90
N LEU A 76 0.35 -2.61 -12.68
CA LEU A 76 0.98 -3.90 -12.45
C LEU A 76 -0.09 -5.00 -12.48
N ASP A 77 0.31 -6.18 -12.02
CA ASP A 77 -0.60 -7.31 -12.00
C ASP A 77 -0.56 -7.98 -10.63
N HIS A 78 -1.48 -8.90 -10.42
CA HIS A 78 -1.56 -9.61 -9.15
C HIS A 78 -0.39 -10.60 -9.05
N LYS A 79 0.35 -10.70 -10.14
CA LYS A 79 1.50 -11.60 -10.18
C LYS A 79 2.79 -10.77 -10.17
N GLU A 80 2.72 -9.63 -10.85
CA GLU A 80 3.86 -8.74 -10.93
C GLU A 80 3.99 -7.91 -9.65
N ALA A 81 2.84 -7.50 -9.14
CA ALA A 81 2.80 -6.71 -7.92
C ALA A 81 3.20 -7.58 -6.73
N VAL A 82 2.98 -8.89 -6.89
CA VAL A 82 3.31 -9.84 -5.84
C VAL A 82 4.77 -10.26 -5.98
N ASN A 83 5.19 -10.44 -7.23
CA ASN A 83 6.55 -10.84 -7.51
C ASN A 83 7.50 -9.72 -7.08
N VAL A 84 7.13 -8.51 -7.40
CA VAL A 84 7.94 -7.35 -7.06
C VAL A 84 7.86 -7.12 -5.55
N LEU A 85 6.75 -7.54 -4.96
CA LEU A 85 6.55 -7.38 -3.54
C LEU A 85 7.27 -8.51 -2.80
N LYS A 86 7.25 -9.69 -3.40
CA LYS A 86 7.90 -10.85 -2.82
C LYS A 86 9.36 -10.91 -3.30
N SER A 87 9.70 -9.95 -4.14
CA SER A 87 11.05 -9.88 -4.68
C SER A 87 12.07 -9.74 -3.55
N SER A 88 11.99 -8.60 -2.87
CA SER A 88 12.89 -8.33 -1.76
C SER A 88 12.09 -8.14 -0.47
N ARG A 89 12.82 -8.05 0.64
CA ARG A 89 12.20 -7.87 1.93
C ARG A 89 11.85 -6.39 2.15
N SER A 90 12.89 -5.57 2.13
CA SER A 90 12.72 -4.14 2.33
C SER A 90 12.31 -3.47 1.00
N LEU A 91 11.11 -2.94 1.00
CA LEU A 91 10.59 -2.28 -0.19
C LEU A 91 9.85 -1.00 0.22
N THR A 92 9.96 0.01 -0.62
CA THR A 92 9.31 1.28 -0.36
C THR A 92 8.02 1.40 -1.19
N ILE A 93 6.90 1.15 -0.53
CA ILE A 93 5.61 1.24 -1.19
C ILE A 93 5.07 2.66 -1.07
N SER A 94 4.56 3.16 -2.19
CA SER A 94 4.01 4.51 -2.23
C SER A 94 2.51 4.46 -2.47
N ILE A 95 1.76 4.58 -1.40
CA ILE A 95 0.31 4.55 -1.48
C ILE A 95 -0.24 5.97 -1.43
N VAL A 96 -1.53 6.10 -1.70
CA VAL A 96 -2.18 7.39 -1.69
C VAL A 96 -3.13 7.46 -0.50
N ALA A 97 -2.74 6.80 0.57
CA ALA A 97 -3.54 6.78 1.79
C ALA A 97 -5.01 6.54 1.41
N ALA A 98 -5.39 5.28 1.45
CA ALA A 98 -6.77 4.89 1.13
C ALA A 98 -7.16 5.54 -0.20
N ALA A 99 -6.37 5.26 -1.22
CA ALA A 99 -6.63 5.80 -2.55
C ALA A 99 -8.01 5.34 -3.02
N GLY A 100 -8.10 4.04 -3.31
CA GLY A 100 -9.35 3.48 -3.77
C GLY A 100 -10.06 2.72 -2.65
N ARG A 101 -10.34 3.46 -1.58
CA ARG A 101 -11.01 2.88 -0.44
C ARG A 101 -12.47 2.57 -0.78
N GLU A 102 -12.98 3.31 -1.75
CA GLU A 102 -14.36 3.11 -2.18
C GLU A 102 -14.51 1.78 -2.92
N LEU A 103 -13.38 1.29 -3.41
CA LEU A 103 -13.37 0.03 -4.13
C LEU A 103 -13.84 -1.09 -3.21
N PHE A 104 -13.74 -0.83 -1.91
CA PHE A 104 -14.15 -1.80 -0.91
C PHE A 104 -15.26 -1.25 -0.04
N MET A 105 -16.36 -0.88 -0.68
CA MET A 105 -17.50 -0.33 0.03
C MET A 105 -18.53 -1.42 0.34
N THR A 106 -18.28 -2.14 1.43
CA THR A 106 -19.16 -3.21 1.85
C THR A 106 -19.03 -3.46 3.35
N ASP A 107 -20.15 -3.33 4.05
CA ASP A 107 -20.15 -3.54 5.49
C ASP A 107 -19.94 -5.02 5.78
N ARG A 108 -19.73 -5.31 7.06
CA ARG A 108 -19.51 -6.69 7.49
C ARG A 108 -20.52 -7.06 8.57
N SER A 109 -20.73 -8.37 8.69
CA SER A 109 -21.66 -8.88 9.68
C SER A 109 -20.94 -9.80 10.66
N GLY A 110 -20.32 -10.84 10.11
CA GLY A 110 -19.59 -11.80 10.92
C GLY A 110 -19.87 -13.23 10.47
N PRO A 111 -19.06 -13.70 9.50
CA PRO A 111 -19.21 -15.04 8.97
C PRO A 111 -18.68 -16.09 9.96
N SER A 112 -17.48 -15.83 10.46
CA SER A 112 -16.85 -16.73 11.40
C SER A 112 -17.00 -16.17 12.83
N SER A 113 -17.48 -17.03 13.72
CA SER A 113 -17.67 -16.64 15.10
C SER A 113 -16.93 -17.60 16.02
N GLY A 114 -16.32 -17.04 17.05
CA GLY A 114 -15.57 -17.83 18.02
C GLY A 114 -16.46 -18.24 19.20
N GLY A 1 23.73 25.07 28.80
CA GLY A 1 24.30 26.28 28.24
C GLY A 1 24.03 26.38 26.73
N SER A 2 22.77 26.66 26.41
CA SER A 2 22.37 26.78 25.02
C SER A 2 20.91 27.22 24.94
N SER A 3 20.54 27.73 23.77
CA SER A 3 19.18 28.19 23.56
C SER A 3 18.95 28.46 22.07
N GLY A 4 17.69 28.47 21.68
CA GLY A 4 17.32 28.71 20.30
C GLY A 4 17.71 27.54 19.41
N SER A 5 17.75 27.79 18.12
CA SER A 5 18.10 26.76 17.15
C SER A 5 17.30 25.49 17.43
N SER A 6 16.05 25.49 16.97
CA SER A 6 15.18 24.36 17.16
C SER A 6 14.90 23.69 15.81
N GLY A 7 15.01 24.47 14.76
CA GLY A 7 14.77 23.97 13.42
C GLY A 7 13.27 23.80 13.15
N SER A 8 12.83 24.41 12.06
CA SER A 8 11.43 24.36 11.69
C SER A 8 11.25 23.40 10.51
N PRO A 9 10.08 22.72 10.48
CA PRO A 9 9.77 21.78 9.43
C PRO A 9 9.40 22.51 8.14
N GLY A 10 9.73 21.87 7.02
CA GLY A 10 9.45 22.44 5.71
C GLY A 10 9.00 21.37 4.73
N ASN A 11 8.07 20.54 5.19
CA ASN A 11 7.54 19.46 4.36
C ASN A 11 6.38 18.79 5.09
N ARG A 12 5.33 18.49 4.33
CA ARG A 12 4.16 17.85 4.88
C ARG A 12 3.15 17.53 3.78
N GLU A 13 2.45 16.43 3.96
CA GLU A 13 1.44 16.01 2.99
C GLU A 13 0.48 15.02 3.62
N ASN A 14 -0.74 15.01 3.10
CA ASN A 14 -1.77 14.11 3.60
C ASN A 14 -1.83 12.87 2.71
N LYS A 15 -2.07 13.11 1.43
CA LYS A 15 -2.16 12.03 0.46
C LYS A 15 -0.75 11.58 0.07
N GLU A 16 -0.70 10.48 -0.66
CA GLU A 16 0.58 9.93 -1.10
C GLU A 16 1.55 9.86 0.06
N LYS A 17 1.55 8.72 0.73
CA LYS A 17 2.43 8.50 1.87
C LYS A 17 3.43 7.39 1.54
N LYS A 18 4.65 7.56 2.02
CA LYS A 18 5.69 6.59 1.79
C LYS A 18 5.68 5.54 2.90
N VAL A 19 5.54 4.29 2.50
CA VAL A 19 5.50 3.19 3.46
C VAL A 19 6.55 2.15 3.06
N PHE A 20 7.39 1.80 4.04
CA PHE A 20 8.43 0.82 3.81
C PHE A 20 8.07 -0.52 4.46
N ILE A 21 7.94 -1.54 3.62
CA ILE A 21 7.61 -2.87 4.11
C ILE A 21 8.85 -3.76 4.00
N SER A 22 9.42 -4.07 5.15
CA SER A 22 10.60 -4.92 5.20
C SER A 22 10.22 -6.33 5.67
N LEU A 23 10.45 -7.30 4.80
CA LEU A 23 10.14 -8.68 5.11
C LEU A 23 11.25 -9.26 5.99
N VAL A 24 11.19 -8.91 7.28
CA VAL A 24 12.18 -9.38 8.23
C VAL A 24 11.48 -9.81 9.51
N GLY A 25 12.19 -10.58 10.32
CA GLY A 25 11.65 -11.06 11.58
C GLY A 25 10.45 -11.98 11.35
N SER A 26 9.58 -12.02 12.34
CA SER A 26 8.39 -12.85 12.26
C SER A 26 7.29 -12.11 11.49
N ARG A 27 7.66 -11.62 10.32
CA ARG A 27 6.72 -10.88 9.49
C ARG A 27 6.89 -11.30 8.02
N GLY A 28 5.75 -11.46 7.35
CA GLY A 28 5.76 -11.85 5.95
C GLY A 28 4.53 -11.28 5.22
N LEU A 29 4.19 -10.06 5.58
CA LEU A 29 3.04 -9.41 4.97
C LEU A 29 1.78 -10.20 5.29
N GLY A 30 0.94 -9.61 6.13
CA GLY A 30 -0.30 -10.25 6.52
C GLY A 30 -1.51 -9.57 5.86
N CYS A 31 -1.20 -8.69 4.91
CA CYS A 31 -2.24 -7.97 4.20
C CYS A 31 -2.40 -8.60 2.82
N SER A 32 -3.62 -8.55 2.32
CA SER A 32 -3.93 -9.11 1.01
C SER A 32 -4.09 -7.99 -0.01
N ILE A 33 -3.56 -8.24 -1.20
CA ILE A 33 -3.63 -7.26 -2.27
C ILE A 33 -4.62 -7.75 -3.32
N SER A 34 -5.30 -6.79 -3.95
CA SER A 34 -6.28 -7.11 -4.97
C SER A 34 -6.16 -6.11 -6.13
N SER A 35 -6.40 -6.61 -7.33
CA SER A 35 -6.33 -5.79 -8.53
C SER A 35 -7.69 -5.14 -8.79
N GLY A 36 -7.64 -3.87 -9.16
CA GLY A 36 -8.86 -3.13 -9.45
C GLY A 36 -9.40 -3.48 -10.84
N PRO A 37 -10.56 -2.86 -11.18
CA PRO A 37 -11.18 -3.09 -12.46
C PRO A 37 -10.43 -2.37 -13.59
N ILE A 38 -11.03 -2.38 -14.76
CA ILE A 38 -10.43 -1.74 -15.92
C ILE A 38 -10.56 -0.21 -15.76
N GLN A 39 -11.61 0.20 -15.08
CA GLN A 39 -11.86 1.61 -14.85
C GLN A 39 -10.95 2.14 -13.75
N LYS A 40 -10.64 1.25 -12.81
CA LYS A 40 -9.79 1.61 -11.69
C LYS A 40 -8.78 0.49 -11.44
N PRO A 41 -7.93 0.25 -12.48
CA PRO A 41 -6.91 -0.78 -12.38
C PRO A 41 -5.75 -0.34 -11.48
N GLY A 42 -5.18 -1.31 -10.79
CA GLY A 42 -4.07 -1.03 -9.89
C GLY A 42 -3.96 -2.10 -8.80
N ILE A 43 -3.18 -1.78 -7.79
CA ILE A 43 -2.98 -2.69 -6.67
C ILE A 43 -3.51 -2.06 -5.39
N PHE A 44 -4.60 -2.62 -4.88
CA PHE A 44 -5.21 -2.11 -3.66
C PHE A 44 -5.33 -3.22 -2.61
N ILE A 45 -5.05 -2.84 -1.37
CA ILE A 45 -5.13 -3.78 -0.27
C ILE A 45 -6.58 -4.19 -0.05
N SER A 46 -6.76 -5.48 0.19
CA SER A 46 -8.10 -6.04 0.41
C SER A 46 -8.34 -6.23 1.91
N HIS A 47 -7.28 -6.64 2.60
CA HIS A 47 -7.37 -6.86 4.03
C HIS A 47 -6.00 -6.62 4.67
N VAL A 48 -6.02 -6.47 5.99
CA VAL A 48 -4.79 -6.23 6.73
C VAL A 48 -4.89 -6.92 8.10
N LYS A 49 -3.97 -7.86 8.32
CA LYS A 49 -3.94 -8.59 9.56
C LYS A 49 -3.55 -7.64 10.70
N PRO A 50 -3.94 -8.02 11.94
CA PRO A 50 -3.63 -7.22 13.11
C PRO A 50 -2.16 -7.37 13.50
N GLY A 51 -1.50 -6.23 13.64
CA GLY A 51 -0.10 -6.22 14.01
C GLY A 51 0.76 -6.85 12.92
N SER A 52 0.19 -6.93 11.73
CA SER A 52 0.89 -7.51 10.59
C SER A 52 2.10 -6.64 10.23
N LEU A 53 2.55 -6.81 8.99
CA LEU A 53 3.70 -6.05 8.51
C LEU A 53 3.21 -4.72 7.93
N SER A 54 1.95 -4.71 7.52
CA SER A 54 1.36 -3.51 6.96
C SER A 54 0.61 -2.73 8.03
N ALA A 55 0.10 -3.48 9.02
CA ALA A 55 -0.63 -2.87 10.11
C ALA A 55 0.35 -2.11 11.01
N GLU A 56 1.62 -2.44 10.86
CA GLU A 56 2.66 -1.81 11.66
C GLU A 56 3.00 -0.43 11.08
N VAL A 57 2.93 -0.35 9.76
CA VAL A 57 3.23 0.89 9.07
C VAL A 57 2.01 1.81 9.12
N GLY A 58 0.85 1.19 9.33
CA GLY A 58 -0.39 1.94 9.39
C GLY A 58 -1.20 1.77 8.12
N LEU A 59 -0.89 0.71 7.38
CA LEU A 59 -1.58 0.42 6.14
C LEU A 59 -3.01 -0.05 6.45
N GLU A 60 -3.93 0.33 5.58
CA GLU A 60 -5.32 -0.03 5.75
C GLU A 60 -5.95 -0.39 4.40
N ILE A 61 -7.17 -0.88 4.46
CA ILE A 61 -7.89 -1.26 3.25
C ILE A 61 -8.11 -0.02 2.39
N GLY A 62 -7.69 -0.12 1.14
CA GLY A 62 -7.84 0.99 0.21
C GLY A 62 -6.48 1.47 -0.30
N ASP A 63 -5.51 1.47 0.60
CA ASP A 63 -4.16 1.91 0.25
C ASP A 63 -3.77 1.29 -1.09
N GLN A 64 -3.94 2.08 -2.14
CA GLN A 64 -3.60 1.62 -3.47
C GLN A 64 -2.11 1.82 -3.74
N ILE A 65 -1.45 0.71 -4.03
CA ILE A 65 -0.02 0.74 -4.30
C ILE A 65 0.21 1.32 -5.70
N VAL A 66 0.73 2.54 -5.72
CA VAL A 66 1.00 3.22 -6.98
C VAL A 66 2.47 3.02 -7.34
N GLU A 67 3.28 2.78 -6.32
CA GLU A 67 4.70 2.59 -6.52
C GLU A 67 5.27 1.68 -5.43
N VAL A 68 6.37 1.02 -5.76
CA VAL A 68 7.02 0.12 -4.82
C VAL A 68 8.51 0.05 -5.14
N ASN A 69 9.31 0.35 -4.12
CA ASN A 69 10.76 0.32 -4.29
C ASN A 69 11.14 1.02 -5.59
N GLY A 70 10.37 2.05 -5.92
CA GLY A 70 10.61 2.82 -7.13
C GLY A 70 10.15 2.05 -8.37
N VAL A 71 9.07 1.30 -8.18
CA VAL A 71 8.51 0.51 -9.27
C VAL A 71 7.17 1.11 -9.69
N ASP A 72 6.87 0.98 -10.97
CA ASP A 72 5.63 1.51 -11.52
C ASP A 72 4.51 0.50 -11.25
N PHE A 73 3.90 0.63 -10.08
CA PHE A 73 2.81 -0.25 -9.70
C PHE A 73 1.46 0.35 -10.09
N SER A 74 1.51 1.31 -11.01
CA SER A 74 0.30 1.96 -11.47
C SER A 74 -0.49 1.02 -12.38
N ASN A 75 0.24 0.33 -13.24
CA ASN A 75 -0.38 -0.60 -14.17
C ASN A 75 0.35 -1.95 -14.09
N LEU A 76 0.49 -2.43 -12.87
CA LEU A 76 1.16 -3.71 -12.64
C LEU A 76 0.12 -4.83 -12.69
N ASP A 77 0.55 -6.00 -12.23
CA ASP A 77 -0.32 -7.16 -12.22
C ASP A 77 -0.27 -7.82 -10.83
N HIS A 78 -1.19 -8.76 -10.63
CA HIS A 78 -1.26 -9.46 -9.37
C HIS A 78 -0.06 -10.41 -9.24
N LYS A 79 0.70 -10.51 -10.32
CA LYS A 79 1.87 -11.36 -10.34
C LYS A 79 3.14 -10.49 -10.35
N GLU A 80 3.05 -9.39 -11.07
CA GLU A 80 4.16 -8.46 -11.15
C GLU A 80 4.28 -7.62 -9.89
N ALA A 81 3.12 -7.26 -9.35
CA ALA A 81 3.07 -6.46 -8.14
C ALA A 81 3.54 -7.32 -6.96
N VAL A 82 3.32 -8.61 -7.09
CA VAL A 82 3.71 -9.55 -6.04
C VAL A 82 5.16 -9.99 -6.26
N ASN A 83 5.51 -10.14 -7.54
CA ASN A 83 6.86 -10.54 -7.89
C ASN A 83 7.85 -9.45 -7.47
N VAL A 84 7.44 -8.21 -7.67
CA VAL A 84 8.29 -7.08 -7.32
C VAL A 84 8.27 -6.90 -5.80
N LEU A 85 7.13 -7.23 -5.20
CA LEU A 85 6.98 -7.11 -3.77
C LEU A 85 7.73 -8.26 -3.08
N LYS A 86 7.67 -9.42 -3.71
CA LYS A 86 8.34 -10.59 -3.17
C LYS A 86 9.79 -10.62 -3.65
N SER A 87 10.12 -9.63 -4.47
CA SER A 87 11.47 -9.52 -5.01
C SER A 87 12.49 -9.53 -3.87
N SER A 88 12.47 -8.46 -3.10
CA SER A 88 13.39 -8.32 -1.99
C SER A 88 12.60 -8.26 -0.67
N ARG A 89 13.33 -8.00 0.41
CA ARG A 89 12.72 -7.91 1.72
C ARG A 89 12.30 -6.46 2.02
N SER A 90 13.27 -5.56 1.87
CA SER A 90 13.03 -4.16 2.12
C SER A 90 12.54 -3.47 0.84
N LEU A 91 11.29 -3.04 0.87
CA LEU A 91 10.71 -2.37 -0.27
C LEU A 91 9.98 -1.11 0.20
N THR A 92 9.98 -0.11 -0.67
CA THR A 92 9.32 1.15 -0.37
C THR A 92 8.04 1.29 -1.17
N ILE A 93 6.91 1.02 -0.51
CA ILE A 93 5.61 1.11 -1.16
C ILE A 93 5.07 2.53 -0.99
N SER A 94 4.55 3.06 -2.09
CA SER A 94 3.99 4.40 -2.07
C SER A 94 2.47 4.34 -2.29
N ILE A 95 1.75 4.48 -1.19
CA ILE A 95 0.30 4.44 -1.25
C ILE A 95 -0.24 5.87 -1.20
N VAL A 96 -1.54 5.99 -1.45
CA VAL A 96 -2.19 7.29 -1.44
C VAL A 96 -3.21 7.33 -0.30
N ALA A 97 -2.85 6.67 0.79
CA ALA A 97 -3.70 6.62 1.96
C ALA A 97 -5.14 6.30 1.52
N ALA A 98 -5.47 5.03 1.58
CA ALA A 98 -6.79 4.57 1.19
C ALA A 98 -7.21 5.29 -0.10
N ALA A 99 -6.42 5.08 -1.13
CA ALA A 99 -6.69 5.69 -2.42
C ALA A 99 -8.05 5.19 -2.95
N GLY A 100 -8.09 3.90 -3.22
CA GLY A 100 -9.32 3.29 -3.72
C GLY A 100 -9.96 2.39 -2.66
N ARG A 101 -10.29 3.00 -1.54
CA ARG A 101 -10.90 2.27 -0.44
C ARG A 101 -12.37 1.96 -0.76
N GLU A 102 -12.89 2.69 -1.74
CA GLU A 102 -14.27 2.51 -2.16
C GLU A 102 -14.45 1.15 -2.84
N LEU A 103 -13.40 0.74 -3.55
CA LEU A 103 -13.43 -0.53 -4.24
C LEU A 103 -13.98 -1.61 -3.32
N PHE A 104 -13.60 -1.51 -2.05
CA PHE A 104 -14.04 -2.46 -1.06
C PHE A 104 -15.09 -1.85 -0.13
N MET A 105 -16.12 -1.27 -0.74
CA MET A 105 -17.18 -0.63 0.01
C MET A 105 -17.87 -1.64 0.94
N THR A 106 -18.04 -1.24 2.19
CA THR A 106 -18.68 -2.09 3.17
C THR A 106 -20.03 -2.58 2.65
N ASP A 107 -20.40 -3.77 3.10
CA ASP A 107 -21.66 -4.36 2.69
C ASP A 107 -21.68 -5.84 3.09
N ARG A 108 -22.89 -6.35 3.27
CA ARG A 108 -23.07 -7.74 3.66
C ARG A 108 -22.27 -8.65 2.73
N SER A 109 -21.47 -9.51 3.32
CA SER A 109 -20.65 -10.44 2.56
C SER A 109 -20.33 -11.67 3.41
N GLY A 110 -19.41 -12.48 2.90
CA GLY A 110 -19.01 -13.69 3.59
C GLY A 110 -20.22 -14.59 3.86
N PRO A 111 -20.63 -15.32 2.80
CA PRO A 111 -21.77 -16.23 2.91
C PRO A 111 -21.39 -17.50 3.68
N SER A 112 -21.50 -17.41 5.00
CA SER A 112 -21.17 -18.54 5.85
C SER A 112 -22.42 -19.36 6.13
N SER A 113 -23.38 -18.73 6.80
CA SER A 113 -24.63 -19.40 7.14
C SER A 113 -25.78 -18.80 6.32
N GLY A 114 -26.82 -19.59 6.17
CA GLY A 114 -27.98 -19.15 5.41
C GLY A 114 -29.03 -18.52 6.33
N GLY A 1 33.42 28.85 16.28
CA GLY A 1 32.33 28.25 15.56
C GLY A 1 31.90 29.13 14.38
N SER A 2 31.54 28.47 13.29
CA SER A 2 31.10 29.18 12.09
C SER A 2 30.15 28.31 11.28
N SER A 3 28.97 28.86 11.02
CA SER A 3 27.97 28.13 10.26
C SER A 3 26.71 28.99 10.11
N GLY A 4 26.02 28.79 8.99
CA GLY A 4 24.81 29.54 8.73
C GLY A 4 23.74 28.63 8.11
N SER A 5 22.89 28.09 8.98
CA SER A 5 21.82 27.22 8.54
C SER A 5 20.98 26.76 9.73
N SER A 6 19.74 27.23 9.75
CA SER A 6 18.83 26.89 10.83
C SER A 6 17.64 26.11 10.28
N GLY A 7 17.88 25.41 9.19
CA GLY A 7 16.84 24.62 8.55
C GLY A 7 15.62 25.49 8.23
N SER A 8 14.57 24.82 7.75
CA SER A 8 13.34 25.51 7.41
C SER A 8 12.14 24.73 7.94
N PRO A 9 11.52 25.27 9.02
CA PRO A 9 10.37 24.63 9.63
C PRO A 9 9.12 24.84 8.77
N GLY A 10 8.16 23.93 8.93
CA GLY A 10 6.92 24.01 8.19
C GLY A 10 6.79 22.83 7.22
N ASN A 11 5.61 22.21 7.26
CA ASN A 11 5.35 21.07 6.39
C ASN A 11 3.96 20.52 6.71
N ARG A 12 3.36 19.92 5.69
CA ARG A 12 2.03 19.34 5.84
C ARG A 12 1.84 18.18 4.86
N GLU A 13 1.36 17.07 5.40
CA GLU A 13 1.13 15.89 4.58
C GLU A 13 -0.25 15.30 4.88
N ASN A 14 -0.63 14.31 4.09
CA ASN A 14 -1.91 13.66 4.25
C ASN A 14 -2.06 12.55 3.20
N LYS A 15 -1.92 12.95 1.94
CA LYS A 15 -2.03 12.01 0.85
C LYS A 15 -0.64 11.51 0.47
N GLU A 16 -0.62 10.50 -0.39
CA GLU A 16 0.63 9.91 -0.84
C GLU A 16 1.58 9.73 0.34
N LYS A 17 1.49 8.57 0.97
CA LYS A 17 2.32 8.27 2.11
C LYS A 17 3.28 7.13 1.74
N LYS A 18 4.51 7.24 2.22
CA LYS A 18 5.51 6.23 1.96
C LYS A 18 5.50 5.18 3.07
N VAL A 19 5.30 3.94 2.67
CA VAL A 19 5.25 2.84 3.62
C VAL A 19 6.34 1.82 3.27
N PHE A 20 7.28 1.66 4.19
CA PHE A 20 8.37 0.73 3.99
C PHE A 20 8.05 -0.63 4.61
N ILE A 21 7.94 -1.64 3.76
CA ILE A 21 7.63 -2.98 4.21
C ILE A 21 8.87 -3.87 4.05
N SER A 22 9.44 -4.24 5.18
CA SER A 22 10.63 -5.08 5.17
C SER A 22 10.30 -6.47 5.74
N LEU A 23 10.52 -7.48 4.91
CA LEU A 23 10.26 -8.84 5.31
C LEU A 23 11.45 -9.38 6.11
N VAL A 24 11.79 -8.64 7.16
CA VAL A 24 12.90 -9.03 8.01
C VAL A 24 12.44 -9.02 9.47
N GLY A 25 13.28 -9.62 10.32
CA GLY A 25 12.97 -9.69 11.74
C GLY A 25 11.71 -10.51 11.99
N SER A 26 11.72 -11.72 11.44
CA SER A 26 10.58 -12.61 11.59
C SER A 26 9.27 -11.85 11.39
N ARG A 27 9.07 -11.40 10.16
CA ARG A 27 7.87 -10.65 9.83
C ARG A 27 7.42 -10.98 8.40
N GLY A 28 6.16 -11.35 8.27
CA GLY A 28 5.61 -11.69 6.97
C GLY A 28 4.33 -10.90 6.70
N LEU A 29 4.28 -10.30 5.52
CA LEU A 29 3.13 -9.51 5.12
C LEU A 29 1.85 -10.23 5.56
N GLY A 30 0.86 -9.43 5.92
CA GLY A 30 -0.41 -9.97 6.36
C GLY A 30 -1.59 -9.17 5.77
N CYS A 31 -1.34 -8.60 4.60
CA CYS A 31 -2.36 -7.81 3.92
C CYS A 31 -2.60 -8.43 2.55
N SER A 32 -3.87 -8.45 2.16
CA SER A 32 -4.25 -9.01 0.88
C SER A 32 -4.34 -7.89 -0.17
N ILE A 33 -3.90 -8.22 -1.38
CA ILE A 33 -3.93 -7.27 -2.47
C ILE A 33 -4.86 -7.79 -3.57
N SER A 34 -5.53 -6.85 -4.23
CA SER A 34 -6.45 -7.20 -5.30
C SER A 34 -6.17 -6.33 -6.53
N SER A 35 -6.80 -6.71 -7.63
CA SER A 35 -6.62 -5.97 -8.88
C SER A 35 -7.88 -5.16 -9.18
N GLY A 36 -7.67 -3.87 -9.40
CA GLY A 36 -8.77 -2.97 -9.70
C GLY A 36 -9.33 -3.24 -11.10
N PRO A 37 -10.46 -2.56 -11.41
CA PRO A 37 -11.10 -2.71 -12.71
C PRO A 37 -10.32 -1.96 -13.78
N ILE A 38 -10.91 -1.91 -14.97
CA ILE A 38 -10.29 -1.23 -16.10
C ILE A 38 -10.37 0.29 -15.87
N GLN A 39 -11.42 0.69 -15.17
CA GLN A 39 -11.62 2.10 -14.88
C GLN A 39 -10.70 2.55 -13.73
N LYS A 40 -10.42 1.61 -12.85
CA LYS A 40 -9.56 1.89 -11.71
C LYS A 40 -8.58 0.73 -11.52
N PRO A 41 -7.74 0.51 -12.56
CA PRO A 41 -6.75 -0.55 -12.52
C PRO A 41 -5.58 -0.18 -11.60
N GLY A 42 -5.04 -1.20 -10.95
CA GLY A 42 -3.92 -0.99 -10.05
C GLY A 42 -3.87 -2.09 -8.97
N ILE A 43 -3.21 -1.76 -7.87
CA ILE A 43 -3.08 -2.70 -6.78
C ILE A 43 -3.63 -2.06 -5.50
N PHE A 44 -4.77 -2.56 -5.07
CA PHE A 44 -5.42 -2.04 -3.87
C PHE A 44 -5.54 -3.14 -2.81
N ILE A 45 -5.29 -2.75 -1.57
CA ILE A 45 -5.38 -3.69 -0.46
C ILE A 45 -6.83 -4.10 -0.25
N SER A 46 -7.01 -5.37 0.07
CA SER A 46 -8.35 -5.90 0.29
C SER A 46 -8.58 -6.11 1.79
N HIS A 47 -7.53 -6.55 2.47
CA HIS A 47 -7.60 -6.80 3.90
C HIS A 47 -6.21 -6.62 4.52
N VAL A 48 -6.20 -6.51 5.83
CA VAL A 48 -4.97 -6.34 6.57
C VAL A 48 -5.06 -7.07 7.91
N LYS A 49 -4.09 -7.94 8.15
CA LYS A 49 -4.05 -8.70 9.39
C LYS A 49 -3.67 -7.77 10.54
N PRO A 50 -4.08 -8.18 11.77
CA PRO A 50 -3.79 -7.40 12.96
C PRO A 50 -2.31 -7.54 13.37
N GLY A 51 -1.67 -6.40 13.55
CA GLY A 51 -0.27 -6.39 13.94
C GLY A 51 0.61 -6.92 12.81
N SER A 52 0.02 -7.04 11.63
CA SER A 52 0.73 -7.54 10.47
C SER A 52 1.95 -6.66 10.19
N LEU A 53 2.50 -6.81 8.99
CA LEU A 53 3.66 -6.05 8.59
C LEU A 53 3.20 -4.74 7.94
N SER A 54 1.94 -4.72 7.54
CA SER A 54 1.36 -3.55 6.90
C SER A 54 0.65 -2.68 7.94
N ALA A 55 -0.02 -3.36 8.87
CA ALA A 55 -0.75 -2.67 9.92
C ALA A 55 0.25 -1.87 10.78
N GLU A 56 1.46 -2.39 10.86
CA GLU A 56 2.50 -1.73 11.64
C GLU A 56 2.86 -0.38 11.01
N VAL A 57 2.78 -0.35 9.69
CA VAL A 57 3.10 0.87 8.96
C VAL A 57 1.86 1.79 8.93
N GLY A 58 0.71 1.16 9.14
CA GLY A 58 -0.54 1.90 9.14
C GLY A 58 -1.34 1.64 7.85
N LEU A 59 -0.99 0.53 7.21
CA LEU A 59 -1.67 0.15 5.97
C LEU A 59 -3.09 -0.31 6.29
N GLU A 60 -4.01 0.10 5.44
CA GLU A 60 -5.40 -0.26 5.62
C GLU A 60 -6.08 -0.46 4.25
N ILE A 61 -7.31 -0.94 4.30
CA ILE A 61 -8.07 -1.18 3.09
C ILE A 61 -8.26 0.15 2.34
N GLY A 62 -7.94 0.12 1.05
CA GLY A 62 -8.06 1.31 0.23
C GLY A 62 -6.70 1.81 -0.23
N ASP A 63 -5.70 1.55 0.60
CA ASP A 63 -4.34 1.96 0.29
C ASP A 63 -3.89 1.31 -1.02
N GLN A 64 -4.02 2.07 -2.09
CA GLN A 64 -3.64 1.58 -3.40
C GLN A 64 -2.13 1.76 -3.61
N ILE A 65 -1.50 0.69 -4.07
CA ILE A 65 -0.07 0.70 -4.32
C ILE A 65 0.20 1.35 -5.67
N VAL A 66 0.77 2.56 -5.60
CA VAL A 66 1.09 3.30 -6.81
C VAL A 66 2.57 3.09 -7.16
N GLU A 67 3.33 2.77 -6.13
CA GLU A 67 4.76 2.54 -6.31
C GLU A 67 5.29 1.59 -5.24
N VAL A 68 6.37 0.90 -5.59
CA VAL A 68 6.97 -0.04 -4.66
C VAL A 68 8.47 -0.16 -4.97
N ASN A 69 9.27 0.22 -3.99
CA ASN A 69 10.71 0.17 -4.14
C ASN A 69 11.13 1.00 -5.36
N GLY A 70 10.23 1.88 -5.77
CA GLY A 70 10.48 2.73 -6.92
C GLY A 70 9.89 2.13 -8.20
N VAL A 71 9.19 1.02 -8.02
CA VAL A 71 8.57 0.33 -9.15
C VAL A 71 7.23 1.00 -9.47
N ASP A 72 6.94 1.06 -10.76
CA ASP A 72 5.69 1.66 -11.21
C ASP A 72 4.56 0.66 -11.06
N PHE A 73 3.96 0.65 -9.87
CA PHE A 73 2.86 -0.25 -9.59
C PHE A 73 1.52 0.33 -10.04
N SER A 74 1.55 0.96 -11.21
CA SER A 74 0.36 1.57 -11.77
C SER A 74 -0.49 0.52 -12.47
N ASN A 75 0.01 0.08 -13.62
CA ASN A 75 -0.69 -0.92 -14.41
C ASN A 75 0.02 -2.27 -14.24
N LEU A 76 0.30 -2.60 -12.99
CA LEU A 76 0.97 -3.86 -12.68
C LEU A 76 -0.06 -4.99 -12.70
N ASP A 77 0.37 -6.13 -12.17
CA ASP A 77 -0.51 -7.30 -12.11
C ASP A 77 -0.39 -7.93 -10.72
N HIS A 78 -1.28 -8.89 -10.48
CA HIS A 78 -1.30 -9.58 -9.20
C HIS A 78 -0.09 -10.52 -9.12
N LYS A 79 0.63 -10.61 -10.22
CA LYS A 79 1.81 -11.46 -10.28
C LYS A 79 3.06 -10.59 -10.33
N GLU A 80 2.94 -9.46 -11.02
CA GLU A 80 4.06 -8.54 -11.15
C GLU A 80 4.22 -7.72 -9.86
N ALA A 81 3.08 -7.38 -9.27
CA ALA A 81 3.08 -6.60 -8.05
C ALA A 81 3.54 -7.49 -6.89
N VAL A 82 3.25 -8.78 -7.01
CA VAL A 82 3.63 -9.74 -5.99
C VAL A 82 5.10 -10.12 -6.17
N ASN A 83 5.44 -10.42 -7.41
CA ASN A 83 6.82 -10.80 -7.73
C ASN A 83 7.77 -9.68 -7.30
N VAL A 84 7.34 -8.45 -7.56
CA VAL A 84 8.14 -7.29 -7.21
C VAL A 84 8.11 -7.10 -5.69
N LEU A 85 6.99 -7.48 -5.10
CA LEU A 85 6.82 -7.37 -3.66
C LEU A 85 7.60 -8.48 -2.96
N LYS A 86 7.69 -9.62 -3.65
CA LYS A 86 8.40 -10.75 -3.10
C LYS A 86 9.83 -10.76 -3.63
N SER A 87 10.11 -9.79 -4.48
CA SER A 87 11.44 -9.67 -5.07
C SER A 87 12.49 -9.64 -3.97
N SER A 88 12.41 -8.61 -3.14
CA SER A 88 13.35 -8.44 -2.05
C SER A 88 12.59 -8.37 -0.72
N ARG A 89 13.36 -8.19 0.35
CA ARG A 89 12.77 -8.11 1.68
C ARG A 89 12.34 -6.66 1.98
N SER A 90 13.30 -5.76 1.86
CA SER A 90 13.02 -4.35 2.11
C SER A 90 12.49 -3.68 0.83
N LEU A 91 11.27 -3.18 0.94
CA LEU A 91 10.65 -2.52 -0.19
C LEU A 91 9.96 -1.23 0.28
N THR A 92 9.92 -0.25 -0.61
CA THR A 92 9.30 1.02 -0.28
C THR A 92 8.00 1.18 -1.07
N ILE A 93 6.90 0.94 -0.38
CA ILE A 93 5.58 1.06 -1.00
C ILE A 93 5.07 2.48 -0.82
N SER A 94 4.48 3.00 -1.89
CA SER A 94 3.94 4.35 -1.87
C SER A 94 2.44 4.33 -2.15
N ILE A 95 1.67 4.44 -1.08
CA ILE A 95 0.23 4.43 -1.19
C ILE A 95 -0.30 5.86 -1.13
N VAL A 96 -1.58 6.01 -1.43
CA VAL A 96 -2.22 7.32 -1.41
C VAL A 96 -3.18 7.40 -0.22
N ALA A 97 -2.82 6.69 0.83
CA ALA A 97 -3.63 6.68 2.03
C ALA A 97 -5.10 6.49 1.65
N ALA A 98 -5.53 5.24 1.66
CA ALA A 98 -6.90 4.91 1.31
C ALA A 98 -7.24 5.56 -0.02
N ALA A 99 -6.45 5.24 -1.04
CA ALA A 99 -6.66 5.78 -2.36
C ALA A 99 -8.06 5.37 -2.85
N GLY A 100 -8.16 4.11 -3.26
CA GLY A 100 -9.42 3.58 -3.74
C GLY A 100 -10.18 2.87 -2.64
N ARG A 101 -10.42 3.59 -1.56
CA ARG A 101 -11.14 3.04 -0.43
C ARG A 101 -12.59 2.73 -0.82
N GLU A 102 -13.03 3.36 -1.89
CA GLU A 102 -14.38 3.16 -2.38
C GLU A 102 -14.49 1.81 -3.09
N LEU A 103 -13.35 1.17 -3.26
CA LEU A 103 -13.30 -0.12 -3.92
C LEU A 103 -13.67 -1.22 -2.92
N PHE A 104 -13.70 -0.83 -1.65
CA PHE A 104 -14.03 -1.78 -0.59
C PHE A 104 -15.05 -1.17 0.38
N MET A 105 -16.19 -0.80 -0.17
CA MET A 105 -17.25 -0.20 0.63
C MET A 105 -18.56 -0.98 0.47
N THR A 106 -18.68 -2.04 1.26
CA THR A 106 -19.87 -2.87 1.22
C THR A 106 -20.33 -3.23 2.64
N ASP A 107 -21.56 -2.86 2.95
CA ASP A 107 -22.12 -3.13 4.25
C ASP A 107 -23.24 -4.15 4.11
N ARG A 108 -22.98 -5.34 4.64
CA ARG A 108 -23.96 -6.43 4.59
C ARG A 108 -23.75 -7.38 5.76
N SER A 109 -24.87 -7.89 6.27
CA SER A 109 -24.84 -8.81 7.38
C SER A 109 -24.92 -10.25 6.88
N GLY A 110 -24.68 -11.18 7.79
CA GLY A 110 -24.74 -12.59 7.45
C GLY A 110 -24.59 -13.47 8.70
N PRO A 111 -25.72 -13.56 9.47
CA PRO A 111 -25.73 -14.34 10.68
C PRO A 111 -25.79 -15.84 10.36
N SER A 112 -25.32 -16.64 11.31
CA SER A 112 -25.31 -18.08 11.14
C SER A 112 -25.15 -18.76 12.50
N SER A 113 -25.66 -19.98 12.58
CA SER A 113 -25.59 -20.75 13.82
C SER A 113 -24.18 -21.33 13.98
N GLY A 114 -23.86 -21.69 15.21
CA GLY A 114 -22.56 -22.26 15.53
C GLY A 114 -22.40 -23.64 14.89
N GLY A 1 7.37 34.12 29.44
CA GLY A 1 8.56 33.78 28.67
C GLY A 1 8.19 33.00 27.41
N SER A 2 8.97 33.21 26.37
CA SER A 2 8.74 32.53 25.10
C SER A 2 9.94 32.72 24.17
N SER A 3 10.69 31.65 23.99
CA SER A 3 11.86 31.69 23.13
C SER A 3 12.18 30.29 22.61
N GLY A 4 12.89 30.25 21.50
CA GLY A 4 13.28 28.98 20.89
C GLY A 4 12.63 28.83 19.51
N SER A 5 13.48 28.58 18.52
CA SER A 5 13.01 28.41 17.16
C SER A 5 13.83 27.33 16.45
N SER A 6 13.19 26.20 16.19
CA SER A 6 13.86 25.10 15.52
C SER A 6 13.43 25.04 14.06
N GLY A 7 12.26 25.60 13.80
CA GLY A 7 11.73 25.62 12.44
C GLY A 7 10.54 24.67 12.31
N SER A 8 9.94 24.70 11.12
CA SER A 8 8.79 23.86 10.86
C SER A 8 9.11 22.89 9.71
N PRO A 9 9.31 21.60 10.09
CA PRO A 9 9.62 20.57 9.11
C PRO A 9 8.38 20.17 8.31
N GLY A 10 8.45 20.42 7.01
CA GLY A 10 7.33 20.10 6.13
C GLY A 10 6.40 21.29 5.98
N ASN A 11 5.21 21.01 5.44
CA ASN A 11 4.22 22.04 5.23
C ASN A 11 2.82 21.42 5.28
N ARG A 12 2.63 20.42 4.43
CA ARG A 12 1.36 19.74 4.36
C ARG A 12 1.55 18.28 3.93
N GLU A 13 0.91 17.39 4.67
CA GLU A 13 1.00 15.97 4.38
C GLU A 13 -0.30 15.26 4.74
N ASN A 14 -0.58 14.19 4.01
CA ASN A 14 -1.80 13.42 4.24
C ASN A 14 -1.93 12.36 3.14
N LYS A 15 -1.99 12.83 1.90
CA LYS A 15 -2.12 11.93 0.77
C LYS A 15 -0.74 11.43 0.36
N GLU A 16 -0.74 10.45 -0.54
CA GLU A 16 0.51 9.88 -1.01
C GLU A 16 1.50 9.72 0.14
N LYS A 17 1.42 8.57 0.80
CA LYS A 17 2.31 8.29 1.92
C LYS A 17 3.28 7.18 1.52
N LYS A 18 4.50 7.30 2.02
CA LYS A 18 5.54 6.32 1.73
C LYS A 18 5.63 5.32 2.89
N VAL A 19 5.38 4.06 2.56
CA VAL A 19 5.43 3.01 3.56
C VAL A 19 6.49 1.98 3.16
N PHE A 20 7.48 1.81 4.03
CA PHE A 20 8.55 0.87 3.78
C PHE A 20 8.29 -0.46 4.49
N ILE A 21 8.09 -1.50 3.70
CA ILE A 21 7.84 -2.82 4.23
C ILE A 21 9.11 -3.67 4.12
N SER A 22 9.52 -4.21 5.26
CA SER A 22 10.71 -5.04 5.31
C SER A 22 10.35 -6.46 5.74
N LEU A 23 10.81 -7.43 4.95
CA LEU A 23 10.53 -8.82 5.25
C LEU A 23 11.72 -9.42 6.02
N VAL A 24 12.02 -8.82 7.16
CA VAL A 24 13.11 -9.27 7.98
C VAL A 24 12.57 -9.69 9.35
N GLY A 25 13.42 -10.37 10.11
CA GLY A 25 13.05 -10.84 11.43
C GLY A 25 11.66 -11.50 11.41
N SER A 26 10.93 -11.28 12.49
CA SER A 26 9.59 -11.84 12.61
C SER A 26 8.64 -11.12 11.66
N ARG A 27 7.42 -11.63 11.61
CA ARG A 27 6.39 -11.04 10.75
C ARG A 27 6.81 -11.15 9.28
N GLY A 28 5.81 -11.28 8.43
CA GLY A 28 6.05 -11.39 7.00
C GLY A 28 4.85 -10.90 6.19
N LEU A 29 4.26 -9.81 6.67
CA LEU A 29 3.10 -9.24 6.01
C LEU A 29 1.87 -10.13 6.26
N GLY A 30 0.71 -9.50 6.24
CA GLY A 30 -0.53 -10.21 6.48
C GLY A 30 -1.71 -9.50 5.80
N CYS A 31 -1.39 -8.74 4.77
CA CYS A 31 -2.40 -8.00 4.04
C CYS A 31 -2.58 -8.66 2.68
N SER A 32 -3.77 -8.45 2.11
CA SER A 32 -4.09 -9.03 0.81
C SER A 32 -4.27 -7.92 -0.22
N ILE A 33 -3.80 -8.20 -1.43
CA ILE A 33 -3.89 -7.24 -2.52
C ILE A 33 -4.91 -7.74 -3.55
N SER A 34 -5.63 -6.79 -4.14
CA SER A 34 -6.63 -7.12 -5.13
C SER A 34 -6.36 -6.33 -6.42
N SER A 35 -6.98 -6.79 -7.50
CA SER A 35 -6.82 -6.14 -8.79
C SER A 35 -7.96 -5.15 -9.02
N GLY A 36 -7.60 -4.03 -9.65
CA GLY A 36 -8.57 -3.00 -9.94
C GLY A 36 -9.11 -3.13 -11.37
N PRO A 37 -10.25 -2.44 -11.62
CA PRO A 37 -10.87 -2.47 -12.92
C PRO A 37 -10.10 -1.60 -13.92
N ILE A 38 -10.74 -1.31 -15.03
CA ILE A 38 -10.14 -0.49 -16.07
C ILE A 38 -10.21 0.99 -15.66
N GLN A 39 -11.27 1.31 -14.93
CA GLN A 39 -11.48 2.67 -14.47
C GLN A 39 -10.61 2.95 -13.24
N LYS A 40 -10.29 1.89 -12.52
CA LYS A 40 -9.47 2.01 -11.33
C LYS A 40 -8.43 0.90 -11.32
N PRO A 41 -7.55 0.91 -12.36
CA PRO A 41 -6.51 -0.09 -12.48
C PRO A 41 -5.37 0.18 -11.49
N GLY A 42 -4.77 -0.90 -11.02
CA GLY A 42 -3.67 -0.80 -10.07
C GLY A 42 -3.77 -1.89 -9.01
N ILE A 43 -3.07 -1.66 -7.91
CA ILE A 43 -3.06 -2.62 -6.81
C ILE A 43 -3.64 -1.96 -5.56
N PHE A 44 -4.58 -2.66 -4.94
CA PHE A 44 -5.22 -2.16 -3.75
C PHE A 44 -5.35 -3.26 -2.68
N ILE A 45 -5.14 -2.86 -1.43
CA ILE A 45 -5.23 -3.80 -0.33
C ILE A 45 -6.69 -4.22 -0.15
N SER A 46 -6.87 -5.47 0.26
CA SER A 46 -8.20 -6.01 0.48
C SER A 46 -8.42 -6.26 1.97
N HIS A 47 -7.36 -6.70 2.64
CA HIS A 47 -7.43 -6.98 4.06
C HIS A 47 -6.05 -6.78 4.69
N VAL A 48 -6.06 -6.58 6.00
CA VAL A 48 -4.82 -6.38 6.72
C VAL A 48 -4.89 -7.11 8.07
N LYS A 49 -3.91 -7.96 8.30
CA LYS A 49 -3.85 -8.72 9.54
C LYS A 49 -3.39 -7.81 10.68
N PRO A 50 -3.82 -8.18 11.91
CA PRO A 50 -3.47 -7.41 13.09
C PRO A 50 -2.01 -7.65 13.48
N GLY A 51 -1.22 -6.58 13.40
CA GLY A 51 0.18 -6.66 13.73
C GLY A 51 1.01 -7.17 12.54
N SER A 52 0.49 -6.90 11.35
CA SER A 52 1.17 -7.32 10.14
C SER A 52 2.13 -6.22 9.67
N LEU A 53 2.97 -6.59 8.70
CA LEU A 53 3.93 -5.66 8.15
C LEU A 53 3.19 -4.43 7.59
N SER A 54 1.90 -4.62 7.35
CA SER A 54 1.08 -3.55 6.82
C SER A 54 0.40 -2.79 7.96
N ALA A 55 0.07 -3.53 9.01
CA ALA A 55 -0.57 -2.94 10.17
C ALA A 55 0.45 -2.10 10.94
N GLU A 56 1.65 -2.64 11.06
CA GLU A 56 2.72 -1.95 11.76
C GLU A 56 2.91 -0.55 11.19
N VAL A 57 2.78 -0.46 9.87
CA VAL A 57 2.95 0.82 9.18
C VAL A 57 1.64 1.62 9.30
N GLY A 58 0.55 0.90 9.46
CA GLY A 58 -0.75 1.53 9.59
C GLY A 58 -1.50 1.52 8.26
N LEU A 59 -1.37 0.41 7.54
CA LEU A 59 -2.03 0.27 6.25
C LEU A 59 -3.48 -0.14 6.47
N GLU A 60 -4.34 0.34 5.59
CA GLU A 60 -5.76 0.03 5.67
C GLU A 60 -6.31 -0.30 4.27
N ILE A 61 -7.47 -0.94 4.27
CA ILE A 61 -8.10 -1.32 3.03
C ILE A 61 -8.33 -0.07 2.17
N GLY A 62 -7.89 -0.16 0.92
CA GLY A 62 -8.04 0.95 0.00
C GLY A 62 -6.68 1.45 -0.47
N ASP A 63 -5.71 1.38 0.44
CA ASP A 63 -4.36 1.83 0.13
C ASP A 63 -3.91 1.21 -1.19
N GLN A 64 -4.04 2.01 -2.25
CA GLN A 64 -3.66 1.56 -3.57
C GLN A 64 -2.15 1.74 -3.77
N ILE A 65 -1.50 0.66 -4.20
CA ILE A 65 -0.07 0.69 -4.43
C ILE A 65 0.20 1.32 -5.80
N VAL A 66 0.75 2.53 -5.76
CA VAL A 66 1.06 3.24 -6.99
C VAL A 66 2.54 3.04 -7.32
N GLU A 67 3.32 2.76 -6.28
CA GLU A 67 4.74 2.55 -6.44
C GLU A 67 5.28 1.60 -5.36
N VAL A 68 6.36 0.93 -5.69
CA VAL A 68 6.97 0.00 -4.76
C VAL A 68 8.47 -0.10 -5.06
N ASN A 69 9.26 0.35 -4.10
CA ASN A 69 10.71 0.33 -4.24
C ASN A 69 11.11 1.09 -5.50
N GLY A 70 10.20 1.96 -5.94
CA GLY A 70 10.44 2.75 -7.12
C GLY A 70 9.81 2.11 -8.36
N VAL A 71 9.16 0.97 -8.13
CA VAL A 71 8.51 0.26 -9.21
C VAL A 71 7.20 0.97 -9.58
N ASP A 72 6.88 0.93 -10.86
CA ASP A 72 5.67 1.56 -11.35
C ASP A 72 4.49 0.60 -11.18
N PHE A 73 3.87 0.67 -10.00
CA PHE A 73 2.74 -0.19 -9.71
C PHE A 73 1.43 0.45 -10.19
N SER A 74 1.50 1.04 -11.38
CA SER A 74 0.33 1.69 -11.95
C SER A 74 -0.60 0.64 -12.56
N ASN A 75 -0.13 0.01 -13.63
CA ASN A 75 -0.90 -1.01 -14.31
C ASN A 75 -0.21 -2.37 -14.14
N LEU A 76 0.13 -2.68 -12.89
CA LEU A 76 0.79 -3.93 -12.58
C LEU A 76 -0.25 -5.06 -12.56
N ASP A 77 0.18 -6.20 -12.04
CA ASP A 77 -0.70 -7.35 -11.95
C ASP A 77 -0.53 -8.01 -10.58
N HIS A 78 -1.39 -8.97 -10.31
CA HIS A 78 -1.35 -9.69 -9.05
C HIS A 78 -0.13 -10.62 -9.03
N LYS A 79 0.54 -10.69 -10.18
CA LYS A 79 1.70 -11.53 -10.30
C LYS A 79 2.96 -10.65 -10.36
N GLU A 80 2.81 -9.52 -11.01
CA GLU A 80 3.91 -8.58 -11.15
C GLU A 80 4.09 -7.77 -9.87
N ALA A 81 2.95 -7.44 -9.26
CA ALA A 81 2.97 -6.66 -8.03
C ALA A 81 3.45 -7.55 -6.88
N VAL A 82 3.22 -8.84 -7.05
CA VAL A 82 3.62 -9.81 -6.03
C VAL A 82 5.10 -10.16 -6.22
N ASN A 83 5.47 -10.38 -7.48
CA ASN A 83 6.84 -10.71 -7.81
C ASN A 83 7.77 -9.59 -7.35
N VAL A 84 7.34 -8.37 -7.65
CA VAL A 84 8.12 -7.19 -7.28
C VAL A 84 8.09 -7.03 -5.76
N LEU A 85 7.01 -7.51 -5.16
CA LEU A 85 6.85 -7.43 -3.73
C LEU A 85 7.69 -8.52 -3.05
N LYS A 86 7.69 -9.68 -3.68
CA LYS A 86 8.45 -10.80 -3.16
C LYS A 86 9.89 -10.74 -3.68
N SER A 87 10.13 -9.73 -4.50
CA SER A 87 11.45 -9.54 -5.07
C SER A 87 12.51 -9.51 -3.97
N SER A 88 12.45 -8.46 -3.17
CA SER A 88 13.39 -8.30 -2.08
C SER A 88 12.63 -8.25 -0.74
N ARG A 89 13.39 -8.04 0.33
CA ARG A 89 12.81 -7.97 1.65
C ARG A 89 12.35 -6.54 1.95
N SER A 90 13.28 -5.61 1.81
CA SER A 90 12.98 -4.21 2.07
C SER A 90 12.49 -3.54 0.79
N LEU A 91 11.26 -3.04 0.85
CA LEU A 91 10.67 -2.37 -0.29
C LEU A 91 9.94 -1.11 0.18
N THR A 92 9.94 -0.11 -0.70
CA THR A 92 9.29 1.15 -0.39
C THR A 92 7.98 1.28 -1.17
N ILE A 93 6.89 1.03 -0.47
CA ILE A 93 5.56 1.12 -1.08
C ILE A 93 5.03 2.55 -0.93
N SER A 94 4.44 3.04 -2.01
CA SER A 94 3.90 4.38 -2.01
C SER A 94 2.39 4.33 -2.28
N ILE A 95 1.62 4.44 -1.20
CA ILE A 95 0.18 4.40 -1.31
C ILE A 95 -0.37 5.83 -1.25
N VAL A 96 -1.65 5.95 -1.56
CA VAL A 96 -2.31 7.25 -1.54
C VAL A 96 -3.32 7.29 -0.40
N ALA A 97 -2.97 6.61 0.68
CA ALA A 97 -3.84 6.56 1.85
C ALA A 97 -5.27 6.25 1.40
N ALA A 98 -5.60 4.97 1.45
CA ALA A 98 -6.93 4.53 1.06
C ALA A 98 -7.33 5.23 -0.24
N ALA A 99 -6.52 5.00 -1.27
CA ALA A 99 -6.78 5.60 -2.56
C ALA A 99 -8.11 5.06 -3.12
N GLY A 100 -8.05 3.83 -3.60
CA GLY A 100 -9.23 3.20 -4.16
C GLY A 100 -10.01 2.44 -3.09
N ARG A 101 -10.25 3.13 -1.97
CA ARG A 101 -10.98 2.54 -0.87
C ARG A 101 -12.41 2.20 -1.29
N GLU A 102 -12.96 3.06 -2.14
CA GLU A 102 -14.31 2.86 -2.62
C GLU A 102 -14.48 1.44 -3.16
N LEU A 103 -13.38 0.91 -3.70
CA LEU A 103 -13.39 -0.43 -4.25
C LEU A 103 -13.92 -1.41 -3.20
N PHE A 104 -13.58 -1.12 -1.95
CA PHE A 104 -14.02 -1.96 -0.85
C PHE A 104 -15.00 -1.22 0.06
N MET A 105 -16.00 -0.63 -0.58
CA MET A 105 -17.02 0.11 0.16
C MET A 105 -18.26 -0.75 0.39
N THR A 106 -18.81 -0.62 1.59
CA THR A 106 -19.99 -1.38 1.97
C THR A 106 -19.75 -2.87 1.77
N ASP A 107 -19.32 -3.52 2.85
CA ASP A 107 -19.05 -4.94 2.82
C ASP A 107 -19.83 -5.63 3.94
N ARG A 108 -19.98 -6.94 3.80
CA ARG A 108 -20.69 -7.72 4.79
C ARG A 108 -20.50 -9.21 4.52
N SER A 109 -20.67 -10.00 5.58
CA SER A 109 -20.53 -11.44 5.47
C SER A 109 -19.09 -11.79 5.08
N GLY A 110 -18.69 -13.01 5.42
CA GLY A 110 -17.36 -13.48 5.11
C GLY A 110 -17.30 -15.01 5.08
N PRO A 111 -17.43 -15.57 3.85
CA PRO A 111 -17.39 -17.01 3.66
C PRO A 111 -15.98 -17.54 3.80
N SER A 112 -15.67 -18.05 4.98
CA SER A 112 -14.35 -18.60 5.26
C SER A 112 -14.46 -20.10 5.51
N SER A 113 -14.16 -20.87 4.48
CA SER A 113 -14.22 -22.32 4.58
C SER A 113 -13.18 -22.94 3.63
N GLY A 114 -11.98 -23.12 4.15
CA GLY A 114 -10.90 -23.71 3.38
C GLY A 114 -11.13 -25.19 3.14
N GLY A 1 29.50 20.40 -6.39
CA GLY A 1 28.05 20.43 -6.58
C GLY A 1 27.35 20.89 -5.30
N SER A 2 26.65 22.01 -5.43
CA SER A 2 25.93 22.57 -4.29
C SER A 2 24.97 23.67 -4.76
N SER A 3 23.77 23.25 -5.10
CA SER A 3 22.76 24.18 -5.56
C SER A 3 21.39 23.49 -5.63
N GLY A 4 20.37 24.24 -5.24
CA GLY A 4 19.01 23.71 -5.25
C GLY A 4 18.19 24.32 -4.11
N SER A 5 17.60 25.47 -4.40
CA SER A 5 16.77 26.16 -3.43
C SER A 5 15.99 27.29 -4.10
N SER A 6 14.71 27.04 -4.31
CA SER A 6 13.85 28.01 -4.95
C SER A 6 13.09 28.81 -3.88
N GLY A 7 13.01 28.22 -2.70
CA GLY A 7 12.31 28.87 -1.60
C GLY A 7 10.84 29.10 -1.93
N SER A 8 10.01 28.17 -1.50
CA SER A 8 8.58 28.26 -1.75
C SER A 8 7.81 28.01 -0.46
N PRO A 9 6.76 28.84 -0.24
CA PRO A 9 5.93 28.72 0.95
C PRO A 9 4.99 27.52 0.83
N GLY A 10 4.18 27.33 1.87
CA GLY A 10 3.24 26.24 1.89
C GLY A 10 3.93 24.91 2.23
N ASN A 11 3.27 24.13 3.07
CA ASN A 11 3.81 22.84 3.47
C ASN A 11 2.67 21.92 3.88
N ARG A 12 1.83 21.59 2.91
CA ARG A 12 0.69 20.72 3.16
C ARG A 12 0.94 19.34 2.55
N GLU A 13 0.75 18.32 3.37
CA GLU A 13 0.95 16.94 2.93
C GLU A 13 0.02 16.00 3.68
N ASN A 14 -0.53 15.05 2.95
CA ASN A 14 -1.44 14.08 3.53
C ASN A 14 -1.52 12.84 2.63
N LYS A 15 -1.95 13.07 1.41
CA LYS A 15 -2.07 11.98 0.45
C LYS A 15 -0.67 11.57 -0.01
N GLU A 16 -0.63 10.46 -0.76
CA GLU A 16 0.63 9.95 -1.27
C GLU A 16 1.64 9.81 -0.13
N LYS A 17 1.59 8.66 0.53
CA LYS A 17 2.49 8.39 1.63
C LYS A 17 3.44 7.26 1.24
N LYS A 18 4.58 7.22 1.92
CA LYS A 18 5.58 6.20 1.65
C LYS A 18 5.63 5.22 2.83
N VAL A 19 5.43 3.95 2.51
CA VAL A 19 5.43 2.91 3.52
C VAL A 19 6.48 1.85 3.14
N PHE A 20 7.48 1.73 4.01
CA PHE A 20 8.54 0.75 3.78
C PHE A 20 8.24 -0.56 4.49
N ILE A 21 8.01 -1.59 3.68
CA ILE A 21 7.72 -2.91 4.22
C ILE A 21 9.00 -3.74 4.26
N SER A 22 9.37 -4.15 5.47
CA SER A 22 10.56 -4.95 5.66
C SER A 22 10.18 -6.36 6.12
N LEU A 23 10.66 -7.34 5.36
CA LEU A 23 10.37 -8.72 5.67
C LEU A 23 11.57 -9.33 6.42
N VAL A 24 11.99 -8.63 7.46
CA VAL A 24 13.11 -9.08 8.26
C VAL A 24 12.68 -9.20 9.72
N GLY A 25 13.54 -9.82 10.51
CA GLY A 25 13.26 -10.00 11.92
C GLY A 25 12.09 -10.97 12.13
N SER A 26 12.24 -12.16 11.55
CA SER A 26 11.21 -13.18 11.66
C SER A 26 9.83 -12.54 11.56
N ARG A 27 9.48 -12.15 10.34
CA ARG A 27 8.19 -11.53 10.09
C ARG A 27 7.66 -11.93 8.72
N GLY A 28 6.38 -11.65 8.49
CA GLY A 28 5.75 -11.98 7.23
C GLY A 28 4.53 -11.08 6.99
N LEU A 29 4.34 -10.72 5.73
CA LEU A 29 3.22 -9.88 5.34
C LEU A 29 1.92 -10.60 5.67
N GLY A 30 0.92 -9.81 6.05
CA GLY A 30 -0.38 -10.35 6.39
C GLY A 30 -1.50 -9.49 5.81
N CYS A 31 -1.26 -9.00 4.60
CA CYS A 31 -2.23 -8.17 3.92
C CYS A 31 -2.49 -8.77 2.53
N SER A 32 -3.75 -8.71 2.11
CA SER A 32 -4.13 -9.23 0.82
C SER A 32 -4.29 -8.08 -0.18
N ILE A 33 -3.79 -8.31 -1.38
CA ILE A 33 -3.87 -7.31 -2.44
C ILE A 33 -4.88 -7.76 -3.49
N SER A 34 -5.55 -6.78 -4.09
CA SER A 34 -6.54 -7.07 -5.12
C SER A 34 -6.40 -6.07 -6.26
N SER A 35 -6.61 -6.57 -7.48
CA SER A 35 -6.52 -5.74 -8.65
C SER A 35 -7.82 -4.97 -8.87
N GLY A 36 -7.69 -3.79 -9.45
CA GLY A 36 -8.86 -2.95 -9.71
C GLY A 36 -9.41 -3.21 -11.10
N PRO A 37 -10.57 -2.54 -11.39
CA PRO A 37 -11.22 -2.69 -12.68
C PRO A 37 -10.46 -1.91 -13.77
N ILE A 38 -11.07 -1.86 -14.94
CA ILE A 38 -10.47 -1.15 -16.06
C ILE A 38 -10.56 0.36 -15.82
N GLN A 39 -11.61 0.74 -15.10
CA GLN A 39 -11.82 2.15 -14.80
C GLN A 39 -10.88 2.59 -13.67
N LYS A 40 -10.58 1.65 -12.79
CA LYS A 40 -9.69 1.93 -11.67
C LYS A 40 -8.71 0.77 -11.49
N PRO A 41 -7.88 0.55 -12.55
CA PRO A 41 -6.90 -0.52 -12.52
C PRO A 41 -5.71 -0.16 -11.63
N GLY A 42 -5.16 -1.17 -10.99
CA GLY A 42 -4.03 -0.97 -10.09
C GLY A 42 -4.01 -2.03 -8.99
N ILE A 43 -3.20 -1.76 -7.98
CA ILE A 43 -3.07 -2.68 -6.86
C ILE A 43 -3.61 -2.00 -5.59
N PHE A 44 -4.65 -2.61 -5.03
CA PHE A 44 -5.26 -2.08 -3.83
C PHE A 44 -5.39 -3.16 -2.75
N ILE A 45 -5.19 -2.75 -1.51
CA ILE A 45 -5.29 -3.67 -0.40
C ILE A 45 -6.73 -4.17 -0.26
N SER A 46 -6.87 -5.39 0.23
CA SER A 46 -8.18 -5.98 0.40
C SER A 46 -8.42 -6.30 1.88
N HIS A 47 -7.37 -6.79 2.53
CA HIS A 47 -7.45 -7.14 3.93
C HIS A 47 -6.05 -7.12 4.55
N VAL A 48 -6.01 -6.81 5.83
CA VAL A 48 -4.75 -6.75 6.55
C VAL A 48 -4.98 -7.10 8.02
N LYS A 49 -4.12 -7.98 8.52
CA LYS A 49 -4.23 -8.42 9.91
C LYS A 49 -3.82 -7.27 10.83
N PRO A 50 -4.55 -7.19 11.98
CA PRO A 50 -4.27 -6.14 12.96
C PRO A 50 -2.99 -6.43 13.74
N GLY A 51 -1.88 -6.41 13.01
CA GLY A 51 -0.58 -6.67 13.61
C GLY A 51 0.34 -7.42 12.64
N SER A 52 0.34 -6.95 11.40
CA SER A 52 1.16 -7.57 10.38
C SER A 52 2.27 -6.60 9.96
N LEU A 53 2.68 -6.74 8.70
CA LEU A 53 3.74 -5.89 8.16
C LEU A 53 3.12 -4.57 7.67
N SER A 54 1.82 -4.62 7.44
CA SER A 54 1.10 -3.44 6.97
C SER A 54 0.49 -2.69 8.15
N ALA A 55 -0.02 -3.46 9.11
CA ALA A 55 -0.62 -2.87 10.28
C ALA A 55 0.42 -2.05 11.04
N GLU A 56 1.66 -2.51 10.96
CA GLU A 56 2.75 -1.82 11.62
C GLU A 56 2.91 -0.40 11.06
N VAL A 57 2.61 -0.27 9.78
CA VAL A 57 2.71 1.02 9.12
C VAL A 57 1.33 1.70 9.14
N GLY A 58 0.36 0.98 9.67
CA GLY A 58 -1.00 1.50 9.74
C GLY A 58 -1.72 1.37 8.40
N LEU A 59 -1.29 0.38 7.63
CA LEU A 59 -1.88 0.13 6.33
C LEU A 59 -3.32 -0.38 6.51
N GLU A 60 -4.19 0.13 5.66
CA GLU A 60 -5.59 -0.25 5.71
C GLU A 60 -6.12 -0.53 4.30
N ILE A 61 -7.33 -1.07 4.25
CA ILE A 61 -7.96 -1.39 2.98
C ILE A 61 -8.16 -0.10 2.18
N GLY A 62 -7.85 -0.19 0.89
CA GLY A 62 -7.99 0.94 0.01
C GLY A 62 -6.61 1.45 -0.45
N ASP A 63 -5.68 1.48 0.49
CA ASP A 63 -4.33 1.93 0.20
C ASP A 63 -3.86 1.31 -1.11
N GLN A 64 -4.00 2.06 -2.18
CA GLN A 64 -3.58 1.59 -3.50
C GLN A 64 -2.08 1.79 -3.69
N ILE A 65 -1.43 0.76 -4.20
CA ILE A 65 0.00 0.81 -4.43
C ILE A 65 0.27 1.38 -5.83
N VAL A 66 0.82 2.58 -5.85
CA VAL A 66 1.13 3.25 -7.10
C VAL A 66 2.62 3.09 -7.41
N GLU A 67 3.39 2.83 -6.35
CA GLU A 67 4.82 2.66 -6.49
C GLU A 67 5.35 1.73 -5.39
N VAL A 68 6.45 1.06 -5.71
CA VAL A 68 7.07 0.15 -4.77
C VAL A 68 8.56 0.06 -5.05
N ASN A 69 9.35 0.43 -4.06
CA ASN A 69 10.79 0.40 -4.19
C ASN A 69 11.21 1.13 -5.47
N GLY A 70 10.38 2.10 -5.85
CA GLY A 70 10.64 2.88 -7.04
C GLY A 70 10.10 2.17 -8.29
N VAL A 71 9.15 1.28 -8.07
CA VAL A 71 8.55 0.53 -9.16
C VAL A 71 7.24 1.21 -9.58
N ASP A 72 6.83 0.91 -10.81
CA ASP A 72 5.60 1.47 -11.34
C ASP A 72 4.45 0.51 -11.10
N PHE A 73 3.87 0.61 -9.91
CA PHE A 73 2.76 -0.25 -9.54
C PHE A 73 1.42 0.38 -9.94
N SER A 74 1.48 1.22 -10.96
CA SER A 74 0.30 1.90 -11.44
C SER A 74 -0.52 0.95 -12.33
N ASN A 75 0.18 0.31 -13.25
CA ASN A 75 -0.46 -0.62 -14.16
C ASN A 75 0.23 -1.99 -14.07
N LEU A 76 0.41 -2.44 -12.83
CA LEU A 76 1.05 -3.71 -12.58
C LEU A 76 -0.01 -4.83 -12.61
N ASP A 77 0.41 -6.00 -12.16
CA ASP A 77 -0.49 -7.15 -12.13
C ASP A 77 -0.38 -7.83 -10.76
N HIS A 78 -1.28 -8.79 -10.55
CA HIS A 78 -1.30 -9.53 -9.30
C HIS A 78 -0.10 -10.47 -9.25
N LYS A 79 0.63 -10.52 -10.35
CA LYS A 79 1.80 -11.38 -10.43
C LYS A 79 3.07 -10.51 -10.44
N GLU A 80 2.96 -9.37 -11.12
CA GLU A 80 4.07 -8.45 -11.20
C GLU A 80 4.20 -7.64 -9.91
N ALA A 81 3.06 -7.32 -9.33
CA ALA A 81 3.02 -6.55 -8.09
C ALA A 81 3.46 -7.45 -6.94
N VAL A 82 3.14 -8.73 -7.07
CA VAL A 82 3.50 -9.70 -6.04
C VAL A 82 4.95 -10.13 -6.24
N ASN A 83 5.33 -10.28 -7.49
CA ASN A 83 6.69 -10.69 -7.82
C ASN A 83 7.66 -9.61 -7.36
N VAL A 84 7.26 -8.35 -7.57
CA VAL A 84 8.09 -7.23 -7.18
C VAL A 84 8.07 -7.08 -5.66
N LEU A 85 6.93 -7.43 -5.07
CA LEU A 85 6.76 -7.34 -3.63
C LEU A 85 7.50 -8.51 -2.97
N LYS A 86 7.48 -9.64 -3.65
CA LYS A 86 8.14 -10.84 -3.15
C LYS A 86 9.60 -10.85 -3.62
N SER A 87 9.93 -9.85 -4.42
CA SER A 87 11.28 -9.74 -4.96
C SER A 87 12.29 -9.66 -3.80
N SER A 88 12.12 -8.64 -2.97
CA SER A 88 13.00 -8.45 -1.84
C SER A 88 12.18 -8.28 -0.56
N ARG A 89 12.88 -8.21 0.56
CA ARG A 89 12.23 -8.05 1.84
C ARG A 89 11.88 -6.58 2.09
N SER A 90 12.91 -5.75 2.07
CA SER A 90 12.72 -4.32 2.29
C SER A 90 12.31 -3.65 0.98
N LEU A 91 11.12 -3.07 1.00
CA LEU A 91 10.61 -2.39 -0.18
C LEU A 91 9.86 -1.13 0.26
N THR A 92 9.99 -0.09 -0.56
CA THR A 92 9.34 1.18 -0.28
C THR A 92 8.05 1.31 -1.10
N ILE A 93 6.94 1.05 -0.43
CA ILE A 93 5.64 1.14 -1.09
C ILE A 93 5.09 2.56 -0.92
N SER A 94 4.58 3.08 -2.02
CA SER A 94 4.01 4.42 -2.02
C SER A 94 2.52 4.37 -2.30
N ILE A 95 1.73 4.52 -1.24
CA ILE A 95 0.28 4.49 -1.36
C ILE A 95 -0.25 5.92 -1.37
N VAL A 96 -1.53 6.04 -1.72
CA VAL A 96 -2.17 7.34 -1.77
C VAL A 96 -3.16 7.46 -0.60
N ALA A 97 -2.81 6.80 0.50
CA ALA A 97 -3.65 6.83 1.68
C ALA A 97 -5.10 6.62 1.28
N ALA A 98 -5.53 5.37 1.35
CA ALA A 98 -6.91 5.02 1.01
C ALA A 98 -7.25 5.66 -0.34
N ALA A 99 -6.48 5.31 -1.35
CA ALA A 99 -6.69 5.83 -2.68
C ALA A 99 -8.03 5.34 -3.21
N GLY A 100 -8.09 4.04 -3.47
CA GLY A 100 -9.31 3.42 -3.98
C GLY A 100 -10.00 2.60 -2.89
N ARG A 101 -10.36 3.29 -1.82
CA ARG A 101 -11.04 2.64 -0.70
C ARG A 101 -12.46 2.26 -1.10
N GLU A 102 -13.03 3.05 -2.00
CA GLU A 102 -14.38 2.80 -2.47
C GLU A 102 -14.49 1.41 -3.09
N LEU A 103 -13.44 1.04 -3.82
CA LEU A 103 -13.40 -0.26 -4.47
C LEU A 103 -13.95 -1.31 -3.52
N PHE A 104 -13.54 -1.20 -2.26
CA PHE A 104 -14.00 -2.14 -1.24
C PHE A 104 -15.09 -1.52 -0.37
N MET A 105 -14.79 -0.33 0.13
CA MET A 105 -15.73 0.38 0.99
C MET A 105 -16.04 -0.43 2.25
N THR A 106 -16.76 0.21 3.16
CA THR A 106 -17.13 -0.44 4.41
C THR A 106 -18.20 -1.50 4.16
N ASP A 107 -17.87 -2.72 4.56
CA ASP A 107 -18.79 -3.83 4.39
C ASP A 107 -18.66 -4.78 5.58
N ARG A 108 -19.81 -5.16 6.12
CA ARG A 108 -19.84 -6.06 7.27
C ARG A 108 -20.36 -7.44 6.85
N SER A 109 -20.19 -8.40 7.74
CA SER A 109 -20.63 -9.75 7.47
C SER A 109 -20.84 -10.51 8.79
N GLY A 110 -21.92 -11.28 8.82
CA GLY A 110 -22.24 -12.04 10.01
C GLY A 110 -21.34 -13.28 10.13
N PRO A 111 -20.53 -13.29 11.23
CA PRO A 111 -19.63 -14.40 11.47
C PRO A 111 -20.38 -15.63 11.98
N SER A 112 -20.18 -16.74 11.27
CA SER A 112 -20.84 -17.98 11.62
C SER A 112 -22.35 -17.75 11.79
N SER A 113 -22.99 -17.45 10.67
CA SER A 113 -24.43 -17.20 10.69
C SER A 113 -24.77 -16.14 11.73
N GLY A 114 -24.47 -14.89 11.37
CA GLY A 114 -24.75 -13.78 12.27
C GLY A 114 -26.23 -13.74 12.65
N GLY A 1 13.43 52.79 -8.14
CA GLY A 1 12.57 51.63 -8.22
C GLY A 1 13.33 50.42 -8.74
N SER A 2 13.66 49.52 -7.82
CA SER A 2 14.40 48.32 -8.18
C SER A 2 14.48 47.39 -6.97
N SER A 3 13.53 46.46 -6.89
CA SER A 3 13.49 45.52 -5.79
C SER A 3 12.29 44.58 -5.96
N GLY A 4 12.43 43.39 -5.39
CA GLY A 4 11.37 42.40 -5.47
C GLY A 4 11.92 40.99 -5.23
N SER A 5 11.72 40.51 -4.01
CA SER A 5 12.19 39.20 -3.64
C SER A 5 11.86 38.91 -2.17
N SER A 6 10.61 38.51 -1.95
CA SER A 6 10.16 38.20 -0.60
C SER A 6 9.94 36.69 -0.45
N GLY A 7 9.65 36.05 -1.58
CA GLY A 7 9.42 34.62 -1.59
C GLY A 7 8.01 34.29 -1.06
N SER A 8 7.39 33.33 -1.72
CA SER A 8 6.06 32.90 -1.32
C SER A 8 6.11 31.55 -0.64
N PRO A 9 5.70 31.54 0.66
CA PRO A 9 5.70 30.32 1.45
C PRO A 9 4.55 29.40 1.03
N GLY A 10 4.76 28.10 1.25
CA GLY A 10 3.74 27.12 0.92
C GLY A 10 4.13 25.74 1.44
N ASN A 11 3.11 24.92 1.68
CA ASN A 11 3.33 23.58 2.18
C ASN A 11 2.08 22.74 1.92
N ARG A 12 2.22 21.81 0.98
CA ARG A 12 1.11 20.94 0.64
C ARG A 12 1.49 19.47 0.88
N GLU A 13 0.74 18.85 1.77
CA GLU A 13 0.98 17.45 2.11
C GLU A 13 -0.22 16.88 2.88
N ASN A 14 -0.68 15.74 2.41
CA ASN A 14 -1.82 15.07 3.04
C ASN A 14 -1.95 13.66 2.47
N LYS A 15 -2.17 13.60 1.16
CA LYS A 15 -2.32 12.31 0.50
C LYS A 15 -0.93 11.76 0.13
N GLU A 16 -0.92 10.52 -0.31
CA GLU A 16 0.33 9.87 -0.70
C GLU A 16 1.24 9.73 0.52
N LYS A 17 1.37 8.50 0.98
CA LYS A 17 2.21 8.20 2.13
C LYS A 17 3.22 7.11 1.76
N LYS A 18 4.42 7.27 2.27
CA LYS A 18 5.48 6.31 2.01
C LYS A 18 5.50 5.25 3.12
N VAL A 19 5.41 4.00 2.70
CA VAL A 19 5.41 2.89 3.65
C VAL A 19 6.46 1.86 3.22
N PHE A 20 7.39 1.60 4.12
CA PHE A 20 8.45 0.64 3.85
C PHE A 20 8.16 -0.69 4.52
N ILE A 21 7.98 -1.71 3.70
CA ILE A 21 7.69 -3.05 4.19
C ILE A 21 8.99 -3.87 4.22
N SER A 22 9.36 -4.28 5.43
CA SER A 22 10.57 -5.06 5.61
C SER A 22 10.22 -6.48 6.05
N LEU A 23 10.32 -7.41 5.10
CA LEU A 23 10.01 -8.80 5.39
C LEU A 23 11.20 -9.44 6.12
N VAL A 24 11.29 -9.15 7.41
CA VAL A 24 12.36 -9.69 8.22
C VAL A 24 11.76 -10.35 9.46
N GLY A 25 12.54 -11.27 10.04
CA GLY A 25 12.11 -11.99 11.22
C GLY A 25 10.73 -12.63 11.00
N SER A 26 9.95 -12.66 12.07
CA SER A 26 8.62 -13.24 12.01
C SER A 26 7.62 -12.22 11.46
N ARG A 27 7.93 -11.71 10.26
CA ARG A 27 7.08 -10.73 9.62
C ARG A 27 7.28 -10.77 8.10
N GLY A 28 6.42 -11.52 7.44
CA GLY A 28 6.49 -11.65 6.00
C GLY A 28 5.21 -11.13 5.34
N LEU A 29 4.83 -9.92 5.73
CA LEU A 29 3.63 -9.30 5.18
C LEU A 29 2.40 -10.09 5.63
N GLY A 30 1.31 -9.37 5.82
CA GLY A 30 0.07 -9.99 6.26
C GLY A 30 -1.14 -9.26 5.65
N CYS A 31 -0.88 -8.59 4.54
CA CYS A 31 -1.94 -7.85 3.85
C CYS A 31 -2.22 -8.55 2.52
N SER A 32 -3.47 -8.47 2.10
CA SER A 32 -3.88 -9.08 0.85
C SER A 32 -4.02 -8.01 -0.24
N ILE A 33 -3.61 -8.37 -1.45
CA ILE A 33 -3.69 -7.45 -2.57
C ILE A 33 -4.62 -8.04 -3.63
N SER A 34 -5.33 -7.15 -4.31
CA SER A 34 -6.26 -7.56 -5.35
C SER A 34 -6.09 -6.67 -6.58
N SER A 35 -6.72 -7.09 -7.67
CA SER A 35 -6.64 -6.34 -8.91
C SER A 35 -7.88 -5.45 -9.05
N GLY A 36 -7.65 -4.27 -9.61
CA GLY A 36 -8.72 -3.31 -9.81
C GLY A 36 -9.30 -3.42 -11.22
N PRO A 37 -10.51 -2.81 -11.39
CA PRO A 37 -11.18 -2.84 -12.69
C PRO A 37 -10.51 -1.88 -13.67
N ILE A 38 -11.16 -1.72 -14.82
CA ILE A 38 -10.64 -0.84 -15.85
C ILE A 38 -10.82 0.62 -15.41
N GLN A 39 -11.86 0.84 -14.63
CA GLN A 39 -12.15 2.18 -14.13
C GLN A 39 -11.23 2.52 -12.96
N LYS A 40 -10.84 1.49 -12.23
CA LYS A 40 -9.96 1.67 -11.09
C LYS A 40 -8.87 0.58 -11.11
N PRO A 41 -8.06 0.60 -12.20
CA PRO A 41 -6.99 -0.36 -12.36
C PRO A 41 -5.82 -0.03 -11.43
N GLY A 42 -5.16 -1.08 -10.96
CA GLY A 42 -4.02 -0.92 -10.07
C GLY A 42 -3.99 -2.02 -9.01
N ILE A 43 -3.21 -1.76 -7.96
CA ILE A 43 -3.09 -2.71 -6.88
C ILE A 43 -3.62 -2.07 -5.59
N PHE A 44 -4.66 -2.70 -5.05
CA PHE A 44 -5.27 -2.20 -3.82
C PHE A 44 -5.36 -3.30 -2.77
N ILE A 45 -5.09 -2.91 -1.52
CA ILE A 45 -5.14 -3.85 -0.42
C ILE A 45 -6.58 -4.33 -0.21
N SER A 46 -6.70 -5.58 0.18
CA SER A 46 -8.01 -6.16 0.41
C SER A 46 -8.22 -6.38 1.90
N HIS A 47 -7.15 -6.78 2.57
CA HIS A 47 -7.20 -7.03 4.00
C HIS A 47 -5.78 -6.98 4.58
N VAL A 48 -5.72 -6.68 5.87
CA VAL A 48 -4.44 -6.59 6.55
C VAL A 48 -4.63 -6.96 8.03
N LYS A 49 -3.82 -7.91 8.48
CA LYS A 49 -3.89 -8.36 9.86
C LYS A 49 -3.43 -7.24 10.78
N PRO A 50 -3.94 -7.28 12.05
CA PRO A 50 -3.59 -6.28 13.03
C PRO A 50 -2.16 -6.49 13.55
N GLY A 51 -1.40 -5.41 13.54
CA GLY A 51 -0.02 -5.47 14.01
C GLY A 51 0.88 -6.12 12.97
N SER A 52 0.29 -6.46 11.84
CA SER A 52 1.03 -7.09 10.76
C SER A 52 2.21 -6.22 10.36
N LEU A 53 2.76 -6.51 9.18
CA LEU A 53 3.89 -5.77 8.67
C LEU A 53 3.39 -4.50 7.98
N SER A 54 2.12 -4.54 7.60
CA SER A 54 1.51 -3.41 6.92
C SER A 54 0.79 -2.52 7.94
N ALA A 55 0.25 -3.16 8.96
CA ALA A 55 -0.45 -2.44 10.01
C ALA A 55 0.54 -1.60 10.80
N GLU A 56 1.76 -2.09 10.88
CA GLU A 56 2.81 -1.39 11.61
C GLU A 56 3.11 -0.04 10.94
N VAL A 57 3.00 -0.03 9.63
CA VAL A 57 3.25 1.17 8.86
C VAL A 57 1.99 2.04 8.86
N GLY A 58 0.86 1.39 9.11
CA GLY A 58 -0.41 2.09 9.13
C GLY A 58 -1.18 1.89 7.82
N LEU A 59 -1.08 0.68 7.29
CA LEU A 59 -1.74 0.35 6.04
C LEU A 59 -3.18 -0.08 6.33
N GLU A 60 -4.08 0.33 5.46
CA GLU A 60 -5.48 -0.01 5.61
C GLU A 60 -6.07 -0.45 4.26
N ILE A 61 -7.30 -0.94 4.32
CA ILE A 61 -7.99 -1.41 3.14
C ILE A 61 -8.27 -0.21 2.22
N GLY A 62 -7.79 -0.31 0.99
CA GLY A 62 -7.99 0.74 0.01
C GLY A 62 -6.64 1.29 -0.48
N ASP A 63 -5.69 1.33 0.44
CA ASP A 63 -4.36 1.83 0.12
C ASP A 63 -3.89 1.20 -1.18
N GLN A 64 -4.03 1.96 -2.27
CA GLN A 64 -3.63 1.49 -3.58
C GLN A 64 -2.13 1.71 -3.78
N ILE A 65 -1.45 0.64 -4.18
CA ILE A 65 -0.02 0.71 -4.41
C ILE A 65 0.24 1.36 -5.76
N VAL A 66 0.84 2.55 -5.70
CA VAL A 66 1.15 3.30 -6.92
C VAL A 66 2.63 3.15 -7.24
N GLU A 67 3.39 2.80 -6.20
CA GLU A 67 4.83 2.62 -6.37
C GLU A 67 5.37 1.69 -5.28
N VAL A 68 6.44 0.98 -5.62
CA VAL A 68 7.05 0.05 -4.70
C VAL A 68 8.55 -0.02 -4.98
N ASN A 69 9.33 0.37 -3.98
CA ASN A 69 10.78 0.36 -4.10
C ASN A 69 11.18 1.14 -5.36
N GLY A 70 10.31 2.07 -5.76
CA GLY A 70 10.56 2.88 -6.92
C GLY A 70 10.03 2.20 -8.19
N VAL A 71 9.13 1.25 -7.98
CA VAL A 71 8.55 0.52 -9.09
C VAL A 71 7.23 1.20 -9.50
N ASP A 72 6.84 0.94 -10.74
CA ASP A 72 5.61 1.51 -11.26
C ASP A 72 4.45 0.53 -11.03
N PHE A 73 3.83 0.67 -9.88
CA PHE A 73 2.71 -0.18 -9.53
C PHE A 73 1.37 0.47 -9.88
N SER A 74 1.44 1.42 -10.80
CA SER A 74 0.26 2.13 -11.23
C SER A 74 -0.58 1.24 -12.16
N ASN A 75 0.13 0.39 -12.89
CA ASN A 75 -0.53 -0.52 -13.82
C ASN A 75 0.19 -1.87 -13.80
N LEU A 76 0.46 -2.34 -12.60
CA LEU A 76 1.15 -3.62 -12.43
C LEU A 76 0.13 -4.75 -12.54
N ASP A 77 0.56 -5.93 -12.10
CA ASP A 77 -0.30 -7.11 -12.15
C ASP A 77 -0.25 -7.81 -10.79
N HIS A 78 -1.16 -8.75 -10.62
CA HIS A 78 -1.24 -9.51 -9.39
C HIS A 78 -0.04 -10.47 -9.29
N LYS A 79 0.71 -10.53 -10.39
CA LYS A 79 1.88 -11.40 -10.44
C LYS A 79 3.14 -10.54 -10.43
N GLU A 80 3.04 -9.38 -11.06
CA GLU A 80 4.17 -8.46 -11.13
C GLU A 80 4.29 -7.68 -9.83
N ALA A 81 3.14 -7.32 -9.27
CA ALA A 81 3.10 -6.57 -8.03
C ALA A 81 3.54 -7.47 -6.88
N VAL A 82 3.32 -8.77 -7.06
CA VAL A 82 3.68 -9.75 -6.05
C VAL A 82 5.14 -10.16 -6.25
N ASN A 83 5.51 -10.28 -7.52
CA ASN A 83 6.87 -10.67 -7.85
C ASN A 83 7.84 -9.57 -7.41
N VAL A 84 7.43 -8.33 -7.63
CA VAL A 84 8.25 -7.20 -7.26
C VAL A 84 8.20 -7.02 -5.73
N LEU A 85 7.10 -7.48 -5.15
CA LEU A 85 6.93 -7.39 -3.71
C LEU A 85 7.70 -8.52 -3.04
N LYS A 86 7.62 -9.70 -3.65
CA LYS A 86 8.29 -10.87 -3.11
C LYS A 86 9.75 -10.87 -3.57
N SER A 87 10.08 -9.87 -4.39
CA SER A 87 11.42 -9.75 -4.92
C SER A 87 12.43 -9.67 -3.76
N SER A 88 12.22 -8.70 -2.90
CA SER A 88 13.10 -8.52 -1.76
C SER A 88 12.27 -8.45 -0.47
N ARG A 89 12.95 -8.09 0.62
CA ARG A 89 12.30 -7.98 1.91
C ARG A 89 11.95 -6.53 2.20
N SER A 90 12.95 -5.67 2.10
CA SER A 90 12.76 -4.26 2.35
C SER A 90 12.37 -3.54 1.06
N LEU A 91 11.13 -3.09 1.02
CA LEU A 91 10.63 -2.38 -0.15
C LEU A 91 9.88 -1.12 0.30
N THR A 92 9.95 -0.11 -0.55
CA THR A 92 9.29 1.16 -0.25
C THR A 92 8.00 1.29 -1.06
N ILE A 93 6.89 1.02 -0.39
CA ILE A 93 5.59 1.09 -1.02
C ILE A 93 5.04 2.51 -0.88
N SER A 94 4.47 3.01 -1.96
CA SER A 94 3.91 4.35 -1.97
C SER A 94 2.42 4.29 -2.36
N ILE A 95 1.58 4.42 -1.35
CA ILE A 95 0.14 4.38 -1.56
C ILE A 95 -0.40 5.81 -1.58
N VAL A 96 -1.70 5.92 -1.82
CA VAL A 96 -2.36 7.21 -1.86
C VAL A 96 -3.37 7.30 -0.72
N ALA A 97 -3.00 6.70 0.40
CA ALA A 97 -3.88 6.71 1.57
C ALA A 97 -5.31 6.40 1.14
N ALA A 98 -5.66 5.12 1.21
CA ALA A 98 -6.98 4.68 0.83
C ALA A 98 -7.38 5.34 -0.49
N ALA A 99 -6.57 5.08 -1.51
CA ALA A 99 -6.81 5.64 -2.82
C ALA A 99 -8.17 5.13 -3.34
N GLY A 100 -8.18 3.86 -3.72
CA GLY A 100 -9.38 3.24 -4.23
C GLY A 100 -10.02 2.33 -3.19
N ARG A 101 -10.31 2.92 -2.03
CA ARG A 101 -10.92 2.17 -0.94
C ARG A 101 -12.38 1.86 -1.27
N GLU A 102 -12.96 2.68 -2.13
CA GLU A 102 -14.35 2.51 -2.53
C GLU A 102 -14.55 1.10 -3.11
N LEU A 103 -13.47 0.53 -3.60
CA LEU A 103 -13.51 -0.81 -4.18
C LEU A 103 -14.07 -1.78 -3.14
N PHE A 104 -13.62 -1.61 -1.90
CA PHE A 104 -14.06 -2.46 -0.82
C PHE A 104 -15.08 -1.75 0.06
N MET A 105 -16.05 -1.13 -0.59
CA MET A 105 -17.10 -0.41 0.12
C MET A 105 -17.94 -1.36 0.97
N THR A 106 -17.76 -1.24 2.28
CA THR A 106 -18.49 -2.09 3.21
C THR A 106 -18.16 -3.56 2.98
N ASP A 107 -18.20 -4.32 4.06
CA ASP A 107 -17.92 -5.74 3.98
C ASP A 107 -18.13 -6.38 5.35
N ARG A 108 -19.09 -7.28 5.43
CA ARG A 108 -19.40 -7.95 6.67
C ARG A 108 -18.28 -8.94 7.03
N SER A 109 -17.57 -9.38 5.99
CA SER A 109 -16.48 -10.32 6.19
C SER A 109 -17.04 -11.68 6.61
N GLY A 110 -17.38 -11.78 7.88
CA GLY A 110 -17.91 -13.02 8.42
C GLY A 110 -17.06 -13.53 9.58
N PRO A 111 -17.68 -14.41 10.41
CA PRO A 111 -17.00 -14.96 11.56
C PRO A 111 -16.00 -16.04 11.12
N SER A 112 -16.50 -16.99 10.34
CA SER A 112 -15.67 -18.07 9.85
C SER A 112 -15.10 -18.86 11.02
N SER A 113 -15.65 -20.06 11.23
CA SER A 113 -15.20 -20.91 12.31
C SER A 113 -14.37 -22.07 11.75
N GLY A 114 -13.06 -21.93 11.86
CA GLY A 114 -12.14 -22.95 11.37
C GLY A 114 -11.76 -23.92 12.49
N GLY A 1 -11.37 43.34 -9.21
CA GLY A 1 -10.32 43.72 -8.28
C GLY A 1 -10.64 43.22 -6.88
N SER A 2 -10.16 43.97 -5.89
CA SER A 2 -10.39 43.63 -4.50
C SER A 2 -9.75 42.27 -4.19
N SER A 3 -9.66 41.97 -2.90
CA SER A 3 -9.08 40.72 -2.46
C SER A 3 -7.59 40.68 -2.81
N GLY A 4 -6.83 39.97 -1.98
CA GLY A 4 -5.40 39.86 -2.19
C GLY A 4 -4.76 38.98 -1.10
N SER A 5 -3.48 38.69 -1.30
CA SER A 5 -2.75 37.87 -0.36
C SER A 5 -1.29 38.34 -0.29
N SER A 6 -0.62 37.92 0.77
CA SER A 6 0.78 38.28 0.97
C SER A 6 1.64 37.02 1.05
N GLY A 7 1.19 35.98 0.36
CA GLY A 7 1.91 34.72 0.36
C GLY A 7 0.96 33.55 0.06
N SER A 8 1.48 32.59 -0.69
CA SER A 8 0.70 31.42 -1.06
C SER A 8 1.41 30.15 -0.59
N PRO A 9 0.64 29.30 0.14
CA PRO A 9 1.18 28.05 0.65
C PRO A 9 1.32 27.01 -0.48
N GLY A 10 2.19 26.04 -0.23
CA GLY A 10 2.43 25.00 -1.21
C GLY A 10 3.23 23.84 -0.59
N ASN A 11 2.49 22.82 -0.16
CA ASN A 11 3.12 21.66 0.44
C ASN A 11 2.11 20.50 0.47
N ARG A 12 0.97 20.76 1.10
CA ARG A 12 -0.07 19.76 1.20
C ARG A 12 0.54 18.39 1.53
N GLU A 13 0.59 18.11 2.82
CA GLU A 13 1.15 16.84 3.29
C GLU A 13 0.05 15.99 3.94
N ASN A 14 -0.28 14.90 3.26
CA ASN A 14 -1.31 14.00 3.75
C ASN A 14 -1.40 12.79 2.83
N LYS A 15 -1.79 13.05 1.60
CA LYS A 15 -1.92 12.00 0.60
C LYS A 15 -0.54 11.47 0.24
N GLU A 16 -0.54 10.37 -0.51
CA GLU A 16 0.71 9.75 -0.93
C GLU A 16 1.65 9.59 0.26
N LYS A 17 1.57 8.44 0.88
CA LYS A 17 2.41 8.15 2.04
C LYS A 17 3.49 7.15 1.63
N LYS A 18 4.60 7.20 2.36
CA LYS A 18 5.72 6.31 2.09
C LYS A 18 5.80 5.25 3.19
N VAL A 19 5.56 4.01 2.78
CA VAL A 19 5.60 2.90 3.72
C VAL A 19 6.69 1.91 3.30
N PHE A 20 7.50 1.53 4.27
CA PHE A 20 8.60 0.60 4.01
C PHE A 20 8.29 -0.78 4.59
N ILE A 21 8.09 -1.73 3.71
CA ILE A 21 7.80 -3.09 4.12
C ILE A 21 9.05 -3.95 3.95
N SER A 22 9.59 -4.37 5.09
CA SER A 22 10.78 -5.20 5.09
C SER A 22 10.46 -6.59 5.64
N LEU A 23 10.73 -7.61 4.83
CA LEU A 23 10.47 -8.98 5.22
C LEU A 23 11.64 -9.48 6.07
N VAL A 24 11.89 -8.79 7.17
CA VAL A 24 12.96 -9.16 8.07
C VAL A 24 12.41 -9.30 9.49
N GLY A 25 13.19 -9.96 10.33
CA GLY A 25 12.79 -10.17 11.72
C GLY A 25 11.42 -10.85 11.79
N SER A 26 10.99 -11.12 13.01
CA SER A 26 9.71 -11.76 13.23
C SER A 26 8.58 -10.84 12.76
N ARG A 27 8.39 -10.80 11.45
CA ARG A 27 7.35 -9.97 10.86
C ARG A 27 7.25 -10.24 9.36
N GLY A 28 6.04 -10.64 8.95
CA GLY A 28 5.80 -10.93 7.56
C GLY A 28 4.49 -10.29 7.08
N LEU A 29 4.54 -9.74 5.88
CA LEU A 29 3.37 -9.09 5.30
C LEU A 29 2.12 -9.92 5.63
N GLY A 30 1.12 -9.24 6.14
CA GLY A 30 -0.13 -9.88 6.51
C GLY A 30 -1.33 -9.17 5.89
N CYS A 31 -1.12 -8.66 4.69
CA CYS A 31 -2.16 -7.95 3.97
C CYS A 31 -2.34 -8.59 2.60
N SER A 32 -3.56 -8.53 2.10
CA SER A 32 -3.88 -9.10 0.80
C SER A 32 -4.13 -7.98 -0.22
N ILE A 33 -3.62 -8.21 -1.42
CA ILE A 33 -3.78 -7.24 -2.48
C ILE A 33 -4.84 -7.73 -3.47
N SER A 34 -5.49 -6.77 -4.13
CA SER A 34 -6.52 -7.10 -5.09
C SER A 34 -6.24 -6.39 -6.42
N SER A 35 -7.00 -6.78 -7.43
CA SER A 35 -6.84 -6.19 -8.75
C SER A 35 -7.99 -5.22 -9.04
N GLY A 36 -7.64 -4.13 -9.71
CA GLY A 36 -8.63 -3.12 -10.05
C GLY A 36 -9.15 -3.32 -11.47
N PRO A 37 -10.33 -2.70 -11.75
CA PRO A 37 -10.94 -2.80 -13.06
C PRO A 37 -10.21 -1.92 -14.08
N ILE A 38 -10.78 -1.84 -15.26
CA ILE A 38 -10.20 -1.04 -16.34
C ILE A 38 -10.35 0.43 -16.01
N GLN A 39 -11.43 0.74 -15.28
CA GLN A 39 -11.71 2.11 -14.90
C GLN A 39 -10.83 2.52 -13.71
N LYS A 40 -10.47 1.53 -12.91
CA LYS A 40 -9.64 1.77 -11.75
C LYS A 40 -8.61 0.65 -11.63
N PRO A 41 -7.73 0.55 -12.67
CA PRO A 41 -6.69 -0.47 -12.69
C PRO A 41 -5.56 -0.12 -11.72
N GLY A 42 -5.00 -1.15 -11.12
CA GLY A 42 -3.91 -0.97 -10.18
C GLY A 42 -3.90 -2.08 -9.12
N ILE A 43 -3.26 -1.78 -8.01
CA ILE A 43 -3.17 -2.73 -6.92
C ILE A 43 -3.65 -2.08 -5.62
N PHE A 44 -4.68 -2.69 -5.04
CA PHE A 44 -5.24 -2.18 -3.80
C PHE A 44 -5.34 -3.28 -2.75
N ILE A 45 -5.15 -2.87 -1.49
CA ILE A 45 -5.21 -3.81 -0.38
C ILE A 45 -6.66 -4.26 -0.19
N SER A 46 -6.81 -5.56 0.07
CA SER A 46 -8.13 -6.12 0.29
C SER A 46 -8.34 -6.40 1.78
N HIS A 47 -7.26 -6.83 2.43
CA HIS A 47 -7.32 -7.14 3.85
C HIS A 47 -5.93 -6.99 4.45
N VAL A 48 -5.90 -6.58 5.71
CA VAL A 48 -4.64 -6.39 6.41
C VAL A 48 -4.87 -6.63 7.92
N LYS A 49 -4.12 -7.58 8.44
CA LYS A 49 -4.22 -7.92 9.86
C LYS A 49 -3.69 -6.75 10.69
N PRO A 50 -4.16 -6.71 11.97
CA PRO A 50 -3.75 -5.65 12.88
C PRO A 50 -2.32 -5.89 13.37
N GLY A 51 -1.90 -7.14 13.28
CA GLY A 51 -0.57 -7.51 13.72
C GLY A 51 0.26 -8.07 12.56
N SER A 52 0.31 -7.29 11.49
CA SER A 52 1.06 -7.70 10.31
C SER A 52 2.16 -6.67 10.01
N LEU A 53 2.90 -6.94 8.95
CA LEU A 53 3.98 -6.06 8.53
C LEU A 53 3.39 -4.79 7.93
N SER A 54 2.09 -4.82 7.70
CA SER A 54 1.39 -3.69 7.13
C SER A 54 0.76 -2.83 8.24
N ALA A 55 -0.05 -3.50 9.06
CA ALA A 55 -0.71 -2.82 10.16
C ALA A 55 0.32 -2.05 10.98
N GLU A 56 1.48 -2.68 11.16
CA GLU A 56 2.55 -2.07 11.92
C GLU A 56 2.90 -0.69 11.34
N VAL A 57 2.69 -0.56 10.05
CA VAL A 57 2.96 0.69 9.37
C VAL A 57 1.70 1.56 9.36
N GLY A 58 0.57 0.89 9.50
CA GLY A 58 -0.71 1.58 9.51
C GLY A 58 -1.42 1.46 8.16
N LEU A 59 -1.31 0.28 7.58
CA LEU A 59 -1.92 0.01 6.28
C LEU A 59 -3.38 -0.41 6.50
N GLU A 60 -4.24 0.07 5.62
CA GLU A 60 -5.66 -0.24 5.69
C GLU A 60 -6.21 -0.52 4.30
N ILE A 61 -7.39 -1.13 4.28
CA ILE A 61 -8.04 -1.47 3.02
C ILE A 61 -8.29 -0.17 2.23
N GLY A 62 -7.81 -0.19 0.98
CA GLY A 62 -7.97 0.97 0.11
C GLY A 62 -6.61 1.46 -0.38
N ASP A 63 -5.62 1.37 0.50
CA ASP A 63 -4.27 1.80 0.16
C ASP A 63 -3.86 1.19 -1.18
N GLN A 64 -4.01 1.99 -2.23
CA GLN A 64 -3.66 1.54 -3.56
C GLN A 64 -2.16 1.71 -3.80
N ILE A 65 -1.51 0.61 -4.14
CA ILE A 65 -0.09 0.61 -4.40
C ILE A 65 0.18 1.21 -5.78
N VAL A 66 0.73 2.41 -5.79
CA VAL A 66 1.03 3.10 -7.03
C VAL A 66 2.52 2.95 -7.34
N GLU A 67 3.30 2.72 -6.29
CA GLU A 67 4.73 2.55 -6.44
C GLU A 67 5.27 1.62 -5.35
N VAL A 68 6.33 0.89 -5.72
CA VAL A 68 6.94 -0.04 -4.78
C VAL A 68 8.44 -0.13 -5.08
N ASN A 69 9.24 0.20 -4.06
CA ASN A 69 10.68 0.16 -4.19
C ASN A 69 11.08 0.94 -5.44
N GLY A 70 10.24 1.90 -5.80
CA GLY A 70 10.51 2.72 -6.96
C GLY A 70 9.98 2.07 -8.24
N VAL A 71 9.03 1.17 -8.05
CA VAL A 71 8.42 0.46 -9.17
C VAL A 71 7.13 1.17 -9.59
N ASP A 72 6.73 0.92 -10.83
CA ASP A 72 5.52 1.53 -11.36
C ASP A 72 4.34 0.57 -11.14
N PHE A 73 3.68 0.74 -10.02
CA PHE A 73 2.54 -0.10 -9.68
C PHE A 73 1.23 0.60 -10.05
N SER A 74 1.35 1.60 -10.90
CA SER A 74 0.18 2.35 -11.34
C SER A 74 -0.72 1.46 -12.21
N ASN A 75 -0.07 0.54 -12.90
CA ASN A 75 -0.80 -0.39 -13.76
C ASN A 75 -0.07 -1.72 -13.81
N LEU A 76 0.13 -2.29 -12.63
CA LEU A 76 0.82 -3.57 -12.52
C LEU A 76 -0.21 -4.70 -12.61
N ASP A 77 0.25 -5.89 -12.25
CA ASP A 77 -0.61 -7.06 -12.28
C ASP A 77 -0.50 -7.81 -10.95
N HIS A 78 -1.39 -8.78 -10.78
CA HIS A 78 -1.40 -9.57 -9.56
C HIS A 78 -0.18 -10.51 -9.55
N LYS A 79 0.54 -10.51 -10.67
CA LYS A 79 1.72 -11.35 -10.79
C LYS A 79 2.97 -10.47 -10.78
N GLU A 80 2.84 -9.31 -11.40
CA GLU A 80 3.95 -8.37 -11.46
C GLU A 80 4.08 -7.62 -10.14
N ALA A 81 2.93 -7.28 -9.56
CA ALA A 81 2.90 -6.57 -8.30
C ALA A 81 3.39 -7.49 -7.18
N VAL A 82 3.12 -8.78 -7.37
CA VAL A 82 3.53 -9.77 -6.39
C VAL A 82 5.01 -10.09 -6.57
N ASN A 83 5.38 -10.34 -7.82
CA ASN A 83 6.76 -10.66 -8.15
C ASN A 83 7.67 -9.56 -7.62
N VAL A 84 7.27 -8.32 -7.86
CA VAL A 84 8.04 -7.17 -7.42
C VAL A 84 8.00 -7.10 -5.89
N LEU A 85 6.94 -7.68 -5.34
CA LEU A 85 6.77 -7.68 -3.89
C LEU A 85 7.62 -8.80 -3.28
N LYS A 86 7.62 -9.94 -3.97
CA LYS A 86 8.38 -11.08 -3.51
C LYS A 86 9.83 -10.96 -3.99
N SER A 87 10.08 -9.88 -4.73
CA SER A 87 11.41 -9.63 -5.25
C SER A 87 12.43 -9.61 -4.10
N SER A 88 12.30 -8.61 -3.25
CA SER A 88 13.19 -8.47 -2.11
C SER A 88 12.39 -8.30 -0.83
N ARG A 89 13.11 -8.23 0.28
CA ARG A 89 12.48 -8.07 1.58
C ARG A 89 12.15 -6.59 1.83
N SER A 90 13.19 -5.78 1.80
CA SER A 90 13.03 -4.35 2.01
C SER A 90 12.51 -3.68 0.74
N LEU A 91 11.25 -3.26 0.82
CA LEU A 91 10.61 -2.61 -0.32
C LEU A 91 9.89 -1.34 0.17
N THR A 92 9.93 -0.31 -0.66
CA THR A 92 9.29 0.94 -0.33
C THR A 92 7.98 1.09 -1.11
N ILE A 93 6.89 0.82 -0.42
CA ILE A 93 5.58 0.93 -1.03
C ILE A 93 5.04 2.35 -0.85
N SER A 94 4.53 2.90 -1.94
CA SER A 94 3.99 4.25 -1.92
C SER A 94 2.49 4.21 -2.20
N ILE A 95 1.72 4.35 -1.13
CA ILE A 95 0.26 4.34 -1.25
C ILE A 95 -0.26 5.77 -1.11
N VAL A 96 -1.54 5.93 -1.45
CA VAL A 96 -2.17 7.23 -1.38
C VAL A 96 -3.11 7.26 -0.16
N ALA A 97 -2.73 6.49 0.85
CA ALA A 97 -3.52 6.42 2.07
C ALA A 97 -5.00 6.29 1.72
N ALA A 98 -5.45 5.05 1.68
CA ALA A 98 -6.84 4.76 1.35
C ALA A 98 -7.20 5.44 0.02
N ALA A 99 -6.40 5.13 -0.99
CA ALA A 99 -6.62 5.69 -2.31
C ALA A 99 -7.99 5.24 -2.83
N GLY A 100 -8.07 3.96 -3.15
CA GLY A 100 -9.31 3.39 -3.66
C GLY A 100 -10.04 2.61 -2.57
N ARG A 101 -10.38 3.32 -1.50
CA ARG A 101 -11.08 2.71 -0.40
C ARG A 101 -12.53 2.38 -0.79
N GLU A 102 -13.02 3.13 -1.75
CA GLU A 102 -14.38 2.94 -2.24
C GLU A 102 -14.51 1.59 -2.93
N LEU A 103 -13.39 1.13 -3.48
CA LEU A 103 -13.36 -0.15 -4.17
C LEU A 103 -13.92 -1.23 -3.25
N PHE A 104 -13.57 -1.12 -1.98
CA PHE A 104 -14.01 -2.09 -0.99
C PHE A 104 -15.11 -1.49 -0.11
N MET A 105 -16.15 -1.00 -0.76
CA MET A 105 -17.27 -0.39 -0.05
C MET A 105 -18.18 -1.48 0.54
N THR A 106 -18.69 -2.31 -0.36
CA THR A 106 -19.58 -3.39 0.05
C THR A 106 -20.87 -2.81 0.66
N ASP A 107 -21.98 -3.08 -0.01
CA ASP A 107 -23.27 -2.60 0.45
C ASP A 107 -24.22 -3.78 0.59
N ARG A 108 -25.01 -3.74 1.66
CA ARG A 108 -25.97 -4.79 1.92
C ARG A 108 -26.79 -4.47 3.18
N SER A 109 -28.01 -4.96 3.19
CA SER A 109 -28.90 -4.74 4.32
C SER A 109 -28.88 -5.95 5.26
N GLY A 110 -28.83 -5.66 6.54
CA GLY A 110 -28.81 -6.71 7.54
C GLY A 110 -27.59 -6.57 8.47
N PRO A 111 -27.80 -5.83 9.58
CA PRO A 111 -26.74 -5.62 10.55
C PRO A 111 -26.48 -6.87 11.38
N SER A 112 -25.20 -7.15 11.61
CA SER A 112 -24.81 -8.32 12.38
C SER A 112 -23.60 -7.99 13.25
N SER A 113 -23.75 -8.24 14.54
CA SER A 113 -22.67 -7.98 15.48
C SER A 113 -21.85 -9.25 15.70
N GLY A 114 -20.54 -9.11 15.53
CA GLY A 114 -19.64 -10.24 15.71
C GLY A 114 -19.92 -10.97 17.02
N GLY A 1 32.60 29.21 -1.29
CA GLY A 1 31.96 28.72 -2.50
C GLY A 1 31.06 29.79 -3.11
N SER A 2 30.66 29.55 -4.35
CA SER A 2 29.80 30.49 -5.06
C SER A 2 28.87 29.72 -6.01
N SER A 3 27.79 30.39 -6.38
CA SER A 3 26.81 29.79 -7.27
C SER A 3 26.28 28.49 -6.68
N GLY A 4 25.09 28.60 -6.09
CA GLY A 4 24.46 27.44 -5.47
C GLY A 4 23.41 27.87 -4.45
N SER A 5 22.29 27.17 -4.47
CA SER A 5 21.21 27.47 -3.54
C SER A 5 20.72 26.18 -2.88
N SER A 6 20.23 26.33 -1.65
CA SER A 6 19.72 25.19 -0.90
C SER A 6 18.22 25.02 -1.16
N GLY A 7 17.58 26.13 -1.49
CA GLY A 7 16.15 26.12 -1.75
C GLY A 7 15.37 25.54 -0.57
N SER A 8 14.07 25.76 -0.60
CA SER A 8 13.21 25.27 0.46
C SER A 8 12.45 24.03 -0.01
N PRO A 9 12.63 22.93 0.75
CA PRO A 9 11.96 21.67 0.42
C PRO A 9 10.47 21.72 0.78
N GLY A 10 10.21 22.07 2.03
CA GLY A 10 8.85 22.17 2.51
C GLY A 10 8.24 20.78 2.69
N ASN A 11 8.04 20.41 3.95
CA ASN A 11 7.46 19.11 4.28
C ASN A 11 5.98 19.29 4.60
N ARG A 12 5.16 18.63 3.80
CA ARG A 12 3.72 18.70 3.99
C ARG A 12 2.99 17.95 2.88
N GLU A 13 2.27 16.91 3.28
CA GLU A 13 1.52 16.10 2.33
C GLU A 13 0.69 15.05 3.07
N ASN A 14 -0.61 15.26 3.05
CA ASN A 14 -1.53 14.35 3.71
C ASN A 14 -1.65 13.06 2.88
N LYS A 15 -1.99 13.24 1.62
CA LYS A 15 -2.14 12.11 0.71
C LYS A 15 -0.74 11.59 0.33
N GLU A 16 -0.74 10.44 -0.32
CA GLU A 16 0.50 9.83 -0.75
C GLU A 16 1.44 9.67 0.43
N LYS A 17 1.41 8.49 1.04
CA LYS A 17 2.27 8.20 2.19
C LYS A 17 3.23 7.08 1.82
N LYS A 18 4.44 7.19 2.36
CA LYS A 18 5.47 6.20 2.12
C LYS A 18 5.42 5.13 3.20
N VAL A 19 5.50 3.88 2.76
CA VAL A 19 5.47 2.75 3.69
C VAL A 19 6.56 1.75 3.30
N PHE A 20 7.50 1.57 4.21
CA PHE A 20 8.60 0.64 3.98
C PHE A 20 8.30 -0.72 4.59
N ILE A 21 8.09 -1.70 3.71
CA ILE A 21 7.78 -3.04 4.15
C ILE A 21 9.02 -3.93 3.92
N SER A 22 9.63 -4.32 5.03
CA SER A 22 10.81 -5.16 4.97
C SER A 22 10.50 -6.54 5.55
N LEU A 23 10.94 -7.56 4.84
CA LEU A 23 10.72 -8.94 5.28
C LEU A 23 11.59 -9.23 6.50
N VAL A 24 11.29 -8.53 7.58
CA VAL A 24 12.04 -8.70 8.81
C VAL A 24 11.08 -8.64 10.01
N GLY A 25 11.65 -8.47 11.19
CA GLY A 25 10.86 -8.40 12.41
C GLY A 25 9.88 -9.58 12.49
N SER A 26 10.40 -10.76 12.22
CA SER A 26 9.58 -11.96 12.26
C SER A 26 8.21 -11.68 11.63
N ARG A 27 8.21 -11.60 10.31
CA ARG A 27 6.98 -11.34 9.58
C ARG A 27 7.18 -11.61 8.09
N GLY A 28 6.06 -11.79 7.40
CA GLY A 28 6.10 -12.06 5.97
C GLY A 28 4.91 -11.42 5.26
N LEU A 29 4.44 -10.31 5.83
CA LEU A 29 3.32 -9.59 5.26
C LEU A 29 2.03 -10.38 5.53
N GLY A 30 1.03 -9.68 6.03
CA GLY A 30 -0.24 -10.31 6.33
C GLY A 30 -1.39 -9.54 5.67
N CYS A 31 -1.06 -8.84 4.60
CA CYS A 31 -2.06 -8.07 3.88
C CYS A 31 -2.27 -8.71 2.51
N SER A 32 -3.50 -8.62 2.02
CA SER A 32 -3.85 -9.19 0.74
C SER A 32 -4.09 -8.07 -0.28
N ILE A 33 -3.58 -8.29 -1.49
CA ILE A 33 -3.73 -7.32 -2.55
C ILE A 33 -4.76 -7.82 -3.56
N SER A 34 -5.49 -6.88 -4.13
CA SER A 34 -6.51 -7.22 -5.11
C SER A 34 -6.32 -6.37 -6.38
N SER A 35 -6.90 -6.87 -7.46
CA SER A 35 -6.80 -6.18 -8.75
C SER A 35 -7.94 -5.17 -8.89
N GLY A 36 -7.64 -4.09 -9.59
CA GLY A 36 -8.63 -3.05 -9.81
C GLY A 36 -9.25 -3.16 -11.21
N PRO A 37 -10.42 -2.50 -11.37
CA PRO A 37 -11.11 -2.51 -12.65
C PRO A 37 -10.42 -1.61 -13.67
N ILE A 38 -11.09 -1.42 -14.79
CA ILE A 38 -10.56 -0.57 -15.85
C ILE A 38 -10.65 0.90 -15.42
N GLN A 39 -11.67 1.18 -14.62
CA GLN A 39 -11.88 2.54 -14.13
C GLN A 39 -10.92 2.85 -12.99
N LYS A 40 -10.56 1.80 -12.25
CA LYS A 40 -9.65 1.95 -11.14
C LYS A 40 -8.63 0.80 -11.15
N PRO A 41 -7.83 0.76 -12.26
CA PRO A 41 -6.82 -0.27 -12.41
C PRO A 41 -5.61 0.01 -11.52
N GLY A 42 -5.00 -1.07 -11.04
CA GLY A 42 -3.85 -0.96 -10.17
C GLY A 42 -3.88 -2.02 -9.07
N ILE A 43 -3.12 -1.76 -8.02
CA ILE A 43 -3.06 -2.69 -6.90
C ILE A 43 -3.63 -2.01 -5.66
N PHE A 44 -4.61 -2.68 -5.06
CA PHE A 44 -5.26 -2.15 -3.88
C PHE A 44 -5.39 -3.23 -2.80
N ILE A 45 -5.09 -2.84 -1.57
CA ILE A 45 -5.16 -3.76 -0.44
C ILE A 45 -6.61 -4.23 -0.27
N SER A 46 -6.75 -5.49 0.10
CA SER A 46 -8.06 -6.08 0.31
C SER A 46 -8.27 -6.38 1.79
N HIS A 47 -7.19 -6.80 2.43
CA HIS A 47 -7.25 -7.13 3.84
C HIS A 47 -5.84 -7.03 4.45
N VAL A 48 -5.81 -6.67 5.73
CA VAL A 48 -4.55 -6.53 6.43
C VAL A 48 -4.76 -6.84 7.92
N LYS A 49 -4.05 -7.86 8.38
CA LYS A 49 -4.15 -8.27 9.77
C LYS A 49 -3.55 -7.18 10.66
N PRO A 50 -4.06 -7.11 11.91
CA PRO A 50 -3.58 -6.12 12.87
C PRO A 50 -2.21 -6.52 13.42
N GLY A 51 -1.32 -5.54 13.46
CA GLY A 51 0.02 -5.77 13.96
C GLY A 51 0.91 -6.41 12.89
N SER A 52 0.28 -6.75 11.77
CA SER A 52 0.99 -7.37 10.68
C SER A 52 2.15 -6.47 10.23
N LEU A 53 2.74 -6.82 9.10
CA LEU A 53 3.86 -6.07 8.56
C LEU A 53 3.32 -4.78 7.91
N SER A 54 2.04 -4.80 7.62
CA SER A 54 1.40 -3.65 7.00
C SER A 54 0.75 -2.78 8.07
N ALA A 55 0.03 -3.43 8.97
CA ALA A 55 -0.65 -2.73 10.05
C ALA A 55 0.38 -1.95 10.87
N GLU A 56 1.55 -2.54 11.00
CA GLU A 56 2.62 -1.92 11.76
C GLU A 56 2.99 -0.58 11.15
N VAL A 57 2.81 -0.48 9.83
CA VAL A 57 3.12 0.74 9.12
C VAL A 57 1.87 1.63 9.07
N GLY A 58 0.74 1.02 9.39
CA GLY A 58 -0.53 1.73 9.38
C GLY A 58 -1.27 1.54 8.06
N LEU A 59 -1.00 0.40 7.43
CA LEU A 59 -1.63 0.07 6.17
C LEU A 59 -3.09 -0.35 6.43
N GLU A 60 -3.95 0.07 5.52
CA GLU A 60 -5.37 -0.25 5.63
C GLU A 60 -5.96 -0.58 4.25
N ILE A 61 -7.19 -1.04 4.27
CA ILE A 61 -7.87 -1.39 3.03
C ILE A 61 -8.13 -0.12 2.22
N GLY A 62 -7.80 -0.20 0.94
CA GLY A 62 -7.98 0.93 0.05
C GLY A 62 -6.63 1.47 -0.45
N ASP A 63 -5.64 1.37 0.43
CA ASP A 63 -4.30 1.84 0.10
C ASP A 63 -3.86 1.23 -1.23
N GLN A 64 -4.00 2.01 -2.28
CA GLN A 64 -3.62 1.55 -3.61
C GLN A 64 -2.13 1.74 -3.83
N ILE A 65 -1.46 0.63 -4.14
CA ILE A 65 -0.03 0.65 -4.37
C ILE A 65 0.26 1.30 -5.73
N VAL A 66 0.78 2.51 -5.66
CA VAL A 66 1.11 3.25 -6.88
C VAL A 66 2.59 3.05 -7.21
N GLU A 67 3.36 2.72 -6.18
CA GLU A 67 4.78 2.51 -6.35
C GLU A 67 5.30 1.53 -5.29
N VAL A 68 6.39 0.85 -5.63
CA VAL A 68 6.99 -0.11 -4.72
C VAL A 68 8.49 -0.20 -5.01
N ASN A 69 9.28 0.22 -4.03
CA ASN A 69 10.72 0.20 -4.17
C ASN A 69 11.14 1.03 -5.39
N GLY A 70 10.21 1.87 -5.82
CA GLY A 70 10.47 2.73 -6.96
C GLY A 70 9.84 2.15 -8.24
N VAL A 71 9.22 1.00 -8.08
CA VAL A 71 8.58 0.33 -9.20
C VAL A 71 7.26 1.04 -9.52
N ASP A 72 6.95 1.07 -10.81
CA ASP A 72 5.72 1.72 -11.26
C ASP A 72 4.55 0.74 -11.14
N PHE A 73 3.90 0.78 -9.98
CA PHE A 73 2.78 -0.10 -9.74
C PHE A 73 1.47 0.53 -10.22
N SER A 74 1.58 1.26 -11.32
CA SER A 74 0.41 1.92 -11.89
C SER A 74 -0.54 0.88 -12.49
N ASN A 75 -0.05 0.22 -13.54
CA ASN A 75 -0.86 -0.81 -14.20
C ASN A 75 -0.13 -2.15 -14.11
N LEU A 76 0.18 -2.53 -12.88
CA LEU A 76 0.86 -3.79 -12.63
C LEU A 76 -0.15 -4.93 -12.65
N ASP A 77 0.29 -6.09 -12.16
CA ASP A 77 -0.57 -7.26 -12.12
C ASP A 77 -0.41 -7.94 -10.75
N HIS A 78 -1.30 -8.89 -10.50
CA HIS A 78 -1.27 -9.64 -9.25
C HIS A 78 -0.05 -10.55 -9.23
N LYS A 79 0.63 -10.62 -10.37
CA LYS A 79 1.81 -11.45 -10.49
C LYS A 79 3.06 -10.57 -10.56
N GLU A 80 2.91 -9.44 -11.23
CA GLU A 80 4.00 -8.50 -11.36
C GLU A 80 4.21 -7.72 -10.07
N ALA A 81 3.09 -7.40 -9.43
CA ALA A 81 3.14 -6.66 -8.18
C ALA A 81 3.65 -7.58 -7.07
N VAL A 82 3.17 -8.82 -7.10
CA VAL A 82 3.58 -9.80 -6.10
C VAL A 82 5.07 -10.09 -6.25
N ASN A 83 5.46 -10.42 -7.48
CA ASN A 83 6.84 -10.73 -7.77
C ASN A 83 7.73 -9.57 -7.28
N VAL A 84 7.30 -8.37 -7.63
CA VAL A 84 8.04 -7.18 -7.23
C VAL A 84 7.96 -7.01 -5.72
N LEU A 85 6.94 -7.62 -5.14
CA LEU A 85 6.74 -7.55 -3.70
C LEU A 85 7.57 -8.64 -3.01
N LYS A 86 7.72 -9.75 -3.73
CA LYS A 86 8.48 -10.88 -3.21
C LYS A 86 9.91 -10.82 -3.76
N SER A 87 10.15 -9.81 -4.58
CA SER A 87 11.46 -9.64 -5.19
C SER A 87 12.54 -9.63 -4.10
N SER A 88 12.54 -8.55 -3.32
CA SER A 88 13.51 -8.40 -2.25
C SER A 88 12.78 -8.35 -0.90
N ARG A 89 13.58 -8.19 0.15
CA ARG A 89 13.03 -8.13 1.50
C ARG A 89 12.55 -6.70 1.81
N SER A 90 13.49 -5.77 1.69
CA SER A 90 13.18 -4.38 1.96
C SER A 90 12.61 -3.71 0.71
N LEU A 91 11.37 -3.26 0.83
CA LEU A 91 10.69 -2.61 -0.29
C LEU A 91 9.98 -1.36 0.22
N THR A 92 9.93 -0.35 -0.64
CA THR A 92 9.28 0.90 -0.30
C THR A 92 7.97 1.06 -1.09
N ILE A 93 6.87 0.77 -0.41
CA ILE A 93 5.56 0.89 -1.04
C ILE A 93 5.03 2.30 -0.84
N SER A 94 4.47 2.84 -1.93
CA SER A 94 3.93 4.19 -1.89
C SER A 94 2.42 4.14 -2.19
N ILE A 95 1.63 4.30 -1.14
CA ILE A 95 0.18 4.28 -1.29
C ILE A 95 -0.34 5.71 -1.28
N VAL A 96 -1.64 5.84 -1.51
CA VAL A 96 -2.28 7.14 -1.53
C VAL A 96 -3.26 7.24 -0.37
N ALA A 97 -2.92 6.56 0.72
CA ALA A 97 -3.77 6.56 1.90
C ALA A 97 -5.22 6.35 1.48
N ALA A 98 -5.66 5.11 1.55
CA ALA A 98 -7.03 4.77 1.18
C ALA A 98 -7.37 5.43 -0.15
N ALA A 99 -6.59 5.10 -1.16
CA ALA A 99 -6.80 5.65 -2.50
C ALA A 99 -8.14 5.15 -3.04
N GLY A 100 -8.17 3.86 -3.35
CA GLY A 100 -9.38 3.26 -3.89
C GLY A 100 -10.07 2.39 -2.83
N ARG A 101 -10.45 3.03 -1.74
CA ARG A 101 -11.11 2.33 -0.66
C ARG A 101 -12.54 1.96 -1.06
N GLU A 102 -13.13 2.80 -1.89
CA GLU A 102 -14.48 2.58 -2.36
C GLU A 102 -14.57 1.26 -3.14
N LEU A 103 -13.43 0.87 -3.69
CA LEU A 103 -13.35 -0.37 -4.46
C LEU A 103 -13.88 -1.53 -3.60
N PHE A 104 -13.79 -1.34 -2.29
CA PHE A 104 -14.26 -2.35 -1.36
C PHE A 104 -15.47 -1.86 -0.57
N MET A 105 -16.51 -1.50 -1.30
CA MET A 105 -17.73 -1.01 -0.67
C MET A 105 -18.86 -2.03 -0.78
N THR A 106 -18.85 -2.97 0.16
CA THR A 106 -19.86 -4.02 0.19
C THR A 106 -20.03 -4.56 1.60
N ASP A 107 -19.02 -5.29 2.05
CA ASP A 107 -19.05 -5.88 3.38
C ASP A 107 -20.06 -7.02 3.41
N ARG A 108 -19.66 -8.11 4.05
CA ARG A 108 -20.52 -9.27 4.16
C ARG A 108 -19.88 -10.31 5.08
N SER A 109 -20.47 -10.47 6.26
CA SER A 109 -19.98 -11.43 7.23
C SER A 109 -20.66 -12.78 7.02
N GLY A 110 -20.06 -13.80 7.63
CA GLY A 110 -20.60 -15.15 7.52
C GLY A 110 -19.71 -16.15 8.26
N PRO A 111 -20.01 -16.33 9.57
CA PRO A 111 -19.25 -17.25 10.40
C PRO A 111 -19.62 -18.69 10.10
N SER A 112 -20.89 -19.02 10.37
CA SER A 112 -21.39 -20.36 10.14
C SER A 112 -21.80 -20.51 8.67
N SER A 113 -20.92 -21.12 7.90
CA SER A 113 -21.19 -21.33 6.48
C SER A 113 -21.84 -22.70 6.26
N GLY A 114 -23.13 -22.67 5.98
CA GLY A 114 -23.87 -23.91 5.76
C GLY A 114 -23.18 -24.78 4.71
N GLY A 1 14.05 41.37 -19.76
CA GLY A 1 12.62 41.31 -19.96
C GLY A 1 11.95 40.47 -18.86
N SER A 2 11.68 41.14 -17.74
CA SER A 2 11.06 40.47 -16.61
C SER A 2 11.97 39.37 -16.07
N SER A 3 12.17 39.41 -14.77
CA SER A 3 13.03 38.42 -14.12
C SER A 3 13.06 38.68 -12.61
N GLY A 4 12.46 37.74 -11.87
CA GLY A 4 12.42 37.86 -10.42
C GLY A 4 11.49 36.79 -9.82
N SER A 5 12.10 35.71 -9.36
CA SER A 5 11.34 34.63 -8.77
C SER A 5 12.14 34.00 -7.62
N SER A 6 11.52 34.00 -6.44
CA SER A 6 12.17 33.43 -5.27
C SER A 6 11.54 32.08 -4.93
N GLY A 7 11.05 31.41 -5.97
CA GLY A 7 10.43 30.11 -5.80
C GLY A 7 8.95 30.25 -5.47
N SER A 8 8.22 29.16 -5.68
CA SER A 8 6.79 29.16 -5.41
C SER A 8 6.47 28.11 -4.34
N PRO A 9 6.18 28.61 -3.11
CA PRO A 9 5.85 27.73 -2.00
C PRO A 9 4.44 27.16 -2.14
N GLY A 10 4.20 26.07 -1.44
CA GLY A 10 2.90 25.42 -1.47
C GLY A 10 3.05 23.90 -1.49
N ASN A 11 2.61 23.29 -0.40
CA ASN A 11 2.68 21.84 -0.28
C ASN A 11 2.05 21.41 1.05
N ARG A 12 1.29 20.33 0.98
CA ARG A 12 0.63 19.81 2.17
C ARG A 12 0.85 18.30 2.27
N GLU A 13 0.83 17.82 3.51
CA GLU A 13 1.02 16.40 3.76
C GLU A 13 -0.29 15.75 4.23
N ASN A 14 -0.66 14.68 3.55
CA ASN A 14 -1.88 13.97 3.89
C ASN A 14 -2.04 12.77 2.94
N LYS A 15 -2.11 13.08 1.66
CA LYS A 15 -2.27 12.04 0.65
C LYS A 15 -0.89 11.56 0.19
N GLU A 16 -0.89 10.50 -0.58
CA GLU A 16 0.34 9.93 -1.09
C GLU A 16 1.36 9.79 0.04
N LYS A 17 1.25 8.68 0.76
CA LYS A 17 2.15 8.40 1.86
C LYS A 17 3.07 7.24 1.50
N LYS A 18 4.31 7.33 1.96
CA LYS A 18 5.28 6.28 1.68
C LYS A 18 5.30 5.29 2.86
N VAL A 19 5.40 4.02 2.52
CA VAL A 19 5.43 2.97 3.53
C VAL A 19 6.43 1.90 3.11
N PHE A 20 7.38 1.65 3.98
CA PHE A 20 8.40 0.64 3.72
C PHE A 20 8.04 -0.70 4.36
N ILE A 21 7.96 -1.72 3.52
CA ILE A 21 7.62 -3.05 3.99
C ILE A 21 8.86 -3.94 3.93
N SER A 22 9.27 -4.42 5.10
CA SER A 22 10.43 -5.28 5.18
C SER A 22 10.01 -6.70 5.55
N LEU A 23 10.22 -7.61 4.61
CA LEU A 23 9.86 -9.01 4.81
C LEU A 23 10.98 -9.71 5.59
N VAL A 24 11.26 -9.18 6.77
CA VAL A 24 12.29 -9.73 7.61
C VAL A 24 11.71 -10.03 9.00
N GLY A 25 12.48 -10.79 9.77
CA GLY A 25 12.05 -11.16 11.11
C GLY A 25 10.86 -12.13 11.06
N SER A 26 10.22 -12.29 12.20
CA SER A 26 9.07 -13.17 12.30
C SER A 26 7.82 -12.46 11.79
N ARG A 27 7.81 -12.23 10.48
CA ARG A 27 6.67 -11.57 9.86
C ARG A 27 6.90 -11.45 8.35
N GLY A 28 5.99 -12.08 7.60
CA GLY A 28 6.07 -12.06 6.16
C GLY A 28 4.81 -11.46 5.54
N LEU A 29 4.53 -10.22 5.93
CA LEU A 29 3.37 -9.52 5.42
C LEU A 29 2.10 -10.25 5.88
N GLY A 30 1.02 -9.51 5.96
CA GLY A 30 -0.26 -10.07 6.37
C GLY A 30 -1.43 -9.26 5.82
N CYS A 31 -1.18 -8.64 4.67
CA CYS A 31 -2.21 -7.84 4.02
C CYS A 31 -2.52 -8.48 2.66
N SER A 32 -3.80 -8.42 2.31
CA SER A 32 -4.26 -8.98 1.04
C SER A 32 -4.39 -7.88 0.00
N ILE A 33 -3.94 -8.18 -1.21
CA ILE A 33 -4.00 -7.23 -2.31
C ILE A 33 -5.00 -7.74 -3.35
N SER A 34 -5.71 -6.78 -3.96
CA SER A 34 -6.68 -7.12 -4.98
C SER A 34 -6.41 -6.31 -6.24
N SER A 35 -6.59 -6.96 -7.37
CA SER A 35 -6.37 -6.32 -8.66
C SER A 35 -7.57 -5.44 -9.02
N GLY A 36 -7.27 -4.18 -9.34
CA GLY A 36 -8.31 -3.24 -9.69
C GLY A 36 -8.84 -3.51 -11.09
N PRO A 37 -10.01 -2.87 -11.40
CA PRO A 37 -10.64 -3.05 -12.70
C PRO A 37 -9.89 -2.26 -13.78
N ILE A 38 -10.46 -2.25 -14.97
CA ILE A 38 -9.86 -1.55 -16.09
C ILE A 38 -9.98 -0.04 -15.87
N GLN A 39 -11.04 0.34 -15.17
CA GLN A 39 -11.28 1.75 -14.88
C GLN A 39 -10.39 2.21 -13.73
N LYS A 40 -10.05 1.27 -12.85
CA LYS A 40 -9.21 1.57 -11.71
C LYS A 40 -8.19 0.44 -11.53
N PRO A 41 -7.33 0.26 -12.56
CA PRO A 41 -6.32 -0.78 -12.52
C PRO A 41 -5.17 -0.37 -11.59
N GLY A 42 -4.62 -1.38 -10.91
CA GLY A 42 -3.53 -1.16 -9.99
C GLY A 42 -3.51 -2.21 -8.89
N ILE A 43 -2.95 -1.82 -7.74
CA ILE A 43 -2.87 -2.72 -6.61
C ILE A 43 -3.47 -2.03 -5.38
N PHE A 44 -4.41 -2.73 -4.77
CA PHE A 44 -5.08 -2.21 -3.59
C PHE A 44 -5.17 -3.26 -2.49
N ILE A 45 -5.19 -2.79 -1.25
CA ILE A 45 -5.28 -3.69 -0.10
C ILE A 45 -6.74 -4.06 0.14
N SER A 46 -6.94 -5.31 0.52
CA SER A 46 -8.28 -5.81 0.78
C SER A 46 -8.44 -6.07 2.29
N HIS A 47 -7.37 -6.54 2.90
CA HIS A 47 -7.39 -6.83 4.32
C HIS A 47 -5.97 -6.81 4.87
N VAL A 48 -5.87 -6.57 6.16
CA VAL A 48 -4.56 -6.52 6.83
C VAL A 48 -4.72 -6.97 8.28
N LYS A 49 -3.80 -7.81 8.70
CA LYS A 49 -3.82 -8.33 10.07
C LYS A 49 -3.42 -7.21 11.03
N PRO A 50 -4.02 -7.26 12.25
CA PRO A 50 -3.74 -6.25 13.27
C PRO A 50 -2.36 -6.49 13.90
N GLY A 51 -1.35 -6.50 13.03
CA GLY A 51 0.01 -6.70 13.49
C GLY A 51 0.88 -7.28 12.37
N SER A 52 0.72 -6.71 11.18
CA SER A 52 1.48 -7.15 10.03
C SER A 52 2.40 -6.03 9.54
N LEU A 53 3.09 -6.30 8.45
CA LEU A 53 4.01 -5.33 7.88
C LEU A 53 3.23 -4.09 7.46
N SER A 54 1.91 -4.25 7.39
CA SER A 54 1.04 -3.16 6.99
C SER A 54 0.55 -2.41 8.24
N ALA A 55 0.20 -3.19 9.26
CA ALA A 55 -0.29 -2.62 10.50
C ALA A 55 0.82 -1.78 11.14
N GLU A 56 2.02 -2.34 11.14
CA GLU A 56 3.16 -1.65 11.71
C GLU A 56 3.29 -0.25 11.11
N VAL A 57 2.93 -0.14 9.84
CA VAL A 57 3.00 1.14 9.15
C VAL A 57 1.66 1.86 9.28
N GLY A 58 0.63 1.07 9.59
CA GLY A 58 -0.71 1.62 9.75
C GLY A 58 -1.48 1.56 8.43
N LEU A 59 -1.09 0.61 7.59
CA LEU A 59 -1.73 0.44 6.30
C LEU A 59 -3.18 -0.02 6.51
N GLU A 60 -4.06 0.55 5.72
CA GLU A 60 -5.47 0.21 5.81
C GLU A 60 -6.03 -0.17 4.44
N ILE A 61 -7.23 -0.71 4.44
CA ILE A 61 -7.87 -1.12 3.20
C ILE A 61 -8.09 0.11 2.31
N GLY A 62 -7.84 -0.09 1.03
CA GLY A 62 -8.01 1.00 0.06
C GLY A 62 -6.65 1.52 -0.41
N ASP A 63 -5.69 1.48 0.51
CA ASP A 63 -4.35 1.95 0.20
C ASP A 63 -3.88 1.30 -1.11
N GLN A 64 -4.04 2.05 -2.19
CA GLN A 64 -3.63 1.57 -3.50
C GLN A 64 -2.14 1.79 -3.72
N ILE A 65 -1.46 0.72 -4.09
CA ILE A 65 -0.02 0.79 -4.32
C ILE A 65 0.23 1.36 -5.73
N VAL A 66 0.73 2.58 -5.75
CA VAL A 66 1.02 3.24 -7.00
C VAL A 66 2.51 3.09 -7.32
N GLU A 67 3.30 2.93 -6.27
CA GLU A 67 4.73 2.78 -6.42
C GLU A 67 5.28 1.81 -5.36
N VAL A 68 6.39 1.18 -5.71
CA VAL A 68 7.01 0.24 -4.80
C VAL A 68 8.52 0.17 -5.09
N ASN A 69 9.29 0.66 -4.14
CA ASN A 69 10.74 0.66 -4.28
C ASN A 69 11.12 1.36 -5.59
N GLY A 70 10.23 2.24 -6.04
CA GLY A 70 10.45 2.96 -7.27
C GLY A 70 9.90 2.19 -8.48
N VAL A 71 9.02 1.25 -8.18
CA VAL A 71 8.43 0.43 -9.22
C VAL A 71 7.02 0.97 -9.54
N ASP A 72 6.76 1.13 -10.83
CA ASP A 72 5.48 1.63 -11.27
C ASP A 72 4.40 0.58 -11.00
N PHE A 73 3.89 0.62 -9.78
CA PHE A 73 2.87 -0.33 -9.37
C PHE A 73 1.47 0.21 -9.71
N SER A 74 1.44 1.17 -10.61
CA SER A 74 0.19 1.78 -11.02
C SER A 74 -0.57 0.83 -11.95
N ASN A 75 0.12 0.43 -13.02
CA ASN A 75 -0.47 -0.47 -13.99
C ASN A 75 0.25 -1.82 -13.94
N LEU A 76 0.40 -2.32 -12.72
CA LEU A 76 1.07 -3.60 -12.52
C LEU A 76 0.04 -4.72 -12.57
N ASP A 77 0.46 -5.89 -12.11
CA ASP A 77 -0.41 -7.06 -12.10
C ASP A 77 -0.34 -7.74 -10.73
N HIS A 78 -1.25 -8.67 -10.52
CA HIS A 78 -1.30 -9.40 -9.27
C HIS A 78 -0.11 -10.36 -9.18
N LYS A 79 0.62 -10.44 -10.28
CA LYS A 79 1.78 -11.30 -10.34
C LYS A 79 3.06 -10.45 -10.37
N GLU A 80 2.96 -9.32 -11.06
CA GLU A 80 4.09 -8.41 -11.17
C GLU A 80 4.25 -7.61 -9.88
N ALA A 81 3.12 -7.26 -9.29
CA ALA A 81 3.12 -6.50 -8.05
C ALA A 81 3.60 -7.39 -6.91
N VAL A 82 3.23 -8.67 -6.99
CA VAL A 82 3.61 -9.63 -5.98
C VAL A 82 5.06 -10.07 -6.21
N ASN A 83 5.40 -10.18 -7.48
CA ASN A 83 6.74 -10.59 -7.86
C ASN A 83 7.75 -9.55 -7.37
N VAL A 84 7.42 -8.29 -7.63
CA VAL A 84 8.28 -7.20 -7.21
C VAL A 84 8.24 -7.06 -5.70
N LEU A 85 7.08 -7.36 -5.14
CA LEU A 85 6.90 -7.28 -3.70
C LEU A 85 7.63 -8.45 -3.03
N LYS A 86 7.61 -9.59 -3.69
CA LYS A 86 8.27 -10.78 -3.18
C LYS A 86 9.71 -10.82 -3.69
N SER A 87 10.03 -9.85 -4.53
CA SER A 87 11.37 -9.75 -5.10
C SER A 87 12.40 -9.65 -3.98
N SER A 88 12.27 -8.58 -3.20
CA SER A 88 13.18 -8.35 -2.09
C SER A 88 12.42 -8.30 -0.77
N ARG A 89 13.14 -8.01 0.29
CA ARG A 89 12.54 -7.93 1.62
C ARG A 89 12.09 -6.51 1.92
N SER A 90 13.05 -5.59 1.81
CA SER A 90 12.77 -4.19 2.07
C SER A 90 12.34 -3.49 0.77
N LEU A 91 11.14 -2.94 0.81
CA LEU A 91 10.61 -2.24 -0.35
C LEU A 91 9.85 -0.99 0.11
N THR A 92 9.99 0.06 -0.69
CA THR A 92 9.33 1.33 -0.37
C THR A 92 8.03 1.46 -1.16
N ILE A 93 6.93 1.18 -0.48
CA ILE A 93 5.62 1.27 -1.10
C ILE A 93 5.07 2.69 -0.92
N SER A 94 4.37 3.15 -1.95
CA SER A 94 3.79 4.48 -1.93
C SER A 94 2.28 4.40 -2.19
N ILE A 95 1.51 4.54 -1.12
CA ILE A 95 0.07 4.47 -1.22
C ILE A 95 -0.49 5.90 -1.21
N VAL A 96 -1.77 6.00 -1.56
CA VAL A 96 -2.44 7.29 -1.59
C VAL A 96 -3.47 7.34 -0.46
N ALA A 97 -3.12 6.72 0.65
CA ALA A 97 -4.00 6.70 1.80
C ALA A 97 -5.42 6.35 1.35
N ALA A 98 -5.74 5.06 1.44
CA ALA A 98 -7.06 4.58 1.04
C ALA A 98 -7.44 5.24 -0.29
N ALA A 99 -6.63 4.99 -1.29
CA ALA A 99 -6.87 5.56 -2.62
C ALA A 99 -8.21 5.01 -3.15
N GLY A 100 -8.28 3.69 -3.22
CA GLY A 100 -9.47 3.03 -3.71
C GLY A 100 -10.15 2.24 -2.61
N ARG A 101 -10.52 2.94 -1.54
CA ARG A 101 -11.17 2.31 -0.41
C ARG A 101 -12.59 1.90 -0.78
N GLU A 102 -13.22 2.74 -1.60
CA GLU A 102 -14.58 2.48 -2.04
C GLU A 102 -14.67 1.12 -2.73
N LEU A 103 -13.56 0.74 -3.35
CA LEU A 103 -13.50 -0.53 -4.05
C LEU A 103 -13.93 -1.65 -3.12
N PHE A 104 -13.53 -1.52 -1.86
CA PHE A 104 -13.86 -2.52 -0.86
C PHE A 104 -15.00 -2.02 0.04
N MET A 105 -16.07 -1.58 -0.60
CA MET A 105 -17.22 -1.07 0.14
C MET A 105 -18.10 -2.22 0.63
N THR A 106 -18.40 -2.19 1.92
CA THR A 106 -19.22 -3.21 2.54
C THR A 106 -18.55 -4.58 2.41
N ASP A 107 -18.40 -5.23 3.56
CA ASP A 107 -17.78 -6.54 3.59
C ASP A 107 -18.86 -7.60 3.85
N ARG A 108 -18.60 -8.79 3.32
CA ARG A 108 -19.53 -9.90 3.49
C ARG A 108 -18.81 -11.12 4.03
N SER A 109 -17.81 -11.57 3.28
CA SER A 109 -17.03 -12.72 3.67
C SER A 109 -16.36 -12.48 5.02
N GLY A 110 -16.88 -13.15 6.04
CA GLY A 110 -16.34 -13.01 7.39
C GLY A 110 -15.90 -14.37 7.94
N PRO A 111 -14.96 -14.31 8.92
CA PRO A 111 -14.44 -15.52 9.54
C PRO A 111 -15.47 -16.12 10.51
N SER A 112 -15.19 -17.34 10.94
CA SER A 112 -16.07 -18.03 11.87
C SER A 112 -17.49 -18.09 11.28
N SER A 113 -18.32 -18.91 11.92
CA SER A 113 -19.70 -19.07 11.47
C SER A 113 -19.74 -19.29 9.96
N GLY A 114 -19.53 -20.54 9.57
CA GLY A 114 -19.54 -20.89 8.16
C GLY A 114 -20.76 -20.32 7.46
N GLY A 1 31.11 30.37 19.92
CA GLY A 1 30.76 30.07 18.54
C GLY A 1 29.35 29.48 18.44
N SER A 2 28.61 29.96 17.45
CA SER A 2 27.25 29.50 17.23
C SER A 2 26.84 29.76 15.79
N SER A 3 25.73 29.13 15.40
CA SER A 3 25.21 29.30 14.06
C SER A 3 23.81 29.92 14.10
N GLY A 4 23.33 30.30 12.92
CA GLY A 4 22.01 30.91 12.81
C GLY A 4 21.27 30.40 11.58
N SER A 5 19.97 30.63 11.57
CA SER A 5 19.14 30.20 10.45
C SER A 5 17.95 31.14 10.31
N SER A 6 17.65 31.48 9.05
CA SER A 6 16.54 32.36 8.76
C SER A 6 15.54 31.67 7.84
N GLY A 7 15.47 30.35 7.98
CA GLY A 7 14.57 29.56 7.17
C GLY A 7 13.62 28.74 8.04
N SER A 8 12.41 28.55 7.53
CA SER A 8 11.41 27.79 8.26
C SER A 8 10.68 26.85 7.30
N PRO A 9 10.65 25.54 7.68
CA PRO A 9 9.99 24.53 6.86
C PRO A 9 8.46 24.64 7.00
N GLY A 10 7.78 23.75 6.30
CA GLY A 10 6.33 23.73 6.33
C GLY A 10 5.80 22.30 6.45
N ASN A 11 5.61 21.67 5.30
CA ASN A 11 5.12 20.30 5.27
C ASN A 11 3.70 20.27 5.83
N ARG A 12 2.88 19.40 5.25
CA ARG A 12 1.51 19.26 5.69
C ARG A 12 1.17 17.79 5.91
N GLU A 13 1.43 16.99 4.87
CA GLU A 13 1.16 15.56 4.94
C GLU A 13 -0.36 15.32 4.96
N ASN A 14 -0.76 14.32 4.19
CA ASN A 14 -2.17 13.97 4.12
C ASN A 14 -2.34 12.73 3.23
N LYS A 15 -2.09 12.93 1.94
CA LYS A 15 -2.20 11.85 0.98
C LYS A 15 -0.81 11.43 0.51
N GLU A 16 -0.77 10.33 -0.22
CA GLU A 16 0.50 9.83 -0.73
C GLU A 16 1.51 9.67 0.40
N LYS A 17 1.47 8.51 1.03
CA LYS A 17 2.38 8.22 2.14
C LYS A 17 3.34 7.10 1.73
N LYS A 18 4.57 7.23 2.19
CA LYS A 18 5.59 6.25 1.88
C LYS A 18 5.68 5.24 3.02
N VAL A 19 5.62 3.96 2.64
CA VAL A 19 5.68 2.90 3.62
C VAL A 19 6.75 1.88 3.19
N PHE A 20 7.62 1.55 4.13
CA PHE A 20 8.68 0.60 3.86
C PHE A 20 8.41 -0.74 4.55
N ILE A 21 8.22 -1.77 3.74
CA ILE A 21 7.95 -3.10 4.26
C ILE A 21 9.21 -3.95 4.13
N SER A 22 9.77 -4.29 5.28
CA SER A 22 10.97 -5.10 5.31
C SER A 22 10.63 -6.53 5.74
N LEU A 23 11.25 -7.48 5.06
CA LEU A 23 11.01 -8.88 5.34
C LEU A 23 12.34 -9.56 5.69
N VAL A 24 12.97 -9.06 6.74
CA VAL A 24 14.24 -9.61 7.18
C VAL A 24 14.02 -10.46 8.42
N GLY A 25 13.03 -10.07 9.21
CA GLY A 25 12.71 -10.80 10.43
C GLY A 25 11.23 -11.19 10.45
N SER A 26 10.69 -11.24 11.67
CA SER A 26 9.30 -11.60 11.84
C SER A 26 8.42 -10.79 10.90
N ARG A 27 7.13 -11.09 10.93
CA ARG A 27 6.17 -10.40 10.08
C ARG A 27 6.45 -10.71 8.61
N GLY A 28 5.43 -11.22 7.94
CA GLY A 28 5.55 -11.56 6.53
C GLY A 28 4.37 -11.02 5.73
N LEU A 29 3.99 -9.79 6.06
CA LEU A 29 2.88 -9.15 5.38
C LEU A 29 1.58 -9.92 5.67
N GLY A 30 0.74 -9.31 6.47
CA GLY A 30 -0.53 -9.92 6.84
C GLY A 30 -1.70 -9.20 6.16
N CYS A 31 -1.41 -8.61 5.01
CA CYS A 31 -2.42 -7.88 4.27
C CYS A 31 -2.55 -8.52 2.88
N SER A 32 -3.77 -8.50 2.36
CA SER A 32 -4.03 -9.08 1.06
C SER A 32 -4.22 -7.96 0.03
N ILE A 33 -3.67 -8.21 -1.16
CA ILE A 33 -3.77 -7.23 -2.24
C ILE A 33 -4.77 -7.73 -3.28
N SER A 34 -5.44 -6.77 -3.91
CA SER A 34 -6.42 -7.10 -4.93
C SER A 34 -6.07 -6.42 -6.25
N SER A 35 -6.76 -6.83 -7.30
CA SER A 35 -6.53 -6.28 -8.62
C SER A 35 -7.70 -5.39 -9.03
N GLY A 36 -7.38 -4.14 -9.36
CA GLY A 36 -8.39 -3.19 -9.78
C GLY A 36 -8.89 -3.49 -11.19
N PRO A 37 -10.07 -2.90 -11.53
CA PRO A 37 -10.65 -3.10 -12.84
C PRO A 37 -9.91 -2.30 -13.90
N ILE A 38 -10.48 -2.27 -15.10
CA ILE A 38 -9.88 -1.54 -16.21
C ILE A 38 -10.05 -0.04 -15.97
N GLN A 39 -11.12 0.31 -15.29
CA GLN A 39 -11.41 1.70 -15.00
C GLN A 39 -10.54 2.19 -13.85
N LYS A 40 -10.20 1.26 -12.97
CA LYS A 40 -9.37 1.58 -11.81
C LYS A 40 -8.35 0.45 -11.59
N PRO A 41 -7.47 0.27 -12.61
CA PRO A 41 -6.45 -0.75 -12.54
C PRO A 41 -5.32 -0.34 -11.59
N GLY A 42 -4.77 -1.34 -10.91
CA GLY A 42 -3.69 -1.09 -9.97
C GLY A 42 -3.61 -2.20 -8.92
N ILE A 43 -3.12 -1.82 -7.75
CA ILE A 43 -3.00 -2.76 -6.64
C ILE A 43 -3.51 -2.12 -5.36
N PHE A 44 -4.58 -2.70 -4.84
CA PHE A 44 -5.18 -2.19 -3.61
C PHE A 44 -5.28 -3.27 -2.55
N ILE A 45 -5.21 -2.85 -1.29
CA ILE A 45 -5.28 -3.78 -0.19
C ILE A 45 -6.73 -4.23 0.00
N SER A 46 -6.89 -5.53 0.23
CA SER A 46 -8.21 -6.10 0.42
C SER A 46 -8.48 -6.30 1.91
N HIS A 47 -7.45 -6.76 2.61
CA HIS A 47 -7.55 -7.00 4.04
C HIS A 47 -6.22 -6.69 4.72
N VAL A 48 -6.29 -6.51 6.03
CA VAL A 48 -5.09 -6.21 6.80
C VAL A 48 -5.21 -6.88 8.17
N LYS A 49 -4.29 -7.81 8.43
CA LYS A 49 -4.28 -8.51 9.69
C LYS A 49 -3.91 -7.55 10.81
N PRO A 50 -4.32 -7.91 12.06
CA PRO A 50 -4.05 -7.08 13.21
C PRO A 50 -2.59 -7.20 13.64
N GLY A 51 -1.92 -6.06 13.68
CA GLY A 51 -0.52 -6.02 14.06
C GLY A 51 0.37 -6.62 12.96
N SER A 52 -0.16 -6.61 11.74
CA SER A 52 0.57 -7.15 10.61
C SER A 52 1.73 -6.23 10.25
N LEU A 53 2.38 -6.54 9.15
CA LEU A 53 3.51 -5.76 8.68
C LEU A 53 3.00 -4.49 8.00
N SER A 54 1.72 -4.51 7.66
CA SER A 54 1.10 -3.38 7.00
C SER A 54 0.43 -2.48 8.04
N ALA A 55 -0.20 -3.12 9.01
CA ALA A 55 -0.89 -2.39 10.07
C ALA A 55 0.14 -1.63 10.91
N GLU A 56 1.26 -2.29 11.16
CA GLU A 56 2.32 -1.70 11.95
C GLU A 56 2.73 -0.35 11.36
N VAL A 57 2.72 -0.30 10.02
CA VAL A 57 3.09 0.92 9.33
C VAL A 57 1.88 1.85 9.26
N GLY A 58 0.70 1.25 9.31
CA GLY A 58 -0.54 2.01 9.25
C GLY A 58 -1.23 1.82 7.92
N LEU A 59 -1.16 0.60 7.42
CA LEU A 59 -1.79 0.27 6.15
C LEU A 59 -3.20 -0.27 6.41
N GLU A 60 -4.12 0.11 5.52
CA GLU A 60 -5.50 -0.34 5.64
C GLU A 60 -6.10 -0.58 4.25
N ILE A 61 -7.30 -1.12 4.25
CA ILE A 61 -8.00 -1.40 3.01
C ILE A 61 -8.18 -0.09 2.22
N GLY A 62 -7.84 -0.15 0.95
CA GLY A 62 -7.96 1.01 0.08
C GLY A 62 -6.58 1.48 -0.40
N ASP A 63 -5.64 1.47 0.53
CA ASP A 63 -4.28 1.90 0.22
C ASP A 63 -3.86 1.28 -1.12
N GLN A 64 -4.01 2.06 -2.17
CA GLN A 64 -3.64 1.60 -3.50
C GLN A 64 -2.15 1.79 -3.74
N ILE A 65 -1.48 0.69 -4.05
CA ILE A 65 -0.05 0.71 -4.30
C ILE A 65 0.21 1.37 -5.65
N VAL A 66 0.79 2.56 -5.60
CA VAL A 66 1.10 3.30 -6.81
C VAL A 66 2.58 3.13 -7.15
N GLU A 67 3.35 2.79 -6.12
CA GLU A 67 4.78 2.59 -6.28
C GLU A 67 5.30 1.61 -5.24
N VAL A 68 6.40 0.95 -5.60
CA VAL A 68 7.01 -0.01 -4.69
C VAL A 68 8.50 -0.12 -4.99
N ASN A 69 9.30 0.31 -4.03
CA ASN A 69 10.75 0.28 -4.17
C ASN A 69 11.15 1.06 -5.42
N GLY A 70 10.23 1.92 -5.86
CA GLY A 70 10.48 2.74 -7.03
C GLY A 70 9.90 2.08 -8.29
N VAL A 71 9.11 1.04 -8.06
CA VAL A 71 8.49 0.31 -9.16
C VAL A 71 7.13 0.93 -9.47
N ASP A 72 6.85 1.04 -10.76
CA ASP A 72 5.58 1.62 -11.20
C ASP A 72 4.47 0.59 -10.99
N PHE A 73 3.85 0.67 -9.82
CA PHE A 73 2.77 -0.23 -9.48
C PHE A 73 1.41 0.37 -9.86
N SER A 74 1.47 1.43 -10.65
CA SER A 74 0.26 2.10 -11.09
C SER A 74 -0.61 1.13 -11.90
N ASN A 75 -0.02 0.61 -12.96
CA ASN A 75 -0.73 -0.33 -13.83
C ASN A 75 0.01 -1.67 -13.83
N LEU A 76 0.14 -2.24 -12.64
CA LEU A 76 0.81 -3.52 -12.50
C LEU A 76 -0.22 -4.65 -12.53
N ASP A 77 0.23 -5.83 -12.15
CA ASP A 77 -0.64 -7.00 -12.14
C ASP A 77 -0.48 -7.73 -10.79
N HIS A 78 -1.36 -8.69 -10.58
CA HIS A 78 -1.32 -9.47 -9.35
C HIS A 78 -0.12 -10.40 -9.36
N LYS A 79 0.56 -10.44 -10.51
CA LYS A 79 1.73 -11.28 -10.66
C LYS A 79 2.99 -10.39 -10.69
N GLU A 80 2.85 -9.25 -11.33
CA GLU A 80 3.96 -8.31 -11.43
C GLU A 80 4.14 -7.55 -10.11
N ALA A 81 3.01 -7.24 -9.48
CA ALA A 81 3.04 -6.53 -8.22
C ALA A 81 3.52 -7.47 -7.11
N VAL A 82 3.15 -8.73 -7.25
CA VAL A 82 3.54 -9.73 -6.27
C VAL A 82 5.00 -10.13 -6.51
N ASN A 83 5.34 -10.29 -7.78
CA ASN A 83 6.70 -10.66 -8.15
C ASN A 83 7.66 -9.59 -7.66
N VAL A 84 7.29 -8.34 -7.91
CA VAL A 84 8.12 -7.22 -7.49
C VAL A 84 8.08 -7.09 -5.97
N LEU A 85 6.95 -7.49 -5.40
CA LEU A 85 6.77 -7.42 -3.97
C LEU A 85 7.56 -8.56 -3.30
N LYS A 86 7.62 -9.67 -4.01
CA LYS A 86 8.33 -10.83 -3.51
C LYS A 86 9.79 -10.79 -3.99
N SER A 87 10.08 -9.75 -4.77
CA SER A 87 11.43 -9.58 -5.29
C SER A 87 12.44 -9.58 -4.15
N SER A 88 12.38 -8.53 -3.33
CA SER A 88 13.28 -8.41 -2.21
C SER A 88 12.48 -8.28 -0.91
N ARG A 89 13.21 -8.17 0.19
CA ARG A 89 12.59 -8.05 1.50
C ARG A 89 12.26 -6.58 1.79
N SER A 90 13.29 -5.75 1.74
CA SER A 90 13.12 -4.33 1.99
C SER A 90 12.60 -3.64 0.73
N LEU A 91 11.33 -3.25 0.80
CA LEU A 91 10.70 -2.57 -0.32
C LEU A 91 9.96 -1.33 0.18
N THR A 92 10.02 -0.27 -0.62
CA THR A 92 9.37 0.97 -0.26
C THR A 92 8.06 1.12 -1.05
N ILE A 93 6.96 0.85 -0.36
CA ILE A 93 5.65 0.95 -0.97
C ILE A 93 5.12 2.37 -0.79
N SER A 94 4.50 2.88 -1.84
CA SER A 94 3.95 4.22 -1.80
C SER A 94 2.44 4.17 -2.10
N ILE A 95 1.66 4.33 -1.04
CA ILE A 95 0.21 4.31 -1.18
C ILE A 95 -0.32 5.74 -1.17
N VAL A 96 -1.61 5.86 -1.45
CA VAL A 96 -2.25 7.16 -1.48
C VAL A 96 -3.25 7.26 -0.32
N ALA A 97 -2.89 6.61 0.78
CA ALA A 97 -3.74 6.61 1.95
C ALA A 97 -5.19 6.36 1.54
N ALA A 98 -5.59 5.10 1.62
CA ALA A 98 -6.95 4.71 1.25
C ALA A 98 -7.33 5.40 -0.06
N ALA A 99 -6.55 5.09 -1.09
CA ALA A 99 -6.79 5.67 -2.41
C ALA A 99 -8.13 5.16 -2.93
N GLY A 100 -8.17 3.87 -3.23
CA GLY A 100 -9.37 3.25 -3.75
C GLY A 100 -10.10 2.47 -2.65
N ARG A 101 -10.43 3.18 -1.58
CA ARG A 101 -11.13 2.58 -0.46
C ARG A 101 -12.58 2.26 -0.84
N GLU A 102 -13.04 2.94 -1.88
CA GLU A 102 -14.40 2.74 -2.35
C GLU A 102 -14.51 1.44 -3.14
N LEU A 103 -13.35 0.90 -3.50
CA LEU A 103 -13.30 -0.35 -4.24
C LEU A 103 -13.78 -1.49 -3.35
N PHE A 104 -13.80 -1.22 -2.06
CA PHE A 104 -14.23 -2.21 -1.08
C PHE A 104 -15.37 -1.68 -0.22
N MET A 105 -15.17 -0.48 0.30
CA MET A 105 -16.17 0.15 1.14
C MET A 105 -16.74 -0.84 2.15
N THR A 106 -16.07 -0.93 3.29
CA THR A 106 -16.50 -1.84 4.35
C THR A 106 -16.49 -3.28 3.84
N ASP A 107 -16.19 -4.19 4.76
CA ASP A 107 -16.15 -5.60 4.43
C ASP A 107 -16.59 -6.42 5.65
N ARG A 108 -17.32 -7.50 5.36
CA ARG A 108 -17.81 -8.36 6.41
C ARG A 108 -18.30 -9.68 5.83
N SER A 109 -17.95 -10.77 6.49
CA SER A 109 -18.35 -12.09 6.05
C SER A 109 -17.77 -12.38 4.67
N GLY A 110 -17.09 -13.52 4.57
CA GLY A 110 -16.48 -13.92 3.31
C GLY A 110 -15.60 -15.15 3.50
N PRO A 111 -14.49 -14.95 4.25
CA PRO A 111 -13.56 -16.04 4.51
C PRO A 111 -14.12 -17.01 5.55
N SER A 112 -15.32 -17.51 5.26
CA SER A 112 -15.98 -18.44 6.16
C SER A 112 -16.22 -17.77 7.52
N SER A 113 -17.48 -17.81 7.94
CA SER A 113 -17.86 -17.23 9.22
C SER A 113 -17.22 -15.84 9.35
N GLY A 114 -18.00 -14.82 8.97
CA GLY A 114 -17.53 -13.45 9.05
C GLY A 114 -17.08 -13.11 10.47
N GLY A 1 -3.05 33.62 13.28
CA GLY A 1 -2.23 34.78 12.94
C GLY A 1 -0.91 34.35 12.31
N SER A 2 -0.09 35.35 11.99
CA SER A 2 1.20 35.08 11.39
C SER A 2 2.11 34.37 12.38
N SER A 3 2.86 33.40 11.86
CA SER A 3 3.77 32.63 12.69
C SER A 3 5.02 32.25 11.89
N GLY A 4 6.03 33.09 11.98
CA GLY A 4 7.27 32.86 11.27
C GLY A 4 7.80 31.45 11.55
N SER A 5 7.94 30.67 10.48
CA SER A 5 8.43 29.32 10.61
C SER A 5 8.84 28.78 9.23
N SER A 6 10.10 28.42 9.13
CA SER A 6 10.63 27.89 7.88
C SER A 6 11.19 26.49 8.10
N GLY A 7 10.62 25.79 9.08
CA GLY A 7 11.06 24.45 9.40
C GLY A 7 9.87 23.47 9.39
N SER A 8 10.18 22.23 9.07
CA SER A 8 9.15 21.20 9.02
C SER A 8 9.65 19.92 9.69
N PRO A 9 8.68 19.10 10.17
CA PRO A 9 9.03 17.85 10.84
C PRO A 9 9.46 16.79 9.82
N GLY A 10 8.51 16.38 8.99
CA GLY A 10 8.78 15.38 7.98
C GLY A 10 7.93 14.13 8.21
N ASN A 11 6.62 14.31 8.11
CA ASN A 11 5.70 13.22 8.30
C ASN A 11 4.27 13.70 8.06
N ARG A 12 3.76 13.39 6.87
CA ARG A 12 2.41 13.79 6.50
C ARG A 12 1.53 12.56 6.28
N GLU A 13 0.34 12.62 6.83
CA GLU A 13 -0.61 11.52 6.71
C GLU A 13 -1.96 12.04 6.21
N ASN A 14 -2.26 11.73 4.95
CA ASN A 14 -3.51 12.16 4.36
C ASN A 14 -3.53 11.76 2.88
N LYS A 15 -2.65 12.40 2.11
CA LYS A 15 -2.56 12.11 0.70
C LYS A 15 -1.12 11.71 0.36
N GLU A 16 -0.99 10.48 -0.12
CA GLU A 16 0.33 9.97 -0.49
C GLU A 16 1.20 9.81 0.75
N LYS A 17 1.44 8.55 1.10
CA LYS A 17 2.26 8.24 2.26
C LYS A 17 3.34 7.23 1.87
N LYS A 18 4.49 7.36 2.52
CA LYS A 18 5.61 6.46 2.25
C LYS A 18 5.63 5.36 3.31
N VAL A 19 5.48 4.13 2.84
CA VAL A 19 5.50 2.99 3.74
C VAL A 19 6.54 1.97 3.25
N PHE A 20 7.46 1.65 4.15
CA PHE A 20 8.52 0.70 3.82
C PHE A 20 8.29 -0.64 4.52
N ILE A 21 8.02 -1.65 3.71
CA ILE A 21 7.78 -2.98 4.25
C ILE A 21 9.08 -3.79 4.20
N SER A 22 9.44 -4.34 5.34
CA SER A 22 10.65 -5.14 5.44
C SER A 22 10.30 -6.56 5.91
N LEU A 23 10.72 -7.53 5.10
CA LEU A 23 10.46 -8.92 5.42
C LEU A 23 11.67 -9.50 6.16
N VAL A 24 12.09 -8.79 7.19
CA VAL A 24 13.22 -9.22 7.98
C VAL A 24 12.73 -9.66 9.36
N GLY A 25 13.49 -10.58 9.96
CA GLY A 25 13.14 -11.09 11.27
C GLY A 25 11.87 -11.94 11.21
N SER A 26 11.38 -12.29 12.39
CA SER A 26 10.17 -13.10 12.49
C SER A 26 8.94 -12.23 12.22
N ARG A 27 8.70 -11.97 10.94
CA ARG A 27 7.56 -11.17 10.53
C ARG A 27 7.28 -11.37 9.05
N GLY A 28 6.02 -11.64 8.74
CA GLY A 28 5.60 -11.84 7.37
C GLY A 28 4.36 -11.02 7.05
N LEU A 29 4.40 -10.37 5.88
CA LEU A 29 3.29 -9.55 5.45
C LEU A 29 1.98 -10.25 5.79
N GLY A 30 0.97 -9.44 6.07
CA GLY A 30 -0.34 -9.96 6.41
C GLY A 30 -1.47 -9.12 5.79
N CYS A 31 -1.20 -8.66 4.57
CA CYS A 31 -2.17 -7.84 3.85
C CYS A 31 -2.44 -8.49 2.50
N SER A 32 -3.69 -8.43 2.08
CA SER A 32 -4.08 -9.00 0.80
C SER A 32 -4.21 -7.90 -0.25
N ILE A 33 -3.73 -8.21 -1.45
CA ILE A 33 -3.79 -7.25 -2.54
C ILE A 33 -4.71 -7.80 -3.63
N SER A 34 -5.42 -6.88 -4.29
CA SER A 34 -6.33 -7.25 -5.35
C SER A 34 -6.08 -6.38 -6.58
N SER A 35 -6.69 -6.77 -7.69
CA SER A 35 -6.55 -6.03 -8.93
C SER A 35 -7.82 -5.24 -9.22
N GLY A 36 -7.62 -3.97 -9.54
CA GLY A 36 -8.74 -3.09 -9.84
C GLY A 36 -9.29 -3.36 -11.24
N PRO A 37 -10.46 -2.73 -11.54
CA PRO A 37 -11.10 -2.90 -12.82
C PRO A 37 -10.36 -2.12 -13.91
N ILE A 38 -10.95 -2.11 -15.10
CA ILE A 38 -10.36 -1.41 -16.22
C ILE A 38 -10.50 0.10 -15.99
N GLN A 39 -11.56 0.47 -15.29
CA GLN A 39 -11.82 1.87 -14.99
C GLN A 39 -10.89 2.36 -13.87
N LYS A 40 -10.55 1.42 -12.99
CA LYS A 40 -9.68 1.74 -11.87
C LYS A 40 -8.68 0.60 -11.67
N PRO A 41 -7.83 0.39 -12.71
CA PRO A 41 -6.83 -0.66 -12.66
C PRO A 41 -5.66 -0.26 -11.76
N GLY A 42 -5.11 -1.26 -11.08
CA GLY A 42 -3.99 -1.02 -10.18
C GLY A 42 -3.93 -2.09 -9.09
N ILE A 43 -3.33 -1.71 -7.97
CA ILE A 43 -3.20 -2.62 -6.85
C ILE A 43 -3.74 -1.95 -5.59
N PHE A 44 -4.78 -2.56 -5.03
CA PHE A 44 -5.40 -2.03 -3.82
C PHE A 44 -5.53 -3.12 -2.76
N ILE A 45 -5.22 -2.73 -1.53
CA ILE A 45 -5.29 -3.65 -0.41
C ILE A 45 -6.75 -4.09 -0.21
N SER A 46 -6.91 -5.37 0.09
CA SER A 46 -8.23 -5.92 0.30
C SER A 46 -8.45 -6.20 1.79
N HIS A 47 -7.38 -6.58 2.46
CA HIS A 47 -7.43 -6.88 3.88
C HIS A 47 -6.02 -6.82 4.47
N VAL A 48 -5.96 -6.41 5.73
CA VAL A 48 -4.68 -6.31 6.42
C VAL A 48 -4.90 -6.53 7.91
N LYS A 49 -4.13 -7.47 8.46
CA LYS A 49 -4.23 -7.79 9.87
C LYS A 49 -3.73 -6.59 10.70
N PRO A 50 -4.24 -6.52 11.96
CA PRO A 50 -3.86 -5.44 12.85
C PRO A 50 -2.44 -5.66 13.40
N GLY A 51 -2.01 -6.90 13.36
CA GLY A 51 -0.69 -7.25 13.84
C GLY A 51 0.17 -7.84 12.72
N SER A 52 0.10 -7.19 11.57
CA SER A 52 0.86 -7.64 10.41
C SER A 52 2.04 -6.69 10.16
N LEU A 53 2.70 -6.91 9.03
CA LEU A 53 3.84 -6.09 8.67
C LEU A 53 3.34 -4.79 8.02
N SER A 54 2.05 -4.77 7.74
CA SER A 54 1.44 -3.60 7.13
C SER A 54 0.83 -2.71 8.20
N ALA A 55 0.07 -3.35 9.10
CA ALA A 55 -0.57 -2.63 10.18
C ALA A 55 0.48 -1.84 10.97
N GLU A 56 1.64 -2.46 11.12
CA GLU A 56 2.74 -1.84 11.85
C GLU A 56 3.09 -0.49 11.22
N VAL A 57 2.91 -0.41 9.91
CA VAL A 57 3.21 0.81 9.19
C VAL A 57 1.96 1.70 9.17
N GLY A 58 0.81 1.06 9.36
CA GLY A 58 -0.45 1.78 9.37
C GLY A 58 -1.19 1.60 8.04
N LEU A 59 -1.01 0.43 7.45
CA LEU A 59 -1.65 0.11 6.19
C LEU A 59 -3.10 -0.30 6.45
N GLU A 60 -3.98 0.13 5.55
CA GLU A 60 -5.39 -0.18 5.68
C GLU A 60 -6.00 -0.44 4.30
N ILE A 61 -7.25 -0.88 4.30
CA ILE A 61 -7.95 -1.17 3.07
C ILE A 61 -8.20 0.15 2.31
N GLY A 62 -7.82 0.13 1.04
CA GLY A 62 -8.00 1.30 0.20
C GLY A 62 -6.66 1.85 -0.28
N ASP A 63 -5.61 1.49 0.46
CA ASP A 63 -4.27 1.92 0.13
C ASP A 63 -3.85 1.30 -1.22
N GLN A 64 -3.99 2.09 -2.27
CA GLN A 64 -3.64 1.62 -3.60
C GLN A 64 -2.14 1.79 -3.84
N ILE A 65 -1.49 0.67 -4.10
CA ILE A 65 -0.06 0.68 -4.35
C ILE A 65 0.22 1.32 -5.71
N VAL A 66 0.73 2.54 -5.66
CA VAL A 66 1.04 3.28 -6.88
C VAL A 66 2.52 3.08 -7.23
N GLU A 67 3.30 2.75 -6.20
CA GLU A 67 4.72 2.54 -6.37
C GLU A 67 5.26 1.57 -5.31
N VAL A 68 6.31 0.87 -5.67
CA VAL A 68 6.93 -0.08 -4.75
C VAL A 68 8.43 -0.14 -5.02
N ASN A 69 9.20 0.29 -4.03
CA ASN A 69 10.64 0.29 -4.14
C ASN A 69 11.06 1.12 -5.37
N GLY A 70 10.13 1.95 -5.83
CA GLY A 70 10.38 2.80 -6.98
C GLY A 70 9.77 2.19 -8.24
N VAL A 71 9.10 1.07 -8.05
CA VAL A 71 8.46 0.39 -9.17
C VAL A 71 7.17 1.11 -9.55
N ASP A 72 6.83 1.03 -10.83
CA ASP A 72 5.63 1.68 -11.33
C ASP A 72 4.45 0.72 -11.18
N PHE A 73 3.81 0.80 -10.02
CA PHE A 73 2.67 -0.05 -9.74
C PHE A 73 1.37 0.60 -10.20
N SER A 74 1.46 1.26 -11.36
CA SER A 74 0.30 1.92 -11.92
C SER A 74 -0.66 0.90 -12.53
N ASN A 75 -0.15 0.18 -13.52
CA ASN A 75 -0.94 -0.83 -14.19
C ASN A 75 -0.25 -2.19 -14.07
N LEU A 76 0.15 -2.50 -12.84
CA LEU A 76 0.83 -3.76 -12.58
C LEU A 76 -0.20 -4.89 -12.57
N ASP A 77 0.25 -6.04 -12.07
CA ASP A 77 -0.61 -7.20 -11.99
C ASP A 77 -0.43 -7.89 -10.64
N HIS A 78 -1.29 -8.86 -10.37
CA HIS A 78 -1.22 -9.59 -9.12
C HIS A 78 -0.01 -10.53 -9.13
N LYS A 79 0.63 -10.59 -10.29
CA LYS A 79 1.81 -11.44 -10.45
C LYS A 79 3.06 -10.55 -10.52
N GLU A 80 2.89 -9.39 -11.14
CA GLU A 80 3.99 -8.45 -11.29
C GLU A 80 4.18 -7.65 -9.99
N ALA A 81 3.06 -7.33 -9.36
CA ALA A 81 3.11 -6.58 -8.12
C ALA A 81 3.59 -7.48 -6.99
N VAL A 82 3.32 -8.78 -7.15
CA VAL A 82 3.72 -9.75 -6.15
C VAL A 82 5.20 -10.11 -6.38
N ASN A 83 5.56 -10.24 -7.64
CA ASN A 83 6.92 -10.59 -8.00
C ASN A 83 7.87 -9.49 -7.50
N VAL A 84 7.44 -8.25 -7.70
CA VAL A 84 8.23 -7.11 -7.28
C VAL A 84 8.21 -7.01 -5.75
N LEU A 85 7.08 -7.43 -5.18
CA LEU A 85 6.93 -7.40 -3.74
C LEU A 85 7.74 -8.54 -3.12
N LYS A 86 7.80 -9.64 -3.84
CA LYS A 86 8.53 -10.81 -3.37
C LYS A 86 9.98 -10.71 -3.84
N SER A 87 10.25 -9.68 -4.63
CA SER A 87 11.59 -9.47 -5.15
C SER A 87 12.60 -9.47 -4.00
N SER A 88 12.49 -8.46 -3.15
CA SER A 88 13.39 -8.33 -2.01
C SER A 88 12.58 -8.27 -0.72
N ARG A 89 13.31 -8.16 0.38
CA ARG A 89 12.68 -8.09 1.69
C ARG A 89 12.20 -6.66 1.97
N SER A 90 13.14 -5.73 1.90
CA SER A 90 12.83 -4.33 2.14
C SER A 90 12.33 -3.68 0.85
N LEU A 91 11.11 -3.15 0.92
CA LEU A 91 10.51 -2.50 -0.22
C LEU A 91 9.80 -1.23 0.24
N THR A 92 9.82 -0.22 -0.62
CA THR A 92 9.18 1.04 -0.32
C THR A 92 7.87 1.18 -1.09
N ILE A 93 6.77 0.95 -0.38
CA ILE A 93 5.46 1.03 -0.99
C ILE A 93 4.93 2.46 -0.84
N SER A 94 4.39 2.97 -1.94
CA SER A 94 3.86 4.33 -1.95
C SER A 94 2.37 4.29 -2.27
N ILE A 95 1.56 4.48 -1.24
CA ILE A 95 0.12 4.47 -1.40
C ILE A 95 -0.40 5.91 -1.34
N VAL A 96 -1.70 6.04 -1.60
CA VAL A 96 -2.34 7.35 -1.59
C VAL A 96 -3.32 7.42 -0.42
N ALA A 97 -2.94 6.75 0.66
CA ALA A 97 -3.77 6.73 1.85
C ALA A 97 -5.24 6.53 1.45
N ALA A 98 -5.65 5.27 1.44
CA ALA A 98 -7.01 4.94 1.07
C ALA A 98 -7.36 5.60 -0.26
N ALA A 99 -6.55 5.29 -1.27
CA ALA A 99 -6.75 5.84 -2.59
C ALA A 99 -8.11 5.39 -3.13
N GLY A 100 -8.21 4.09 -3.38
CA GLY A 100 -9.44 3.52 -3.88
C GLY A 100 -10.17 2.72 -2.80
N ARG A 101 -10.52 3.42 -1.73
CA ARG A 101 -11.21 2.78 -0.62
C ARG A 101 -12.64 2.43 -1.02
N GLU A 102 -13.15 3.18 -2.00
CA GLU A 102 -14.50 2.96 -2.48
C GLU A 102 -14.58 1.65 -3.26
N LEU A 103 -13.41 1.04 -3.46
CA LEU A 103 -13.34 -0.22 -4.19
C LEU A 103 -13.75 -1.36 -3.27
N PHE A 104 -13.74 -1.07 -1.98
CA PHE A 104 -14.11 -2.08 -0.99
C PHE A 104 -15.27 -1.59 -0.11
N MET A 105 -16.29 -1.06 -0.78
CA MET A 105 -17.45 -0.55 -0.09
C MET A 105 -18.24 -1.68 0.59
N THR A 106 -18.94 -2.44 -0.24
CA THR A 106 -19.73 -3.56 0.26
C THR A 106 -18.83 -4.57 0.98
N ASP A 107 -19.48 -5.50 1.67
CA ASP A 107 -18.75 -6.52 2.40
C ASP A 107 -18.70 -7.80 1.56
N ARG A 108 -17.93 -8.76 2.06
CA ARG A 108 -17.79 -10.04 1.38
C ARG A 108 -17.10 -11.06 2.28
N SER A 109 -17.89 -12.00 2.77
CA SER A 109 -17.37 -13.03 3.64
C SER A 109 -17.19 -14.34 2.86
N GLY A 110 -15.98 -14.86 2.91
CA GLY A 110 -15.67 -16.10 2.21
C GLY A 110 -15.52 -17.26 3.20
N PRO A 111 -15.93 -18.47 2.73
CA PRO A 111 -15.85 -19.66 3.56
C PRO A 111 -14.40 -20.15 3.66
N SER A 112 -14.25 -21.26 4.36
CA SER A 112 -12.93 -21.86 4.55
C SER A 112 -12.95 -23.33 4.12
N SER A 113 -11.82 -23.76 3.58
CA SER A 113 -11.69 -25.14 3.13
C SER A 113 -12.00 -26.09 4.28
N GLY A 114 -12.82 -27.09 3.97
CA GLY A 114 -13.20 -28.08 4.97
C GLY A 114 -11.99 -28.56 5.76
N GLY A 1 -6.75 31.94 1.81
CA GLY A 1 -5.60 32.80 2.01
C GLY A 1 -4.31 32.09 1.61
N SER A 2 -3.85 32.39 0.40
CA SER A 2 -2.63 31.78 -0.10
C SER A 2 -1.41 32.53 0.46
N SER A 3 -0.81 31.93 1.48
CA SER A 3 0.35 32.52 2.11
C SER A 3 1.00 31.50 3.06
N GLY A 4 0.21 31.07 4.02
CA GLY A 4 0.69 30.10 5.01
C GLY A 4 2.07 30.50 5.54
N SER A 5 2.05 31.44 6.47
CA SER A 5 3.29 31.92 7.06
C SER A 5 3.30 31.63 8.56
N SER A 6 3.68 30.41 8.90
CA SER A 6 3.73 29.99 10.29
C SER A 6 5.19 29.90 10.76
N GLY A 7 6.02 30.72 10.13
CA GLY A 7 7.43 30.74 10.48
C GLY A 7 8.30 30.52 9.24
N SER A 8 8.30 29.27 8.78
CA SER A 8 9.08 28.91 7.61
C SER A 8 8.19 28.18 6.59
N PRO A 9 8.59 28.30 5.30
CA PRO A 9 7.84 27.65 4.23
C PRO A 9 8.11 26.15 4.20
N GLY A 10 7.02 25.39 4.22
CA GLY A 10 7.13 23.94 4.20
C GLY A 10 5.92 23.29 4.89
N ASN A 11 4.91 22.99 4.08
CA ASN A 11 3.70 22.38 4.59
C ASN A 11 2.98 21.65 3.45
N ARG A 12 3.02 20.32 3.53
CA ARG A 12 2.37 19.50 2.52
C ARG A 12 2.47 18.03 2.89
N GLU A 13 1.33 17.47 3.27
CA GLU A 13 1.27 16.07 3.65
C GLU A 13 -0.18 15.64 3.89
N ASN A 14 -0.58 14.60 3.16
CA ASN A 14 -1.94 14.09 3.27
C ASN A 14 -2.09 12.88 2.35
N LYS A 15 -1.92 13.13 1.05
CA LYS A 15 -2.05 12.08 0.07
C LYS A 15 -0.65 11.58 -0.31
N GLU A 16 -0.63 10.49 -1.08
CA GLU A 16 0.62 9.90 -1.51
C GLU A 16 1.60 9.80 -0.34
N LYS A 17 1.55 8.67 0.34
CA LYS A 17 2.42 8.43 1.48
C LYS A 17 3.43 7.34 1.14
N LYS A 18 4.56 7.38 1.82
CA LYS A 18 5.61 6.40 1.59
C LYS A 18 5.63 5.39 2.75
N VAL A 19 5.39 4.14 2.41
CA VAL A 19 5.38 3.09 3.41
C VAL A 19 6.45 2.04 3.06
N PHE A 20 7.33 1.81 4.03
CA PHE A 20 8.39 0.84 3.83
C PHE A 20 8.07 -0.48 4.52
N ILE A 21 7.85 -1.51 3.71
CA ILE A 21 7.54 -2.82 4.23
C ILE A 21 8.81 -3.69 4.23
N SER A 22 9.16 -4.16 5.42
CA SER A 22 10.34 -4.99 5.57
C SER A 22 9.93 -6.43 5.90
N LEU A 23 10.65 -7.38 5.32
CA LEU A 23 10.37 -8.78 5.54
C LEU A 23 11.54 -9.41 6.30
N VAL A 24 11.90 -8.77 7.40
CA VAL A 24 13.00 -9.25 8.22
C VAL A 24 12.45 -9.81 9.53
N GLY A 25 13.19 -10.77 10.09
CA GLY A 25 12.78 -11.39 11.34
C GLY A 25 11.55 -12.27 11.13
N SER A 26 10.95 -12.67 12.24
CA SER A 26 9.77 -13.51 12.20
C SER A 26 8.54 -12.67 11.87
N ARG A 27 8.57 -12.07 10.68
CA ARG A 27 7.47 -11.24 10.22
C ARG A 27 7.15 -11.53 8.75
N GLY A 28 5.86 -11.63 8.47
CA GLY A 28 5.41 -11.91 7.11
C GLY A 28 4.16 -11.10 6.77
N LEU A 29 4.20 -10.46 5.62
CA LEU A 29 3.09 -9.65 5.17
C LEU A 29 1.78 -10.36 5.50
N GLY A 30 0.90 -9.63 6.16
CA GLY A 30 -0.39 -10.18 6.54
C GLY A 30 -1.54 -9.39 5.90
N CYS A 31 -1.24 -8.82 4.73
CA CYS A 31 -2.23 -8.06 4.01
C CYS A 31 -2.41 -8.69 2.62
N SER A 32 -3.63 -8.59 2.12
CA SER A 32 -3.94 -9.15 0.81
C SER A 32 -4.21 -8.01 -0.19
N ILE A 33 -3.75 -8.22 -1.40
CA ILE A 33 -3.93 -7.23 -2.46
C ILE A 33 -4.92 -7.77 -3.48
N SER A 34 -5.72 -6.86 -4.03
CA SER A 34 -6.72 -7.22 -5.02
C SER A 34 -6.55 -6.36 -6.27
N SER A 35 -6.96 -6.92 -7.40
CA SER A 35 -6.86 -6.22 -8.66
C SER A 35 -8.02 -5.23 -8.80
N GLY A 36 -7.75 -4.16 -9.53
CA GLY A 36 -8.75 -3.13 -9.75
C GLY A 36 -9.35 -3.24 -11.16
N PRO A 37 -10.52 -2.57 -11.34
CA PRO A 37 -11.20 -2.58 -12.62
C PRO A 37 -10.50 -1.67 -13.63
N ILE A 38 -11.15 -1.46 -14.75
CA ILE A 38 -10.60 -0.62 -15.79
C ILE A 38 -10.70 0.85 -15.37
N GLN A 39 -11.72 1.13 -14.58
CA GLN A 39 -11.95 2.48 -14.09
C GLN A 39 -11.01 2.79 -12.92
N LYS A 40 -10.66 1.73 -12.20
CA LYS A 40 -9.77 1.88 -11.05
C LYS A 40 -8.72 0.76 -11.08
N PRO A 41 -7.92 0.75 -12.17
CA PRO A 41 -6.88 -0.25 -12.33
C PRO A 41 -5.69 0.03 -11.41
N GLY A 42 -5.06 -1.04 -10.94
CA GLY A 42 -3.92 -0.93 -10.06
C GLY A 42 -3.99 -1.96 -8.94
N ILE A 43 -3.18 -1.73 -7.92
CA ILE A 43 -3.13 -2.64 -6.78
C ILE A 43 -3.80 -1.97 -5.57
N PHE A 44 -4.77 -2.66 -5.01
CA PHE A 44 -5.48 -2.16 -3.85
C PHE A 44 -5.62 -3.22 -2.77
N ILE A 45 -5.22 -2.85 -1.55
CA ILE A 45 -5.30 -3.75 -0.43
C ILE A 45 -6.74 -4.24 -0.26
N SER A 46 -6.86 -5.44 0.29
CA SER A 46 -8.17 -6.02 0.52
C SER A 46 -8.38 -6.32 2.01
N HIS A 47 -7.31 -6.81 2.63
CA HIS A 47 -7.36 -7.13 4.05
C HIS A 47 -5.98 -6.88 4.67
N VAL A 48 -5.99 -6.67 5.98
CA VAL A 48 -4.75 -6.42 6.71
C VAL A 48 -4.82 -7.10 8.08
N LYS A 49 -3.89 -8.00 8.31
CA LYS A 49 -3.84 -8.72 9.57
C LYS A 49 -3.47 -7.75 10.69
N PRO A 50 -3.85 -8.14 11.93
CA PRO A 50 -3.57 -7.31 13.09
C PRO A 50 -2.09 -7.41 13.49
N GLY A 51 -1.43 -6.26 13.46
CA GLY A 51 -0.03 -6.21 13.81
C GLY A 51 0.85 -6.80 12.70
N SER A 52 0.27 -6.84 11.51
CA SER A 52 0.97 -7.38 10.36
C SER A 52 2.10 -6.43 9.95
N LEU A 53 2.51 -6.56 8.69
CA LEU A 53 3.57 -5.72 8.17
C LEU A 53 2.99 -4.38 7.73
N SER A 54 1.72 -4.41 7.38
CA SER A 54 1.04 -3.20 6.94
C SER A 54 0.31 -2.55 8.12
N ALA A 55 -0.09 -3.39 9.06
CA ALA A 55 -0.79 -2.92 10.25
C ALA A 55 0.20 -2.21 11.17
N GLU A 56 1.48 -2.37 10.85
CA GLU A 56 2.53 -1.75 11.64
C GLU A 56 2.85 -0.36 11.10
N VAL A 57 2.76 -0.23 9.79
CA VAL A 57 3.03 1.03 9.13
C VAL A 57 1.78 1.91 9.15
N GLY A 58 0.64 1.24 9.26
CA GLY A 58 -0.63 1.94 9.29
C GLY A 58 -1.40 1.75 7.99
N LEU A 59 -1.06 0.67 7.29
CA LEU A 59 -1.70 0.37 6.02
C LEU A 59 -3.06 -0.30 6.28
N GLU A 60 -4.05 0.13 5.52
CA GLU A 60 -5.40 -0.42 5.65
C GLU A 60 -6.03 -0.60 4.28
N ILE A 61 -7.20 -1.22 4.29
CA ILE A 61 -7.93 -1.47 3.05
C ILE A 61 -8.17 -0.14 2.33
N GLY A 62 -7.83 -0.13 1.05
CA GLY A 62 -8.01 1.07 0.24
C GLY A 62 -6.66 1.58 -0.26
N ASP A 63 -5.65 1.44 0.59
CA ASP A 63 -4.31 1.89 0.25
C ASP A 63 -3.86 1.21 -1.05
N GLN A 64 -4.01 1.93 -2.14
CA GLN A 64 -3.63 1.41 -3.45
C GLN A 64 -2.13 1.61 -3.67
N ILE A 65 -1.49 0.54 -4.16
CA ILE A 65 -0.07 0.57 -4.43
C ILE A 65 0.18 1.12 -5.84
N VAL A 66 0.73 2.33 -5.89
CA VAL A 66 1.01 2.96 -7.16
C VAL A 66 2.50 2.83 -7.48
N GLU A 67 3.28 2.62 -6.42
CA GLU A 67 4.72 2.48 -6.56
C GLU A 67 5.28 1.63 -5.43
N VAL A 68 6.33 0.89 -5.76
CA VAL A 68 6.97 0.02 -4.77
C VAL A 68 8.47 -0.03 -5.05
N ASN A 69 9.24 0.22 -4.00
CA ASN A 69 10.69 0.21 -4.12
C ASN A 69 11.11 0.94 -5.39
N GLY A 70 10.31 1.94 -5.75
CA GLY A 70 10.58 2.73 -6.95
C GLY A 70 10.16 1.96 -8.21
N VAL A 71 9.01 1.31 -8.11
CA VAL A 71 8.48 0.55 -9.24
C VAL A 71 7.18 1.18 -9.71
N ASP A 72 6.84 0.90 -10.96
CA ASP A 72 5.62 1.42 -11.54
C ASP A 72 4.48 0.43 -11.32
N PHE A 73 3.81 0.58 -10.19
CA PHE A 73 2.71 -0.30 -9.85
C PHE A 73 1.38 0.27 -10.36
N SER A 74 1.49 1.15 -11.35
CA SER A 74 0.31 1.77 -11.92
C SER A 74 -0.43 0.77 -12.81
N ASN A 75 0.33 0.15 -13.71
CA ASN A 75 -0.24 -0.82 -14.62
C ASN A 75 0.45 -2.18 -14.40
N LEU A 76 0.49 -2.58 -13.14
CA LEU A 76 1.12 -3.85 -12.78
C LEU A 76 0.06 -4.94 -12.76
N ASP A 77 0.43 -6.09 -12.20
CA ASP A 77 -0.47 -7.22 -12.12
C ASP A 77 -0.41 -7.81 -10.71
N HIS A 78 -1.34 -8.72 -10.44
CA HIS A 78 -1.40 -9.36 -9.14
C HIS A 78 -0.20 -10.31 -8.99
N LYS A 79 0.54 -10.46 -10.07
CA LYS A 79 1.71 -11.33 -10.06
C LYS A 79 2.98 -10.47 -10.10
N GLU A 80 2.91 -9.41 -10.90
CA GLU A 80 4.04 -8.50 -11.03
C GLU A 80 4.15 -7.62 -9.79
N ALA A 81 3.00 -7.16 -9.31
CA ALA A 81 2.96 -6.30 -8.13
C ALA A 81 3.43 -7.09 -6.92
N VAL A 82 3.29 -8.40 -7.01
CA VAL A 82 3.69 -9.29 -5.93
C VAL A 82 5.15 -9.69 -6.12
N ASN A 83 5.45 -10.15 -7.33
CA ASN A 83 6.80 -10.57 -7.65
C ASN A 83 7.79 -9.47 -7.23
N VAL A 84 7.39 -8.24 -7.49
CA VAL A 84 8.23 -7.09 -7.17
C VAL A 84 8.35 -6.99 -5.64
N LEU A 85 7.35 -7.54 -4.96
CA LEU A 85 7.34 -7.51 -3.50
C LEU A 85 8.23 -8.63 -2.97
N LYS A 86 8.23 -9.74 -3.70
CA LYS A 86 9.04 -10.89 -3.31
C LYS A 86 10.51 -10.59 -3.61
N SER A 87 10.73 -9.69 -4.56
CA SER A 87 12.08 -9.32 -4.94
C SER A 87 12.99 -9.32 -3.71
N SER A 88 12.77 -8.35 -2.85
CA SER A 88 13.56 -8.22 -1.64
C SER A 88 12.64 -8.18 -0.41
N ARG A 89 13.24 -7.89 0.73
CA ARG A 89 12.49 -7.81 1.97
C ARG A 89 12.08 -6.36 2.25
N SER A 90 13.06 -5.47 2.21
CA SER A 90 12.81 -4.07 2.46
C SER A 90 12.42 -3.37 1.15
N LEU A 91 11.15 -3.00 1.09
CA LEU A 91 10.62 -2.33 -0.09
C LEU A 91 9.90 -1.04 0.33
N THR A 92 9.87 -0.10 -0.59
CA THR A 92 9.22 1.18 -0.33
C THR A 92 7.93 1.30 -1.15
N ILE A 93 6.82 1.04 -0.48
CA ILE A 93 5.52 1.12 -1.13
C ILE A 93 4.97 2.54 -1.00
N SER A 94 4.50 3.07 -2.13
CA SER A 94 3.96 4.41 -2.15
C SER A 94 2.45 4.36 -2.41
N ILE A 95 1.68 4.51 -1.33
CA ILE A 95 0.23 4.47 -1.44
C ILE A 95 -0.30 5.91 -1.42
N VAL A 96 -1.57 6.03 -1.78
CA VAL A 96 -2.22 7.33 -1.82
C VAL A 96 -3.21 7.43 -0.66
N ALA A 97 -2.87 6.77 0.43
CA ALA A 97 -3.72 6.79 1.61
C ALA A 97 -5.16 6.52 1.19
N ALA A 98 -5.54 5.25 1.26
CA ALA A 98 -6.89 4.86 0.88
C ALA A 98 -7.25 5.49 -0.46
N ALA A 99 -6.43 5.19 -1.46
CA ALA A 99 -6.64 5.72 -2.79
C ALA A 99 -8.01 5.25 -3.31
N GLY A 100 -8.04 3.98 -3.67
CA GLY A 100 -9.27 3.39 -4.19
C GLY A 100 -10.01 2.62 -3.09
N ARG A 101 -10.28 3.32 -2.01
CA ARG A 101 -10.99 2.72 -0.88
C ARG A 101 -12.39 2.30 -1.29
N GLU A 102 -13.03 3.17 -2.05
CA GLU A 102 -14.39 2.90 -2.52
C GLU A 102 -14.51 1.45 -2.98
N LEU A 103 -13.44 0.96 -3.57
CA LEU A 103 -13.40 -0.42 -4.05
C LEU A 103 -13.98 -1.35 -2.98
N PHE A 104 -13.56 -1.10 -1.75
CA PHE A 104 -14.03 -1.91 -0.63
C PHE A 104 -14.89 -1.08 0.31
N MET A 105 -16.00 -0.59 -0.21
CA MET A 105 -16.92 0.21 0.57
C MET A 105 -18.16 -0.59 0.95
N THR A 106 -17.92 -1.76 1.50
CA THR A 106 -19.01 -2.63 1.91
C THR A 106 -18.75 -3.19 3.31
N ASP A 107 -19.83 -3.64 3.95
CA ASP A 107 -19.73 -4.20 5.28
C ASP A 107 -19.79 -5.72 5.20
N ARG A 108 -20.81 -6.21 4.49
CA ARG A 108 -20.99 -7.64 4.34
C ARG A 108 -19.67 -8.31 3.98
N SER A 109 -19.49 -9.52 4.51
CA SER A 109 -18.28 -10.26 4.27
C SER A 109 -18.51 -11.75 4.56
N GLY A 110 -18.94 -12.02 5.78
CA GLY A 110 -19.21 -13.39 6.19
C GLY A 110 -19.13 -13.53 7.71
N PRO A 111 -20.00 -14.41 8.25
CA PRO A 111 -20.04 -14.65 9.69
C PRO A 111 -18.85 -15.50 10.13
N SER A 112 -17.66 -15.00 9.83
CA SER A 112 -16.43 -15.70 10.18
C SER A 112 -16.60 -17.21 9.94
N SER A 113 -16.46 -17.59 8.68
CA SER A 113 -16.59 -18.98 8.29
C SER A 113 -15.91 -19.87 9.34
N GLY A 114 -14.60 -19.72 9.44
CA GLY A 114 -13.83 -20.51 10.39
C GLY A 114 -14.55 -20.62 11.73
N GLY A 1 30.81 40.93 6.07
CA GLY A 1 29.67 40.54 5.26
C GLY A 1 29.09 39.20 5.73
N SER A 2 27.79 39.05 5.51
CA SER A 2 27.11 37.83 5.90
C SER A 2 25.63 37.90 5.53
N SER A 3 25.14 36.83 4.94
CA SER A 3 23.75 36.76 4.51
C SER A 3 23.47 35.41 3.86
N GLY A 4 22.18 35.14 3.67
CA GLY A 4 21.77 33.90 3.05
C GLY A 4 20.43 33.41 3.63
N SER A 5 19.37 33.70 2.91
CA SER A 5 18.03 33.30 3.34
C SER A 5 16.98 33.86 2.38
N SER A 6 16.41 32.96 1.60
CA SER A 6 15.39 33.36 0.64
C SER A 6 14.00 33.07 1.21
N GLY A 7 13.94 32.07 2.08
CA GLY A 7 12.69 31.70 2.69
C GLY A 7 11.58 31.55 1.65
N SER A 8 11.36 30.31 1.25
CA SER A 8 10.33 30.02 0.26
C SER A 8 9.13 29.35 0.93
N PRO A 9 7.91 29.82 0.54
CA PRO A 9 6.69 29.27 1.09
C PRO A 9 6.38 27.90 0.49
N GLY A 10 5.29 27.31 0.96
CA GLY A 10 4.87 26.01 0.49
C GLY A 10 4.71 25.03 1.65
N ASN A 11 3.51 24.46 1.75
CA ASN A 11 3.21 23.51 2.80
C ASN A 11 1.95 22.72 2.43
N ARG A 12 2.10 21.40 2.43
CA ARG A 12 0.98 20.53 2.10
C ARG A 12 1.39 19.07 2.23
N GLU A 13 0.48 18.27 2.75
CA GLU A 13 0.73 16.85 2.94
C GLU A 13 -0.51 16.15 3.49
N ASN A 14 -0.74 14.94 3.00
CA ASN A 14 -1.89 14.17 3.43
C ASN A 14 -2.01 12.91 2.56
N LYS A 15 -2.12 13.15 1.26
CA LYS A 15 -2.24 12.05 0.31
C LYS A 15 -0.84 11.56 -0.07
N GLU A 16 -0.81 10.43 -0.77
CA GLU A 16 0.45 9.84 -1.20
C GLU A 16 1.41 9.76 -0.02
N LYS A 17 1.43 8.59 0.60
CA LYS A 17 2.31 8.37 1.74
C LYS A 17 3.29 7.24 1.41
N LYS A 18 4.49 7.35 1.96
CA LYS A 18 5.51 6.35 1.74
C LYS A 18 5.49 5.34 2.88
N VAL A 19 5.47 4.07 2.51
CA VAL A 19 5.45 3.00 3.48
C VAL A 19 6.50 1.95 3.11
N PHE A 20 7.46 1.78 4.01
CA PHE A 20 8.52 0.82 3.79
C PHE A 20 8.21 -0.52 4.47
N ILE A 21 7.99 -1.52 3.64
CA ILE A 21 7.68 -2.86 4.15
C ILE A 21 8.95 -3.70 4.19
N SER A 22 9.28 -4.15 5.39
CA SER A 22 10.48 -4.96 5.58
C SER A 22 10.08 -6.39 5.95
N LEU A 23 10.29 -7.31 5.01
CA LEU A 23 9.95 -8.70 5.24
C LEU A 23 11.05 -9.34 6.11
N VAL A 24 11.19 -8.81 7.31
CA VAL A 24 12.18 -9.31 8.24
C VAL A 24 11.51 -9.64 9.58
N GLY A 25 12.21 -10.42 10.38
CA GLY A 25 11.69 -10.81 11.68
C GLY A 25 10.32 -11.48 11.55
N SER A 26 9.70 -11.72 12.69
CA SER A 26 8.39 -12.36 12.72
C SER A 26 7.37 -11.46 12.03
N ARG A 27 7.34 -11.55 10.70
CA ARG A 27 6.41 -10.76 9.92
C ARG A 27 6.73 -10.89 8.43
N GLY A 28 5.83 -11.56 7.72
CA GLY A 28 6.00 -11.76 6.29
C GLY A 28 4.81 -11.19 5.51
N LEU A 29 4.26 -10.12 6.03
CA LEU A 29 3.12 -9.48 5.41
C LEU A 29 1.83 -10.23 5.77
N GLY A 30 0.91 -9.50 6.38
CA GLY A 30 -0.35 -10.09 6.78
C GLY A 30 -1.53 -9.39 6.11
N CYS A 31 -1.22 -8.75 4.98
CA CYS A 31 -2.25 -8.02 4.24
C CYS A 31 -2.49 -8.76 2.92
N SER A 32 -3.58 -8.39 2.26
CA SER A 32 -3.93 -9.01 1.00
C SER A 32 -4.09 -7.94 -0.09
N ILE A 33 -3.64 -8.29 -1.29
CA ILE A 33 -3.73 -7.37 -2.41
C ILE A 33 -4.64 -7.96 -3.47
N SER A 34 -5.31 -7.08 -4.21
CA SER A 34 -6.23 -7.50 -5.24
C SER A 34 -6.05 -6.61 -6.49
N SER A 35 -6.67 -7.03 -7.57
CA SER A 35 -6.60 -6.28 -8.82
C SER A 35 -7.79 -5.32 -8.93
N GLY A 36 -7.51 -4.16 -9.49
CA GLY A 36 -8.55 -3.15 -9.65
C GLY A 36 -9.18 -3.24 -11.05
N PRO A 37 -10.36 -2.57 -11.19
CA PRO A 37 -11.07 -2.57 -12.45
C PRO A 37 -10.38 -1.66 -13.47
N ILE A 38 -11.08 -1.42 -14.57
CA ILE A 38 -10.55 -0.57 -15.63
C ILE A 38 -10.63 0.89 -15.19
N GLN A 39 -11.64 1.17 -14.37
CA GLN A 39 -11.85 2.52 -13.87
C GLN A 39 -10.87 2.82 -12.73
N LYS A 40 -10.50 1.77 -12.02
CA LYS A 40 -9.58 1.90 -10.91
C LYS A 40 -8.55 0.77 -10.96
N PRO A 41 -7.77 0.76 -12.08
CA PRO A 41 -6.74 -0.26 -12.27
C PRO A 41 -5.53 0.01 -11.38
N GLY A 42 -4.92 -1.07 -10.90
CA GLY A 42 -3.77 -0.97 -10.05
C GLY A 42 -3.78 -2.04 -8.96
N ILE A 43 -3.06 -1.77 -7.88
CA ILE A 43 -2.99 -2.70 -6.77
C ILE A 43 -3.58 -2.04 -5.52
N PHE A 44 -4.54 -2.74 -4.92
CA PHE A 44 -5.20 -2.24 -3.73
C PHE A 44 -5.31 -3.34 -2.67
N ILE A 45 -5.06 -2.93 -1.43
CA ILE A 45 -5.13 -3.87 -0.32
C ILE A 45 -6.58 -4.31 -0.11
N SER A 46 -6.74 -5.58 0.21
CA SER A 46 -8.07 -6.14 0.44
C SER A 46 -8.32 -6.31 1.94
N HIS A 47 -7.26 -6.69 2.64
CA HIS A 47 -7.35 -6.89 4.07
C HIS A 47 -5.97 -6.68 4.71
N VAL A 48 -5.98 -6.51 6.02
CA VAL A 48 -4.74 -6.30 6.75
C VAL A 48 -4.85 -6.95 8.13
N LYS A 49 -3.89 -7.82 8.42
CA LYS A 49 -3.88 -8.53 9.69
C LYS A 49 -3.46 -7.55 10.79
N PRO A 50 -3.89 -7.88 12.05
CA PRO A 50 -3.57 -7.05 13.19
C PRO A 50 -2.11 -7.23 13.61
N GLY A 51 -1.40 -6.11 13.64
CA GLY A 51 0.00 -6.13 14.02
C GLY A 51 0.86 -6.74 12.91
N SER A 52 0.32 -6.72 11.70
CA SER A 52 1.03 -7.27 10.56
C SER A 52 2.17 -6.34 10.14
N LEU A 53 2.79 -6.69 9.03
CA LEU A 53 3.90 -5.90 8.52
C LEU A 53 3.36 -4.63 7.85
N SER A 54 2.07 -4.68 7.54
CA SER A 54 1.42 -3.55 6.90
C SER A 54 0.74 -2.68 7.95
N ALA A 55 0.23 -3.33 8.98
CA ALA A 55 -0.45 -2.64 10.06
C ALA A 55 0.58 -1.85 10.87
N GLU A 56 1.75 -2.44 11.02
CA GLU A 56 2.82 -1.82 11.78
C GLU A 56 3.15 -0.44 11.19
N VAL A 57 2.98 -0.36 9.88
CA VAL A 57 3.26 0.89 9.17
C VAL A 57 2.02 1.78 9.21
N GLY A 58 0.87 1.12 9.33
CA GLY A 58 -0.39 1.84 9.37
C GLY A 58 -1.12 1.75 8.04
N LEU A 59 -1.09 0.55 7.47
CA LEU A 59 -1.75 0.30 6.19
C LEU A 59 -3.16 -0.22 6.43
N GLU A 60 -4.08 0.26 5.61
CA GLU A 60 -5.47 -0.15 5.73
C GLU A 60 -6.06 -0.47 4.35
N ILE A 61 -7.28 -0.98 4.36
CA ILE A 61 -7.96 -1.32 3.12
C ILE A 61 -8.19 -0.06 2.30
N GLY A 62 -7.73 -0.10 1.06
CA GLY A 62 -7.88 1.03 0.16
C GLY A 62 -6.52 1.51 -0.36
N ASP A 63 -5.53 1.41 0.52
CA ASP A 63 -4.19 1.83 0.17
C ASP A 63 -3.78 1.20 -1.16
N GLN A 64 -3.96 1.96 -2.22
CA GLN A 64 -3.63 1.48 -3.56
C GLN A 64 -2.13 1.67 -3.83
N ILE A 65 -1.45 0.55 -4.03
CA ILE A 65 -0.02 0.58 -4.30
C ILE A 65 0.21 1.14 -5.70
N VAL A 66 0.70 2.38 -5.73
CA VAL A 66 0.98 3.04 -7.00
C VAL A 66 2.46 2.85 -7.35
N GLU A 67 3.25 2.59 -6.33
CA GLU A 67 4.68 2.38 -6.53
C GLU A 67 5.23 1.47 -5.43
N VAL A 68 6.35 0.84 -5.75
CA VAL A 68 6.99 -0.07 -4.81
C VAL A 68 8.49 -0.11 -5.09
N ASN A 69 9.27 0.27 -4.09
CA ASN A 69 10.71 0.29 -4.22
C ASN A 69 11.10 1.06 -5.49
N GLY A 70 10.20 1.93 -5.90
CA GLY A 70 10.44 2.74 -7.09
C GLY A 70 9.95 2.02 -8.34
N VAL A 71 9.03 1.08 -8.14
CA VAL A 71 8.47 0.32 -9.23
C VAL A 71 7.16 0.97 -9.68
N ASP A 72 6.91 0.88 -10.98
CA ASP A 72 5.70 1.45 -11.55
C ASP A 72 4.54 0.48 -11.36
N PHE A 73 3.91 0.58 -10.20
CA PHE A 73 2.78 -0.28 -9.88
C PHE A 73 1.47 0.33 -10.37
N SER A 74 1.57 1.11 -11.44
CA SER A 74 0.40 1.76 -12.00
C SER A 74 -0.49 0.72 -12.70
N ASN A 75 0.03 0.19 -13.80
CA ASN A 75 -0.70 -0.81 -14.57
C ASN A 75 -0.02 -2.16 -14.41
N LEU A 76 0.31 -2.49 -13.17
CA LEU A 76 0.97 -3.75 -12.88
C LEU A 76 -0.07 -4.88 -12.85
N ASP A 77 0.36 -6.02 -12.34
CA ASP A 77 -0.53 -7.17 -12.25
C ASP A 77 -0.36 -7.83 -10.88
N HIS A 78 -1.23 -8.79 -10.61
CA HIS A 78 -1.19 -9.50 -9.34
C HIS A 78 0.02 -10.42 -9.30
N LYS A 79 0.70 -10.50 -10.44
CA LYS A 79 1.87 -11.34 -10.57
C LYS A 79 3.12 -10.45 -10.63
N GLU A 80 2.97 -9.33 -11.32
CA GLU A 80 4.07 -8.39 -11.46
C GLU A 80 4.23 -7.56 -10.19
N ALA A 81 3.10 -7.20 -9.60
CA ALA A 81 3.11 -6.42 -8.38
C ALA A 81 3.61 -7.27 -7.22
N VAL A 82 3.30 -8.56 -7.30
CA VAL A 82 3.73 -9.50 -6.27
C VAL A 82 5.20 -9.83 -6.45
N ASN A 83 5.53 -10.32 -7.65
CA ASN A 83 6.90 -10.67 -7.96
C ASN A 83 7.84 -9.56 -7.48
N VAL A 84 7.43 -8.33 -7.78
CA VAL A 84 8.23 -7.17 -7.39
C VAL A 84 8.38 -7.16 -5.87
N LEU A 85 7.34 -7.62 -5.19
CA LEU A 85 7.35 -7.66 -3.74
C LEU A 85 8.28 -8.78 -3.27
N LYS A 86 8.27 -9.87 -4.02
CA LYS A 86 9.10 -11.02 -3.70
C LYS A 86 10.57 -10.67 -3.97
N SER A 87 10.76 -9.73 -4.88
CA SER A 87 12.10 -9.29 -5.23
C SER A 87 12.99 -9.27 -3.99
N SER A 88 12.70 -8.34 -3.10
CA SER A 88 13.46 -8.20 -1.88
C SER A 88 12.51 -8.07 -0.68
N ARG A 89 13.10 -8.04 0.51
CA ARG A 89 12.33 -7.92 1.72
C ARG A 89 11.95 -6.46 1.98
N SER A 90 12.98 -5.63 2.08
CA SER A 90 12.78 -4.21 2.31
C SER A 90 12.38 -3.51 1.01
N LEU A 91 11.14 -3.05 0.97
CA LEU A 91 10.62 -2.37 -0.20
C LEU A 91 9.89 -1.09 0.23
N THR A 92 9.88 -0.12 -0.68
CA THR A 92 9.23 1.14 -0.39
C THR A 92 7.92 1.26 -1.19
N ILE A 93 6.82 1.00 -0.52
CA ILE A 93 5.51 1.07 -1.15
C ILE A 93 4.97 2.50 -1.02
N SER A 94 4.43 2.99 -2.12
CA SER A 94 3.87 4.33 -2.14
C SER A 94 2.36 4.26 -2.35
N ILE A 95 1.62 4.39 -1.26
CA ILE A 95 0.17 4.34 -1.32
C ILE A 95 -0.38 5.78 -1.29
N VAL A 96 -1.67 5.88 -1.55
CA VAL A 96 -2.34 7.17 -1.55
C VAL A 96 -3.34 7.23 -0.38
N ALA A 97 -2.95 6.58 0.71
CA ALA A 97 -3.80 6.56 1.89
C ALA A 97 -5.24 6.25 1.47
N ALA A 98 -5.59 4.98 1.51
CA ALA A 98 -6.93 4.55 1.14
C ALA A 98 -7.33 5.23 -0.17
N ALA A 99 -6.52 4.98 -1.19
CA ALA A 99 -6.78 5.56 -2.50
C ALA A 99 -8.13 5.05 -3.03
N GLY A 100 -8.16 3.76 -3.31
CA GLY A 100 -9.37 3.13 -3.81
C GLY A 100 -10.02 2.25 -2.75
N ARG A 101 -10.39 2.89 -1.64
CA ARG A 101 -11.01 2.17 -0.53
C ARG A 101 -12.48 1.89 -0.86
N GLU A 102 -12.98 2.61 -1.85
CA GLU A 102 -14.36 2.44 -2.26
C GLU A 102 -14.55 1.10 -2.99
N LEU A 103 -13.42 0.44 -3.24
CA LEU A 103 -13.44 -0.84 -3.92
C LEU A 103 -13.96 -1.91 -2.95
N PHE A 104 -13.87 -1.60 -1.66
CA PHE A 104 -14.33 -2.52 -0.64
C PHE A 104 -15.39 -1.87 0.25
N MET A 105 -15.07 -0.67 0.72
CA MET A 105 -15.98 0.07 1.58
C MET A 105 -16.10 -0.60 2.95
N THR A 106 -16.59 -1.84 2.92
CA THR A 106 -16.76 -2.59 4.15
C THR A 106 -17.47 -1.75 5.21
N ASP A 107 -17.57 -2.31 6.40
CA ASP A 107 -18.23 -1.62 7.50
C ASP A 107 -18.23 -2.52 8.74
N ARG A 108 -17.53 -2.06 9.77
CA ARG A 108 -17.45 -2.80 11.01
C ARG A 108 -18.84 -3.16 11.52
N SER A 109 -18.94 -4.35 12.10
CA SER A 109 -20.21 -4.81 12.63
C SER A 109 -20.05 -6.23 13.17
N GLY A 110 -19.72 -6.31 14.46
CA GLY A 110 -19.54 -7.60 15.11
C GLY A 110 -18.06 -7.99 15.16
N PRO A 111 -17.55 -8.19 16.39
CA PRO A 111 -16.16 -8.57 16.59
C PRO A 111 -15.94 -10.03 16.21
N SER A 112 -14.66 -10.41 16.17
CA SER A 112 -14.30 -11.78 15.83
C SER A 112 -13.16 -12.25 16.73
N SER A 113 -13.26 -13.50 17.15
CA SER A 113 -12.25 -14.09 18.01
C SER A 113 -11.56 -15.24 17.30
N GLY A 114 -10.23 -15.29 17.44
CA GLY A 114 -9.45 -16.33 16.81
C GLY A 114 -9.19 -17.49 17.78
N GLY A 1 31.54 24.17 -6.04
CA GLY A 1 30.38 24.26 -6.90
C GLY A 1 29.47 25.43 -6.49
N SER A 2 29.33 26.38 -7.41
CA SER A 2 28.51 27.55 -7.16
C SER A 2 27.07 27.28 -7.61
N SER A 3 26.23 26.99 -6.63
CA SER A 3 24.83 26.70 -6.91
C SER A 3 24.03 26.66 -5.60
N GLY A 4 23.45 27.80 -5.26
CA GLY A 4 22.66 27.91 -4.05
C GLY A 4 21.20 27.56 -4.30
N SER A 5 20.67 26.71 -3.43
CA SER A 5 19.28 26.29 -3.55
C SER A 5 18.36 27.34 -2.95
N SER A 6 17.09 27.28 -3.35
CA SER A 6 16.10 28.22 -2.85
C SER A 6 15.29 27.58 -1.72
N GLY A 7 15.27 26.24 -1.73
CA GLY A 7 14.55 25.51 -0.71
C GLY A 7 13.12 25.21 -1.17
N SER A 8 12.63 24.04 -0.77
CA SER A 8 11.29 23.63 -1.13
C SER A 8 10.44 23.45 0.13
N PRO A 9 9.17 23.91 0.04
CA PRO A 9 8.25 23.81 1.16
C PRO A 9 7.76 22.38 1.34
N GLY A 10 7.19 21.85 0.25
CA GLY A 10 6.67 20.49 0.28
C GLY A 10 5.43 20.39 1.17
N ASN A 11 5.65 19.89 2.38
CA ASN A 11 4.57 19.74 3.33
C ASN A 11 3.54 18.75 2.78
N ARG A 12 3.18 17.79 3.61
CA ARG A 12 2.21 16.78 3.22
C ARG A 12 2.01 15.77 4.35
N GLU A 13 0.75 15.40 4.54
CA GLU A 13 0.40 14.45 5.58
C GLU A 13 -1.08 14.07 5.49
N ASN A 14 -1.47 13.58 4.32
CA ASN A 14 -2.85 13.19 4.09
C ASN A 14 -2.89 12.18 2.95
N LYS A 15 -2.51 12.64 1.77
CA LYS A 15 -2.51 11.79 0.59
C LYS A 15 -1.08 11.38 0.27
N GLU A 16 -0.96 10.43 -0.65
CA GLU A 16 0.34 9.93 -1.06
C GLU A 16 1.26 9.81 0.16
N LYS A 17 1.19 8.65 0.81
CA LYS A 17 2.00 8.39 1.98
C LYS A 17 3.05 7.34 1.64
N LYS A 18 4.23 7.52 2.21
CA LYS A 18 5.33 6.60 1.98
C LYS A 18 5.37 5.57 3.11
N VAL A 19 5.50 4.31 2.72
CA VAL A 19 5.55 3.22 3.68
C VAL A 19 6.73 2.30 3.34
N PHE A 20 7.15 1.54 4.34
CA PHE A 20 8.25 0.62 4.17
C PHE A 20 7.95 -0.74 4.81
N ILE A 21 7.81 -1.75 3.96
CA ILE A 21 7.53 -3.09 4.42
C ILE A 21 8.83 -3.87 4.56
N SER A 22 9.26 -4.01 5.80
CA SER A 22 10.50 -4.72 6.09
C SER A 22 10.20 -6.22 6.29
N LEU A 23 10.70 -7.01 5.35
CA LEU A 23 10.49 -8.45 5.41
C LEU A 23 11.64 -9.10 6.19
N VAL A 24 11.66 -8.83 7.48
CA VAL A 24 12.71 -9.37 8.34
C VAL A 24 12.05 -10.16 9.48
N GLY A 25 11.37 -11.23 9.11
CA GLY A 25 10.70 -12.07 10.09
C GLY A 25 9.77 -13.07 9.40
N SER A 26 8.87 -13.62 10.20
CA SER A 26 7.91 -14.59 9.68
C SER A 26 6.63 -13.89 9.26
N ARG A 27 6.72 -12.57 9.13
CA ARG A 27 5.58 -11.77 8.72
C ARG A 27 5.35 -11.90 7.22
N GLY A 28 6.18 -11.21 6.46
CA GLY A 28 6.07 -11.23 5.01
C GLY A 28 4.72 -10.68 4.55
N LEU A 29 4.39 -9.52 5.10
CA LEU A 29 3.14 -8.87 4.75
C LEU A 29 1.97 -9.67 5.31
N GLY A 30 1.00 -8.96 5.87
CA GLY A 30 -0.17 -9.60 6.45
C GLY A 30 -1.45 -9.03 5.86
N CYS A 31 -1.28 -8.19 4.84
CA CYS A 31 -2.41 -7.57 4.18
C CYS A 31 -2.61 -8.23 2.82
N SER A 32 -3.87 -8.39 2.44
CA SER A 32 -4.19 -9.02 1.17
C SER A 32 -4.32 -7.94 0.08
N ILE A 33 -3.82 -8.29 -1.10
CA ILE A 33 -3.87 -7.37 -2.23
C ILE A 33 -4.75 -7.97 -3.32
N SER A 34 -5.43 -7.09 -4.04
CA SER A 34 -6.31 -7.52 -5.12
C SER A 34 -6.08 -6.64 -6.35
N SER A 35 -6.67 -7.07 -7.46
CA SER A 35 -6.53 -6.33 -8.70
C SER A 35 -7.81 -5.56 -8.99
N GLY A 36 -7.64 -4.29 -9.32
CA GLY A 36 -8.77 -3.42 -9.62
C GLY A 36 -9.33 -3.73 -11.01
N PRO A 37 -10.50 -3.10 -11.30
CA PRO A 37 -11.17 -3.30 -12.58
C PRO A 37 -10.44 -2.53 -13.68
N ILE A 38 -11.01 -2.59 -14.88
CA ILE A 38 -10.44 -1.92 -16.03
C ILE A 38 -10.58 -0.41 -15.85
N GLN A 39 -11.63 -0.03 -15.12
CA GLN A 39 -11.88 1.39 -14.87
C GLN A 39 -10.96 1.90 -13.76
N LYS A 40 -10.62 1.00 -12.85
CA LYS A 40 -9.74 1.35 -11.74
C LYS A 40 -8.72 0.24 -11.52
N PRO A 41 -7.88 0.01 -12.58
CA PRO A 41 -6.86 -1.02 -12.51
C PRO A 41 -5.69 -0.58 -11.62
N GLY A 42 -5.13 -1.55 -10.91
CA GLY A 42 -4.01 -1.27 -10.03
C GLY A 42 -3.93 -2.33 -8.92
N ILE A 43 -3.22 -1.96 -7.86
CA ILE A 43 -3.05 -2.86 -6.73
C ILE A 43 -3.60 -2.19 -5.46
N PHE A 44 -4.76 -2.68 -5.04
CA PHE A 44 -5.41 -2.13 -3.85
C PHE A 44 -5.52 -3.20 -2.76
N ILE A 45 -5.24 -2.79 -1.53
CA ILE A 45 -5.31 -3.68 -0.40
C ILE A 45 -6.76 -4.09 -0.16
N SER A 46 -6.95 -5.30 0.35
CA SER A 46 -8.27 -5.81 0.64
C SER A 46 -8.45 -6.00 2.14
N HIS A 47 -7.39 -6.44 2.78
CA HIS A 47 -7.42 -6.66 4.21
C HIS A 47 -6.02 -6.40 4.81
N VAL A 48 -6.00 -6.25 6.12
CA VAL A 48 -4.74 -6.00 6.81
C VAL A 48 -4.72 -6.77 8.13
N LYS A 49 -3.56 -7.31 8.45
CA LYS A 49 -3.41 -8.08 9.67
C LYS A 49 -2.93 -7.15 10.80
N PRO A 50 -3.22 -7.58 12.05
CA PRO A 50 -2.83 -6.80 13.22
C PRO A 50 -1.33 -6.92 13.48
N GLY A 51 -0.65 -5.79 13.42
CA GLY A 51 0.78 -5.76 13.65
C GLY A 51 1.54 -6.39 12.47
N SER A 52 0.86 -6.46 11.34
CA SER A 52 1.45 -7.05 10.15
C SER A 52 2.50 -6.08 9.57
N LEU A 53 2.91 -6.37 8.33
CA LEU A 53 3.90 -5.55 7.67
C LEU A 53 3.22 -4.30 7.11
N SER A 54 1.90 -4.34 7.07
CA SER A 54 1.13 -3.21 6.57
C SER A 54 0.70 -2.31 7.73
N ALA A 55 0.25 -2.95 8.81
CA ALA A 55 -0.18 -2.22 9.98
C ALA A 55 1.01 -1.49 10.59
N GLU A 56 2.11 -2.22 10.73
CA GLU A 56 3.32 -1.66 11.28
C GLU A 56 3.60 -0.29 10.68
N VAL A 57 3.29 -0.17 9.40
CA VAL A 57 3.50 1.08 8.68
C VAL A 57 2.25 1.95 8.79
N GLY A 58 1.11 1.27 8.96
CA GLY A 58 -0.16 1.96 9.08
C GLY A 58 -0.97 1.85 7.78
N LEU A 59 -0.85 0.67 7.16
CA LEU A 59 -1.56 0.42 5.91
C LEU A 59 -2.98 -0.04 6.23
N GLU A 60 -3.92 0.42 5.41
CA GLU A 60 -5.31 0.07 5.59
C GLU A 60 -5.97 -0.22 4.25
N ILE A 61 -7.18 -0.75 4.31
CA ILE A 61 -7.93 -1.05 3.09
C ILE A 61 -8.15 0.23 2.29
N GLY A 62 -7.84 0.13 1.00
CA GLY A 62 -8.00 1.28 0.12
C GLY A 62 -6.65 1.79 -0.37
N ASP A 63 -5.63 1.52 0.44
CA ASP A 63 -4.28 1.95 0.11
C ASP A 63 -3.84 1.27 -1.19
N GLN A 64 -3.99 2.02 -2.28
CA GLN A 64 -3.61 1.49 -3.58
C GLN A 64 -2.11 1.69 -3.82
N ILE A 65 -1.43 0.57 -4.01
CA ILE A 65 0.01 0.60 -4.24
C ILE A 65 0.29 1.24 -5.60
N VAL A 66 0.79 2.46 -5.56
CA VAL A 66 1.11 3.19 -6.78
C VAL A 66 2.60 3.05 -7.07
N GLU A 67 3.36 2.73 -6.04
CA GLU A 67 4.79 2.58 -6.17
C GLU A 67 5.32 1.62 -5.09
N VAL A 68 6.43 0.97 -5.42
CA VAL A 68 7.05 0.05 -4.50
C VAL A 68 8.55 0.00 -4.75
N ASN A 69 9.31 0.51 -3.78
CA ASN A 69 10.75 0.53 -3.89
C ASN A 69 11.16 1.34 -5.13
N GLY A 70 10.21 2.13 -5.62
CA GLY A 70 10.45 2.96 -6.79
C GLY A 70 9.84 2.32 -8.04
N VAL A 71 9.22 1.17 -7.83
CA VAL A 71 8.60 0.46 -8.94
C VAL A 71 7.28 1.15 -9.30
N ASP A 72 6.89 0.96 -10.56
CA ASP A 72 5.65 1.55 -11.05
C ASP A 72 4.50 0.58 -10.83
N PHE A 73 3.86 0.70 -9.68
CA PHE A 73 2.74 -0.17 -9.35
C PHE A 73 1.41 0.48 -9.73
N SER A 74 1.49 1.43 -10.65
CA SER A 74 0.31 2.14 -11.10
C SER A 74 -0.57 1.20 -11.94
N ASN A 75 0.09 0.37 -12.73
CA ASN A 75 -0.62 -0.58 -13.57
C ASN A 75 0.12 -1.92 -13.56
N LEU A 76 0.37 -2.41 -12.35
CA LEU A 76 1.08 -3.67 -12.19
C LEU A 76 0.06 -4.82 -12.22
N ASP A 77 0.52 -5.99 -11.80
CA ASP A 77 -0.33 -7.16 -11.76
C ASP A 77 -0.18 -7.85 -10.41
N HIS A 78 -1.06 -8.82 -10.17
CA HIS A 78 -1.04 -9.57 -8.92
C HIS A 78 0.19 -10.48 -8.90
N LYS A 79 0.87 -10.54 -10.04
CA LYS A 79 2.06 -11.37 -10.17
C LYS A 79 3.30 -10.47 -10.23
N GLU A 80 3.14 -9.33 -10.87
CA GLU A 80 4.23 -8.38 -11.01
C GLU A 80 4.39 -7.57 -9.72
N ALA A 81 3.25 -7.27 -9.11
CA ALA A 81 3.25 -6.50 -7.88
C ALA A 81 3.75 -7.39 -6.73
N VAL A 82 3.41 -8.66 -6.82
CA VAL A 82 3.81 -9.61 -5.79
C VAL A 82 5.30 -9.93 -5.96
N ASN A 83 5.64 -10.41 -7.15
CA ASN A 83 7.02 -10.76 -7.44
C ASN A 83 7.93 -9.61 -7.01
N VAL A 84 7.51 -8.40 -7.36
CA VAL A 84 8.28 -7.21 -7.02
C VAL A 84 8.35 -7.08 -5.49
N LEU A 85 7.34 -7.62 -4.84
CA LEU A 85 7.28 -7.57 -3.38
C LEU A 85 8.14 -8.69 -2.80
N LYS A 86 8.16 -9.81 -3.51
CA LYS A 86 8.93 -10.96 -3.08
C LYS A 86 10.40 -10.73 -3.43
N SER A 87 10.62 -10.06 -4.55
CA SER A 87 11.97 -9.77 -5.01
C SER A 87 12.88 -9.53 -3.81
N SER A 88 12.65 -8.41 -3.13
CA SER A 88 13.44 -8.05 -1.97
C SER A 88 12.56 -8.05 -0.72
N ARG A 89 13.22 -8.04 0.43
CA ARG A 89 12.52 -8.03 1.70
C ARG A 89 12.02 -6.62 2.03
N SER A 90 12.97 -5.72 2.22
CA SER A 90 12.63 -4.34 2.53
C SER A 90 12.26 -3.58 1.25
N LEU A 91 10.99 -3.22 1.17
CA LEU A 91 10.49 -2.49 0.01
C LEU A 91 9.73 -1.26 0.49
N THR A 92 9.86 -0.18 -0.29
CA THR A 92 9.18 1.06 0.03
C THR A 92 7.92 1.22 -0.82
N ILE A 93 6.79 0.93 -0.19
CA ILE A 93 5.51 1.04 -0.87
C ILE A 93 4.96 2.46 -0.69
N SER A 94 4.35 2.96 -1.76
CA SER A 94 3.79 4.29 -1.75
C SER A 94 2.30 4.22 -2.09
N ILE A 95 1.48 4.50 -1.09
CA ILE A 95 0.03 4.48 -1.27
C ILE A 95 -0.50 5.90 -1.23
N VAL A 96 -1.77 6.04 -1.57
CA VAL A 96 -2.42 7.35 -1.57
C VAL A 96 -3.38 7.43 -0.39
N ALA A 97 -3.04 6.72 0.68
CA ALA A 97 -3.85 6.71 1.87
C ALA A 97 -5.33 6.54 1.47
N ALA A 98 -5.76 5.29 1.45
CA ALA A 98 -7.13 4.99 1.09
C ALA A 98 -7.43 5.58 -0.29
N ALA A 99 -6.59 5.24 -1.25
CA ALA A 99 -6.74 5.71 -2.60
C ALA A 99 -8.11 5.28 -3.14
N GLY A 100 -8.23 3.99 -3.39
CA GLY A 100 -9.47 3.44 -3.91
C GLY A 100 -10.24 2.71 -2.81
N ARG A 101 -10.52 3.43 -1.74
CA ARG A 101 -11.26 2.87 -0.61
C ARG A 101 -12.67 2.45 -1.05
N GLU A 102 -13.18 3.15 -2.04
CA GLU A 102 -14.50 2.87 -2.56
C GLU A 102 -14.56 1.45 -3.14
N LEU A 103 -13.37 0.94 -3.46
CA LEU A 103 -13.27 -0.40 -4.03
C LEU A 103 -13.69 -1.43 -2.98
N PHE A 104 -13.71 -0.97 -1.73
CA PHE A 104 -14.10 -1.84 -0.62
C PHE A 104 -15.05 -1.12 0.34
N MET A 105 -16.08 -0.52 -0.24
CA MET A 105 -17.06 0.20 0.55
C MET A 105 -18.27 -0.69 0.85
N THR A 106 -17.98 -1.87 1.39
CA THR A 106 -19.02 -2.81 1.74
C THR A 106 -18.52 -3.79 2.79
N ASP A 107 -19.40 -4.09 3.75
CA ASP A 107 -19.06 -5.01 4.82
C ASP A 107 -19.91 -6.27 4.69
N ARG A 108 -19.43 -7.33 5.31
CA ARG A 108 -20.15 -8.61 5.27
C ARG A 108 -19.56 -9.57 6.30
N SER A 109 -20.46 -10.25 7.00
CA SER A 109 -20.05 -11.20 8.02
C SER A 109 -19.27 -12.36 7.38
N GLY A 110 -18.71 -13.20 8.23
CA GLY A 110 -17.94 -14.34 7.76
C GLY A 110 -17.71 -15.35 8.89
N PRO A 111 -17.44 -16.62 8.48
CA PRO A 111 -17.21 -17.68 9.44
C PRO A 111 -15.81 -17.55 10.07
N SER A 112 -15.49 -18.50 10.94
CA SER A 112 -14.21 -18.50 11.61
C SER A 112 -13.97 -19.86 12.27
N SER A 113 -12.94 -20.53 11.80
CA SER A 113 -12.58 -21.84 12.34
C SER A 113 -11.53 -21.69 13.44
N GLY A 114 -11.73 -22.43 14.52
CA GLY A 114 -10.81 -22.38 15.64
C GLY A 114 -9.57 -23.25 15.37
N GLY A 1 29.97 20.33 9.81
CA GLY A 1 28.52 20.41 9.97
C GLY A 1 27.81 19.86 8.74
N SER A 2 26.51 19.65 8.90
CA SER A 2 25.70 19.13 7.81
C SER A 2 24.64 20.16 7.42
N SER A 3 24.04 19.92 6.26
CA SER A 3 23.00 20.82 5.76
C SER A 3 22.12 20.10 4.75
N GLY A 4 20.91 20.59 4.58
CA GLY A 4 19.97 20.01 3.65
C GLY A 4 18.76 20.92 3.42
N SER A 5 17.93 20.54 2.47
CA SER A 5 16.74 21.32 2.16
C SER A 5 15.95 20.62 1.06
N SER A 6 14.75 20.16 1.42
CA SER A 6 13.88 19.49 0.48
C SER A 6 12.74 20.41 0.05
N GLY A 7 12.51 21.42 0.88
CA GLY A 7 11.44 22.38 0.61
C GLY A 7 10.21 22.08 1.45
N SER A 8 9.19 22.91 1.27
CA SER A 8 7.95 22.74 2.01
C SER A 8 6.75 22.91 1.06
N PRO A 9 5.79 21.95 1.16
CA PRO A 9 4.61 21.99 0.32
C PRO A 9 3.63 23.06 0.82
N GLY A 10 2.52 23.17 0.11
CA GLY A 10 1.50 24.15 0.45
C GLY A 10 0.10 23.55 0.27
N ASN A 11 -0.38 22.91 1.32
CA ASN A 11 -1.69 22.30 1.30
C ASN A 11 -1.99 21.67 2.66
N ARG A 12 -3.27 21.45 2.92
CA ARG A 12 -3.70 20.86 4.17
C ARG A 12 -4.36 19.50 3.92
N GLU A 13 -3.52 18.51 3.65
CA GLU A 13 -4.00 17.17 3.39
C GLU A 13 -2.87 16.15 3.54
N ASN A 14 -3.27 14.91 3.77
CA ASN A 14 -2.29 13.84 3.95
C ASN A 14 -2.52 12.77 2.87
N LYS A 15 -1.87 12.97 1.73
CA LYS A 15 -2.00 12.04 0.62
C LYS A 15 -0.62 11.52 0.25
N GLU A 16 -0.62 10.52 -0.63
CA GLU A 16 0.62 9.91 -1.08
C GLU A 16 1.59 9.75 0.11
N LYS A 17 1.47 8.61 0.77
CA LYS A 17 2.32 8.31 1.91
C LYS A 17 3.31 7.21 1.53
N LYS A 18 4.53 7.36 2.02
CA LYS A 18 5.57 6.39 1.74
C LYS A 18 5.68 5.41 2.90
N VAL A 19 5.31 4.17 2.62
CA VAL A 19 5.36 3.13 3.64
C VAL A 19 6.38 2.07 3.23
N PHE A 20 7.41 1.94 4.05
CA PHE A 20 8.47 0.98 3.79
C PHE A 20 8.21 -0.33 4.53
N ILE A 21 8.04 -1.39 3.75
CA ILE A 21 7.78 -2.71 4.31
C ILE A 21 9.10 -3.47 4.44
N SER A 22 9.61 -3.51 5.66
CA SER A 22 10.86 -4.19 5.92
C SER A 22 10.58 -5.66 6.28
N LEU A 23 11.01 -6.55 5.38
CA LEU A 23 10.82 -7.97 5.59
C LEU A 23 12.02 -8.54 6.35
N VAL A 24 12.09 -8.22 7.63
CA VAL A 24 13.18 -8.69 8.47
C VAL A 24 12.60 -9.27 9.76
N GLY A 25 12.78 -10.58 9.91
CA GLY A 25 12.28 -11.27 11.09
C GLY A 25 11.45 -12.48 10.71
N SER A 26 10.14 -12.31 10.78
CA SER A 26 9.23 -13.39 10.44
C SER A 26 7.86 -12.82 10.04
N ARG A 27 7.85 -12.14 8.90
CA ARG A 27 6.63 -11.53 8.41
C ARG A 27 6.76 -11.22 6.92
N GLY A 28 5.81 -11.72 6.14
CA GLY A 28 5.81 -11.51 4.71
C GLY A 28 4.52 -10.81 4.26
N LEU A 29 4.26 -9.66 4.88
CA LEU A 29 3.08 -8.89 4.56
C LEU A 29 1.83 -9.68 4.96
N GLY A 30 1.13 -9.16 5.96
CA GLY A 30 -0.07 -9.80 6.44
C GLY A 30 -1.33 -9.07 5.95
N CYS A 31 -1.29 -8.68 4.69
CA CYS A 31 -2.41 -7.97 4.09
C CYS A 31 -2.66 -8.56 2.70
N SER A 32 -3.93 -8.63 2.34
CA SER A 32 -4.32 -9.16 1.04
C SER A 32 -4.36 -8.04 0.01
N ILE A 33 -3.85 -8.36 -1.19
CA ILE A 33 -3.82 -7.39 -2.27
C ILE A 33 -4.65 -7.92 -3.44
N SER A 34 -5.33 -7.00 -4.10
CA SER A 34 -6.17 -7.35 -5.23
C SER A 34 -5.96 -6.34 -6.37
N SER A 35 -6.50 -6.69 -7.53
CA SER A 35 -6.37 -5.84 -8.69
C SER A 35 -7.68 -5.06 -8.90
N GLY A 36 -7.52 -3.88 -9.50
CA GLY A 36 -8.68 -3.03 -9.77
C GLY A 36 -9.24 -3.27 -11.18
N PRO A 37 -10.37 -2.58 -11.47
CA PRO A 37 -11.00 -2.72 -12.77
C PRO A 37 -10.22 -1.95 -13.85
N ILE A 38 -10.82 -1.88 -15.03
CA ILE A 38 -10.20 -1.19 -16.14
C ILE A 38 -10.26 0.32 -15.89
N GLN A 39 -11.31 0.72 -15.19
CA GLN A 39 -11.49 2.14 -14.89
C GLN A 39 -10.57 2.56 -13.74
N LYS A 40 -10.29 1.60 -12.86
CA LYS A 40 -9.42 1.86 -11.73
C LYS A 40 -8.45 0.70 -11.55
N PRO A 41 -7.61 0.49 -12.61
CA PRO A 41 -6.63 -0.59 -12.57
C PRO A 41 -5.46 -0.23 -11.66
N GLY A 42 -4.93 -1.27 -11.02
CA GLY A 42 -3.81 -1.09 -10.12
C GLY A 42 -3.80 -2.15 -9.02
N ILE A 43 -3.13 -1.83 -7.93
CA ILE A 43 -3.03 -2.76 -6.80
C ILE A 43 -3.61 -2.09 -5.55
N PHE A 44 -4.67 -2.69 -5.03
CA PHE A 44 -5.31 -2.17 -3.84
C PHE A 44 -5.47 -3.25 -2.78
N ILE A 45 -5.26 -2.86 -1.53
CA ILE A 45 -5.37 -3.78 -0.42
C ILE A 45 -6.83 -4.22 -0.27
N SER A 46 -7.01 -5.42 0.26
CA SER A 46 -8.34 -5.96 0.46
C SER A 46 -8.60 -6.18 1.95
N HIS A 47 -7.56 -6.64 2.65
CA HIS A 47 -7.65 -6.90 4.07
C HIS A 47 -6.28 -6.72 4.72
N VAL A 48 -6.30 -6.51 6.02
CA VAL A 48 -5.07 -6.33 6.77
C VAL A 48 -5.18 -7.04 8.13
N LYS A 49 -4.16 -7.82 8.43
CA LYS A 49 -4.12 -8.56 9.69
C LYS A 49 -3.80 -7.59 10.83
N PRO A 50 -4.24 -8.00 12.05
CA PRO A 50 -4.00 -7.20 13.24
C PRO A 50 -2.53 -7.28 13.69
N GLY A 51 -1.84 -6.17 13.54
CA GLY A 51 -0.43 -6.13 13.91
C GLY A 51 0.44 -6.87 12.90
N SER A 52 0.16 -6.62 11.63
CA SER A 52 0.91 -7.27 10.57
C SER A 52 2.07 -6.37 10.12
N LEU A 53 2.64 -6.72 8.98
CA LEU A 53 3.76 -5.96 8.44
C LEU A 53 3.22 -4.70 7.74
N SER A 54 1.92 -4.70 7.53
CA SER A 54 1.27 -3.57 6.88
C SER A 54 0.69 -2.62 7.92
N ALA A 55 0.09 -3.21 8.95
CA ALA A 55 -0.51 -2.44 10.02
C ALA A 55 0.59 -1.69 10.77
N GLU A 56 1.68 -2.41 11.03
CA GLU A 56 2.81 -1.83 11.74
C GLU A 56 3.15 -0.45 11.15
N VAL A 57 2.98 -0.34 9.85
CA VAL A 57 3.27 0.91 9.17
C VAL A 57 2.02 1.79 9.16
N GLY A 58 0.87 1.13 9.26
CA GLY A 58 -0.39 1.84 9.27
C GLY A 58 -1.14 1.67 7.94
N LEU A 59 -1.04 0.47 7.40
CA LEU A 59 -1.69 0.17 6.14
C LEU A 59 -3.13 -0.30 6.41
N GLU A 60 -4.05 0.19 5.59
CA GLU A 60 -5.44 -0.17 5.73
C GLU A 60 -6.06 -0.45 4.36
N ILE A 61 -7.29 -0.92 4.38
CA ILE A 61 -8.00 -1.23 3.15
C ILE A 61 -8.18 0.06 2.33
N GLY A 62 -7.91 -0.05 1.04
CA GLY A 62 -8.03 1.08 0.15
C GLY A 62 -6.65 1.56 -0.32
N ASP A 63 -5.69 1.45 0.58
CA ASP A 63 -4.33 1.88 0.28
C ASP A 63 -3.89 1.23 -1.04
N GLN A 64 -4.03 2.00 -2.11
CA GLN A 64 -3.64 1.52 -3.43
C GLN A 64 -2.14 1.70 -3.65
N ILE A 65 -1.51 0.62 -4.09
CA ILE A 65 -0.08 0.65 -4.35
C ILE A 65 0.18 1.26 -5.72
N VAL A 66 0.71 2.46 -5.71
CA VAL A 66 1.01 3.16 -6.95
C VAL A 66 2.49 2.98 -7.29
N GLU A 67 3.27 2.67 -6.26
CA GLU A 67 4.69 2.46 -6.43
C GLU A 67 5.23 1.53 -5.35
N VAL A 68 6.30 0.83 -5.69
CA VAL A 68 6.92 -0.10 -4.76
C VAL A 68 8.42 -0.16 -5.03
N ASN A 69 9.19 0.18 -4.01
CA ASN A 69 10.64 0.17 -4.12
C ASN A 69 11.05 0.91 -5.39
N GLY A 70 10.20 1.86 -5.79
CA GLY A 70 10.47 2.64 -6.98
C GLY A 70 9.99 1.92 -8.24
N VAL A 71 8.99 1.07 -8.05
CA VAL A 71 8.43 0.32 -9.16
C VAL A 71 7.11 0.94 -9.59
N ASP A 72 6.76 0.72 -10.85
CA ASP A 72 5.54 1.27 -11.40
C ASP A 72 4.38 0.31 -11.10
N PHE A 73 3.76 0.53 -9.95
CA PHE A 73 2.64 -0.30 -9.54
C PHE A 73 1.30 0.36 -9.88
N SER A 74 1.35 1.24 -10.87
CA SER A 74 0.16 1.95 -11.29
C SER A 74 -0.72 1.04 -12.15
N ASN A 75 -0.06 0.08 -12.79
CA ASN A 75 -0.76 -0.87 -13.64
C ASN A 75 -0.05 -2.22 -13.60
N LEU A 76 0.22 -2.67 -12.38
CA LEU A 76 0.89 -3.94 -12.19
C LEU A 76 -0.15 -5.06 -12.13
N ASP A 77 0.31 -6.22 -11.69
CA ASP A 77 -0.56 -7.38 -11.58
C ASP A 77 -0.36 -8.04 -10.21
N HIS A 78 -1.25 -8.98 -9.91
CA HIS A 78 -1.18 -9.70 -8.65
C HIS A 78 0.03 -10.63 -8.65
N LYS A 79 0.67 -10.71 -9.81
CA LYS A 79 1.83 -11.56 -9.96
C LYS A 79 3.09 -10.69 -10.08
N GLU A 80 2.93 -9.59 -10.80
CA GLU A 80 4.04 -8.66 -11.00
C GLU A 80 4.27 -7.84 -9.74
N ALA A 81 3.18 -7.50 -9.08
CA ALA A 81 3.25 -6.71 -7.85
C ALA A 81 3.81 -7.59 -6.73
N VAL A 82 3.34 -8.83 -6.69
CA VAL A 82 3.78 -9.76 -5.68
C VAL A 82 5.25 -10.13 -5.94
N ASN A 83 5.57 -10.31 -7.20
CA ASN A 83 6.93 -10.66 -7.59
C ASN A 83 7.88 -9.57 -7.13
N VAL A 84 7.53 -8.33 -7.46
CA VAL A 84 8.34 -7.20 -7.08
C VAL A 84 8.31 -7.03 -5.56
N LEU A 85 7.27 -7.60 -4.95
CA LEU A 85 7.11 -7.52 -3.51
C LEU A 85 7.87 -8.67 -2.85
N LYS A 86 8.02 -9.75 -3.61
CA LYS A 86 8.73 -10.92 -3.12
C LYS A 86 10.14 -10.95 -3.71
N SER A 87 10.42 -9.95 -4.54
CA SER A 87 11.73 -9.86 -5.17
C SER A 87 12.71 -9.16 -4.23
N SER A 88 12.26 -8.93 -3.01
CA SER A 88 13.09 -8.29 -2.00
C SER A 88 12.35 -8.21 -0.68
N ARG A 89 13.10 -7.96 0.39
CA ARG A 89 12.53 -7.86 1.71
C ARG A 89 12.10 -6.42 2.00
N SER A 90 13.09 -5.54 2.07
CA SER A 90 12.82 -4.14 2.34
C SER A 90 12.39 -3.44 1.05
N LEU A 91 11.11 -3.11 1.00
CA LEU A 91 10.56 -2.44 -0.16
C LEU A 91 9.92 -1.10 0.27
N THR A 92 9.76 -0.22 -0.70
CA THR A 92 9.18 1.08 -0.44
C THR A 92 7.85 1.24 -1.16
N ILE A 93 6.77 1.00 -0.43
CA ILE A 93 5.43 1.11 -1.00
C ILE A 93 4.95 2.55 -0.88
N SER A 94 4.39 3.06 -1.98
CA SER A 94 3.89 4.42 -2.01
C SER A 94 2.39 4.41 -2.29
N ILE A 95 1.61 4.48 -1.23
CA ILE A 95 0.17 4.48 -1.35
C ILE A 95 -0.35 5.92 -1.24
N VAL A 96 -1.63 6.08 -1.56
CA VAL A 96 -2.26 7.40 -1.50
C VAL A 96 -3.20 7.45 -0.30
N ALA A 97 -2.84 6.71 0.74
CA ALA A 97 -3.64 6.68 1.94
C ALA A 97 -5.11 6.47 1.58
N ALA A 98 -5.53 5.22 1.59
CA ALA A 98 -6.90 4.87 1.26
C ALA A 98 -7.27 5.51 -0.08
N ALA A 99 -6.45 5.20 -1.09
CA ALA A 99 -6.68 5.74 -2.42
C ALA A 99 -8.04 5.26 -2.93
N GLY A 100 -8.12 3.98 -3.22
CA GLY A 100 -9.35 3.39 -3.71
C GLY A 100 -10.10 2.65 -2.60
N ARG A 101 -10.41 3.39 -1.54
CA ARG A 101 -11.11 2.81 -0.41
C ARG A 101 -12.56 2.49 -0.79
N GLU A 102 -13.05 3.21 -1.78
CA GLU A 102 -14.41 3.01 -2.24
C GLU A 102 -14.53 1.67 -2.98
N LEU A 103 -13.47 1.34 -3.71
CA LEU A 103 -13.45 0.09 -4.46
C LEU A 103 -14.08 -1.01 -3.62
N PHE A 104 -13.67 -1.08 -2.36
CA PHE A 104 -14.19 -2.08 -1.46
C PHE A 104 -15.32 -1.51 -0.60
N MET A 105 -15.03 -0.39 0.04
CA MET A 105 -16.01 0.27 0.91
C MET A 105 -16.45 -0.67 2.03
N THR A 106 -15.65 -0.68 3.09
CA THR A 106 -15.96 -1.51 4.24
C THR A 106 -15.91 -2.99 3.86
N ASP A 107 -15.05 -3.72 4.56
CA ASP A 107 -14.90 -5.15 4.29
C ASP A 107 -14.52 -5.86 5.58
N ARG A 108 -14.76 -7.16 5.59
CA ARG A 108 -14.44 -7.97 6.77
C ARG A 108 -14.50 -9.47 6.41
N SER A 109 -13.39 -10.14 6.67
CA SER A 109 -13.30 -11.55 6.39
C SER A 109 -12.79 -12.31 7.63
N GLY A 110 -13.40 -13.45 7.88
CA GLY A 110 -13.03 -14.27 9.02
C GLY A 110 -11.57 -14.71 8.92
N PRO A 111 -10.73 -14.16 9.85
CA PRO A 111 -9.32 -14.49 9.87
C PRO A 111 -9.09 -15.89 10.45
N SER A 112 -9.74 -16.15 11.57
CA SER A 112 -9.60 -17.44 12.23
C SER A 112 -9.64 -18.56 11.18
N SER A 113 -8.60 -19.37 11.19
CA SER A 113 -8.49 -20.48 10.25
C SER A 113 -7.25 -21.31 10.56
N GLY A 114 -7.49 -22.51 11.07
CA GLY A 114 -6.41 -23.41 11.41
C GLY A 114 -5.88 -24.12 10.17
N GLY A 1 30.10 13.44 8.36
CA GLY A 1 29.05 13.97 7.50
C GLY A 1 28.85 13.09 6.27
N SER A 2 27.66 12.51 6.18
CA SER A 2 27.33 11.65 5.06
C SER A 2 26.16 12.24 4.27
N SER A 3 26.50 13.11 3.32
CA SER A 3 25.49 13.75 2.50
C SER A 3 24.96 12.76 1.45
N GLY A 4 23.69 12.92 1.10
CA GLY A 4 23.08 12.06 0.11
C GLY A 4 21.55 12.19 0.16
N SER A 5 20.94 12.08 -1.01
CA SER A 5 19.49 12.17 -1.11
C SER A 5 19.03 13.56 -0.66
N SER A 6 18.51 14.31 -1.63
CA SER A 6 18.03 15.65 -1.35
C SER A 6 16.50 15.68 -1.35
N GLY A 7 15.93 14.51 -1.08
CA GLY A 7 14.48 14.38 -1.05
C GLY A 7 13.90 14.39 -2.46
N SER A 8 12.58 14.48 -2.51
CA SER A 8 11.89 14.50 -3.79
C SER A 8 10.81 15.59 -3.78
N PRO A 9 10.63 16.24 -4.96
CA PRO A 9 9.64 17.29 -5.10
C PRO A 9 8.22 16.70 -5.16
N GLY A 10 7.32 17.36 -4.44
CA GLY A 10 5.94 16.91 -4.40
C GLY A 10 5.00 18.00 -4.92
N ASN A 11 3.71 17.70 -4.89
CA ASN A 11 2.70 18.64 -5.36
C ASN A 11 1.39 18.37 -4.62
N ARG A 12 0.76 19.46 -4.20
CA ARG A 12 -0.51 19.37 -3.50
C ARG A 12 -1.62 18.92 -4.44
N GLU A 13 -2.00 17.66 -4.31
CA GLU A 13 -3.05 17.10 -5.16
C GLU A 13 -3.75 15.95 -4.43
N ASN A 14 -2.97 14.92 -4.13
CA ASN A 14 -3.49 13.75 -3.45
C ASN A 14 -2.66 13.48 -2.20
N LYS A 15 -3.18 12.60 -1.36
CA LYS A 15 -2.50 12.24 -0.13
C LYS A 15 -1.67 10.98 -0.35
N GLU A 16 -0.36 11.16 -0.33
CA GLU A 16 0.56 10.04 -0.53
C GLU A 16 1.38 9.80 0.73
N LYS A 17 1.67 8.54 0.98
CA LYS A 17 2.45 8.15 2.14
C LYS A 17 3.45 7.06 1.74
N LYS A 18 4.65 7.19 2.30
CA LYS A 18 5.71 6.22 2.01
C LYS A 18 5.74 5.17 3.12
N VAL A 19 5.49 3.93 2.72
CA VAL A 19 5.48 2.83 3.67
C VAL A 19 6.56 1.82 3.26
N PHE A 20 7.53 1.65 4.14
CA PHE A 20 8.61 0.72 3.89
C PHE A 20 8.33 -0.64 4.54
N ILE A 21 8.05 -1.61 3.68
CA ILE A 21 7.76 -2.96 4.15
C ILE A 21 9.03 -3.80 4.10
N SER A 22 9.52 -4.16 5.28
CA SER A 22 10.72 -4.96 5.38
C SER A 22 10.38 -6.36 5.91
N LEU A 23 10.75 -7.36 5.12
CA LEU A 23 10.48 -8.73 5.49
C LEU A 23 11.77 -9.36 6.02
N VAL A 24 12.11 -9.00 7.25
CA VAL A 24 13.31 -9.53 7.87
C VAL A 24 12.92 -10.35 9.10
N GLY A 25 13.68 -11.42 9.33
CA GLY A 25 13.43 -12.29 10.46
C GLY A 25 11.92 -12.46 10.69
N SER A 26 11.52 -12.21 11.94
CA SER A 26 10.12 -12.33 12.30
C SER A 26 9.26 -11.45 11.38
N ARG A 27 8.02 -11.25 11.81
CA ARG A 27 7.10 -10.43 11.05
C ARG A 27 6.89 -11.02 9.66
N GLY A 28 5.98 -10.41 8.91
CA GLY A 28 5.69 -10.86 7.56
C GLY A 28 4.38 -10.25 7.05
N LEU A 29 4.44 -9.72 5.84
CA LEU A 29 3.28 -9.10 5.23
C LEU A 29 2.04 -9.94 5.55
N GLY A 30 1.01 -9.26 6.04
CA GLY A 30 -0.23 -9.93 6.39
C GLY A 30 -1.44 -9.22 5.77
N CYS A 31 -1.18 -8.58 4.64
CA CYS A 31 -2.23 -7.86 3.94
C CYS A 31 -2.43 -8.51 2.56
N SER A 32 -3.69 -8.62 2.18
CA SER A 32 -4.04 -9.21 0.90
C SER A 32 -4.19 -8.13 -0.17
N ILE A 33 -3.68 -8.43 -1.36
CA ILE A 33 -3.76 -7.49 -2.46
C ILE A 33 -4.63 -8.09 -3.57
N SER A 34 -5.32 -7.20 -4.27
CA SER A 34 -6.19 -7.62 -5.36
C SER A 34 -6.00 -6.70 -6.56
N SER A 35 -6.60 -7.12 -7.67
CA SER A 35 -6.50 -6.33 -8.90
C SER A 35 -7.75 -5.47 -9.06
N GLY A 36 -7.53 -4.22 -9.44
CA GLY A 36 -8.62 -3.29 -9.64
C GLY A 36 -9.25 -3.47 -11.02
N PRO A 37 -10.43 -2.82 -11.20
CA PRO A 37 -11.15 -2.90 -12.45
C PRO A 37 -10.48 -2.05 -13.53
N ILE A 38 -11.17 -1.89 -14.64
CA ILE A 38 -10.65 -1.11 -15.75
C ILE A 38 -10.77 0.38 -15.42
N GLN A 39 -11.78 0.69 -14.62
CA GLN A 39 -12.01 2.07 -14.21
C GLN A 39 -11.06 2.46 -13.09
N LYS A 40 -10.65 1.46 -12.33
CA LYS A 40 -9.74 1.69 -11.22
C LYS A 40 -8.68 0.57 -11.20
N PRO A 41 -7.89 0.52 -12.30
CA PRO A 41 -6.84 -0.49 -12.42
C PRO A 41 -5.64 -0.13 -11.54
N GLY A 42 -5.02 -1.17 -11.00
CA GLY A 42 -3.87 -0.99 -10.14
C GLY A 42 -3.83 -2.04 -9.03
N ILE A 43 -3.11 -1.72 -7.97
CA ILE A 43 -2.99 -2.63 -6.84
C ILE A 43 -3.59 -1.96 -5.60
N PHE A 44 -4.63 -2.59 -5.07
CA PHE A 44 -5.30 -2.07 -3.89
C PHE A 44 -5.43 -3.15 -2.81
N ILE A 45 -5.12 -2.77 -1.58
CA ILE A 45 -5.21 -3.71 -0.47
C ILE A 45 -6.66 -4.14 -0.30
N SER A 46 -6.83 -5.43 -0.04
CA SER A 46 -8.16 -5.99 0.15
C SER A 46 -8.40 -6.26 1.64
N HIS A 47 -7.33 -6.68 2.31
CA HIS A 47 -7.42 -6.98 3.74
C HIS A 47 -6.06 -6.73 4.39
N VAL A 48 -6.08 -6.63 5.71
CA VAL A 48 -4.87 -6.39 6.47
C VAL A 48 -4.96 -7.11 7.82
N LYS A 49 -4.02 -8.01 8.04
CA LYS A 49 -3.98 -8.77 9.27
C LYS A 49 -3.66 -7.83 10.44
N PRO A 50 -4.06 -8.26 11.66
CA PRO A 50 -3.83 -7.47 12.86
C PRO A 50 -2.36 -7.55 13.28
N GLY A 51 -1.75 -6.38 13.39
CA GLY A 51 -0.35 -6.31 13.80
C GLY A 51 0.55 -6.90 12.71
N SER A 52 0.10 -6.78 11.47
CA SER A 52 0.87 -7.30 10.36
C SER A 52 2.00 -6.33 10.00
N LEU A 53 2.69 -6.66 8.92
CA LEU A 53 3.80 -5.83 8.46
C LEU A 53 3.25 -4.54 7.84
N SER A 54 1.98 -4.61 7.45
CA SER A 54 1.32 -3.46 6.85
C SER A 54 0.56 -2.67 7.91
N ALA A 55 -0.01 -3.40 8.87
CA ALA A 55 -0.77 -2.79 9.94
C ALA A 55 0.19 -2.00 10.83
N GLU A 56 1.40 -2.52 10.96
CA GLU A 56 2.41 -1.88 11.78
C GLU A 56 2.73 -0.47 11.25
N VAL A 57 2.68 -0.36 9.92
CA VAL A 57 2.96 0.91 9.28
C VAL A 57 1.69 1.76 9.27
N GLY A 58 0.56 1.09 9.42
CA GLY A 58 -0.73 1.77 9.43
C GLY A 58 -1.42 1.66 8.08
N LEU A 59 -1.26 0.50 7.46
CA LEU A 59 -1.87 0.24 6.16
C LEU A 59 -3.26 -0.34 6.37
N GLU A 60 -4.20 0.13 5.55
CA GLU A 60 -5.57 -0.35 5.63
C GLU A 60 -6.15 -0.54 4.23
N ILE A 61 -7.35 -1.10 4.18
CA ILE A 61 -8.01 -1.33 2.92
C ILE A 61 -8.22 -0.01 2.20
N GLY A 62 -7.92 -0.01 0.91
CA GLY A 62 -8.07 1.19 0.10
C GLY A 62 -6.71 1.71 -0.36
N ASP A 63 -5.72 1.55 0.51
CA ASP A 63 -4.37 1.99 0.21
C ASP A 63 -3.90 1.34 -1.09
N GLN A 64 -4.04 2.09 -2.18
CA GLN A 64 -3.63 1.61 -3.48
C GLN A 64 -2.13 1.82 -3.69
N ILE A 65 -1.48 0.76 -4.13
CA ILE A 65 -0.04 0.81 -4.38
C ILE A 65 0.22 1.36 -5.78
N VAL A 66 0.77 2.57 -5.81
CA VAL A 66 1.07 3.22 -7.08
C VAL A 66 2.56 3.04 -7.40
N GLU A 67 3.34 2.83 -6.34
CA GLU A 67 4.77 2.64 -6.50
C GLU A 67 5.31 1.74 -5.38
N VAL A 68 6.41 1.08 -5.69
CA VAL A 68 7.04 0.19 -4.73
C VAL A 68 8.54 0.10 -5.02
N ASN A 69 9.32 0.57 -4.06
CA ASN A 69 10.77 0.55 -4.20
C ASN A 69 11.16 1.27 -5.48
N GLY A 70 10.23 2.10 -5.97
CA GLY A 70 10.47 2.85 -7.19
C GLY A 70 9.94 2.10 -8.41
N VAL A 71 9.12 1.09 -8.14
CA VAL A 71 8.54 0.29 -9.20
C VAL A 71 7.19 0.89 -9.61
N ASP A 72 6.94 0.86 -10.90
CA ASP A 72 5.69 1.40 -11.43
C ASP A 72 4.56 0.41 -11.16
N PHE A 73 3.98 0.53 -9.97
CA PHE A 73 2.89 -0.34 -9.57
C PHE A 73 1.54 0.25 -9.97
N SER A 74 1.59 1.17 -10.91
CA SER A 74 0.39 1.83 -11.39
C SER A 74 -0.41 0.86 -12.27
N ASN A 75 0.25 0.39 -13.31
CA ASN A 75 -0.39 -0.53 -14.24
C ASN A 75 0.30 -1.89 -14.14
N LEU A 76 0.51 -2.33 -12.91
CA LEU A 76 1.16 -3.61 -12.68
C LEU A 76 0.11 -4.73 -12.75
N ASP A 77 0.51 -5.89 -12.26
CA ASP A 77 -0.38 -7.04 -12.26
C ASP A 77 -0.37 -7.70 -10.88
N HIS A 78 -1.31 -8.62 -10.69
CA HIS A 78 -1.41 -9.32 -9.43
C HIS A 78 -0.27 -10.33 -9.30
N LYS A 79 0.47 -10.48 -10.39
CA LYS A 79 1.58 -11.40 -10.42
C LYS A 79 2.89 -10.62 -10.45
N GLU A 80 2.82 -9.42 -11.03
CA GLU A 80 3.98 -8.56 -11.13
C GLU A 80 4.14 -7.73 -9.86
N ALA A 81 3.00 -7.34 -9.30
CA ALA A 81 3.00 -6.54 -8.08
C ALA A 81 3.38 -7.42 -6.89
N VAL A 82 3.22 -8.73 -7.09
CA VAL A 82 3.53 -9.69 -6.05
C VAL A 82 4.98 -10.14 -6.20
N ASN A 83 5.39 -10.31 -7.45
CA ASN A 83 6.75 -10.74 -7.74
C ASN A 83 7.73 -9.70 -7.22
N VAL A 84 7.37 -8.44 -7.42
CA VAL A 84 8.22 -7.34 -6.96
C VAL A 84 8.11 -7.21 -5.44
N LEU A 85 6.92 -7.51 -4.94
CA LEU A 85 6.67 -7.43 -3.50
C LEU A 85 7.34 -8.62 -2.82
N LYS A 86 7.44 -9.72 -3.55
CA LYS A 86 8.05 -10.93 -3.02
C LYS A 86 9.51 -11.00 -3.51
N SER A 87 9.89 -10.02 -4.30
CA SER A 87 11.24 -9.96 -4.83
C SER A 87 12.24 -9.79 -3.69
N SER A 88 12.12 -8.68 -2.99
CA SER A 88 13.00 -8.40 -1.88
C SER A 88 12.20 -8.22 -0.59
N ARG A 89 12.91 -8.00 0.51
CA ARG A 89 12.28 -7.82 1.80
C ARG A 89 11.99 -6.33 2.04
N SER A 90 13.05 -5.55 2.01
CA SER A 90 12.92 -4.11 2.22
C SER A 90 12.47 -3.42 0.94
N LEU A 91 11.23 -2.95 0.95
CA LEU A 91 10.66 -2.28 -0.20
C LEU A 91 9.89 -1.05 0.26
N THR A 92 9.97 0.00 -0.54
CA THR A 92 9.28 1.24 -0.23
C THR A 92 8.01 1.37 -1.06
N ILE A 93 6.88 1.10 -0.42
CA ILE A 93 5.59 1.19 -1.08
C ILE A 93 5.04 2.61 -0.95
N SER A 94 4.54 3.12 -2.06
CA SER A 94 3.97 4.45 -2.08
C SER A 94 2.48 4.39 -2.41
N ILE A 95 1.67 4.62 -1.40
CA ILE A 95 0.23 4.59 -1.57
C ILE A 95 -0.31 6.02 -1.57
N VAL A 96 -1.60 6.14 -1.81
CA VAL A 96 -2.24 7.44 -1.85
C VAL A 96 -3.26 7.54 -0.70
N ALA A 97 -2.91 6.90 0.41
CA ALA A 97 -3.78 6.91 1.57
C ALA A 97 -5.21 6.63 1.15
N ALA A 98 -5.58 5.36 1.24
CA ALA A 98 -6.92 4.95 0.87
C ALA A 98 -7.30 5.58 -0.47
N ALA A 99 -6.48 5.29 -1.47
CA ALA A 99 -6.71 5.82 -2.81
C ALA A 99 -8.08 5.33 -3.32
N GLY A 100 -8.15 4.04 -3.55
CA GLY A 100 -9.37 3.43 -4.04
C GLY A 100 -10.09 2.66 -2.93
N ARG A 101 -10.41 3.39 -1.87
CA ARG A 101 -11.10 2.79 -0.73
C ARG A 101 -12.55 2.48 -1.09
N GLU A 102 -13.10 3.32 -1.97
CA GLU A 102 -14.47 3.14 -2.40
C GLU A 102 -14.67 1.75 -3.03
N LEU A 103 -13.60 1.27 -3.64
CA LEU A 103 -13.63 -0.04 -4.29
C LEU A 103 -14.18 -1.06 -3.30
N PHE A 104 -13.68 -0.99 -2.08
CA PHE A 104 -14.11 -1.91 -1.04
C PHE A 104 -15.19 -1.29 -0.16
N MET A 105 -16.29 -0.91 -0.81
CA MET A 105 -17.41 -0.30 -0.11
C MET A 105 -18.49 -1.34 0.22
N THR A 106 -18.36 -1.93 1.39
CA THR A 106 -19.32 -2.94 1.83
C THR A 106 -19.14 -3.22 3.32
N ASP A 107 -20.27 -3.32 4.01
CA ASP A 107 -20.25 -3.60 5.44
C ASP A 107 -20.56 -5.08 5.68
N ARG A 108 -20.35 -5.51 6.91
CA ARG A 108 -20.60 -6.89 7.27
C ARG A 108 -19.68 -7.82 6.49
N SER A 109 -19.01 -8.70 7.23
CA SER A 109 -18.10 -9.65 6.62
C SER A 109 -17.87 -10.83 7.56
N GLY A 110 -17.84 -12.02 6.98
CA GLY A 110 -17.63 -13.23 7.75
C GLY A 110 -16.62 -14.15 7.06
N PRO A 111 -15.34 -14.04 7.50
CA PRO A 111 -14.28 -14.84 6.94
C PRO A 111 -14.35 -16.28 7.45
N SER A 112 -13.74 -17.18 6.69
CA SER A 112 -13.73 -18.59 7.06
C SER A 112 -12.40 -19.22 6.66
N SER A 113 -11.81 -19.94 7.62
CA SER A 113 -10.54 -20.59 7.39
C SER A 113 -9.49 -19.57 6.96
N GLY A 114 -9.35 -19.43 5.65
CA GLY A 114 -8.39 -18.49 5.10
C GLY A 114 -8.37 -17.19 5.89
N GLY A 1 24.48 12.70 15.95
CA GLY A 1 24.85 12.84 14.55
C GLY A 1 26.34 13.11 14.41
N SER A 2 26.81 13.05 13.17
CA SER A 2 28.22 13.29 12.88
C SER A 2 28.39 14.66 12.23
N SER A 3 27.72 14.84 11.10
CA SER A 3 27.78 16.09 10.38
C SER A 3 26.84 16.05 9.17
N GLY A 4 26.53 17.24 8.66
CA GLY A 4 25.64 17.35 7.52
C GLY A 4 24.70 18.54 7.68
N SER A 5 25.09 19.66 7.06
CA SER A 5 24.30 20.87 7.13
C SER A 5 24.05 21.40 5.71
N SER A 6 22.95 20.94 5.13
CA SER A 6 22.59 21.37 3.79
C SER A 6 21.36 22.28 3.85
N GLY A 7 20.55 22.08 4.89
CA GLY A 7 19.35 22.87 5.06
C GLY A 7 18.20 22.29 4.23
N SER A 8 17.15 21.87 4.94
CA SER A 8 15.98 21.31 4.28
C SER A 8 14.98 22.42 3.95
N PRO A 9 14.36 22.30 2.75
CA PRO A 9 13.39 23.28 2.31
C PRO A 9 12.06 23.10 3.05
N GLY A 10 11.55 21.88 3.00
CA GLY A 10 10.30 21.57 3.66
C GLY A 10 9.28 21.01 2.66
N ASN A 11 8.37 20.20 3.18
CA ASN A 11 7.34 19.60 2.34
C ASN A 11 6.20 19.11 3.24
N ARG A 12 4.99 19.53 2.88
CA ARG A 12 3.81 19.14 3.63
C ARG A 12 2.77 18.51 2.70
N GLU A 13 2.33 17.33 3.07
CA GLU A 13 1.34 16.61 2.29
C GLU A 13 0.74 15.47 3.10
N ASN A 14 -0.55 15.23 2.87
CA ASN A 14 -1.25 14.17 3.57
C ASN A 14 -1.32 12.94 2.67
N LYS A 15 -1.86 13.13 1.49
CA LYS A 15 -2.00 12.05 0.54
C LYS A 15 -0.60 11.55 0.13
N GLU A 16 -0.59 10.44 -0.59
CA GLU A 16 0.66 9.85 -1.04
C GLU A 16 1.65 9.73 0.13
N LYS A 17 1.59 8.58 0.78
CA LYS A 17 2.46 8.33 1.92
C LYS A 17 3.46 7.23 1.55
N LYS A 18 4.68 7.38 2.06
CA LYS A 18 5.73 6.43 1.80
C LYS A 18 5.79 5.41 2.95
N VAL A 19 5.59 4.16 2.59
CA VAL A 19 5.63 3.09 3.58
C VAL A 19 6.71 2.08 3.20
N PHE A 20 7.48 1.67 4.19
CA PHE A 20 8.55 0.71 3.98
C PHE A 20 8.20 -0.65 4.58
N ILE A 21 8.03 -1.63 3.70
CA ILE A 21 7.70 -2.97 4.15
C ILE A 21 8.93 -3.86 4.03
N SER A 22 9.56 -4.11 5.19
CA SER A 22 10.75 -4.94 5.23
C SER A 22 10.39 -6.33 5.74
N LEU A 23 10.87 -7.33 5.02
CA LEU A 23 10.62 -8.71 5.39
C LEU A 23 11.87 -9.31 6.03
N VAL A 24 12.22 -8.77 7.19
CA VAL A 24 13.39 -9.23 7.90
C VAL A 24 12.97 -10.26 8.95
N GLY A 25 12.55 -11.42 8.46
CA GLY A 25 12.10 -12.49 9.35
C GLY A 25 11.19 -11.95 10.44
N SER A 26 10.95 -12.79 11.44
CA SER A 26 10.09 -12.41 12.55
C SER A 26 8.68 -12.13 12.04
N ARG A 27 8.49 -10.91 11.54
CA ARG A 27 7.20 -10.51 11.02
C ARG A 27 7.06 -10.92 9.55
N GLY A 28 5.82 -11.02 9.12
CA GLY A 28 5.54 -11.41 7.74
C GLY A 28 4.26 -10.73 7.24
N LEU A 29 4.35 -10.18 6.03
CA LEU A 29 3.22 -9.51 5.43
C LEU A 29 1.94 -10.30 5.72
N GLY A 30 0.91 -9.57 6.14
CA GLY A 30 -0.36 -10.19 6.45
C GLY A 30 -1.51 -9.42 5.80
N CYS A 31 -1.21 -8.80 4.68
CA CYS A 31 -2.21 -8.04 3.95
C CYS A 31 -2.44 -8.72 2.60
N SER A 32 -3.67 -8.62 2.13
CA SER A 32 -4.03 -9.22 0.85
C SER A 32 -4.26 -8.12 -0.19
N ILE A 33 -3.73 -8.36 -1.39
CA ILE A 33 -3.87 -7.40 -2.47
C ILE A 33 -4.86 -7.95 -3.50
N SER A 34 -5.61 -7.03 -4.09
CA SER A 34 -6.60 -7.40 -5.09
C SER A 34 -6.41 -6.57 -6.35
N SER A 35 -6.81 -7.14 -7.48
CA SER A 35 -6.68 -6.46 -8.75
C SER A 35 -7.88 -5.53 -8.97
N GLY A 36 -7.58 -4.35 -9.51
CA GLY A 36 -8.62 -3.37 -9.77
C GLY A 36 -9.20 -3.53 -11.18
N PRO A 37 -10.40 -2.93 -11.38
CA PRO A 37 -11.07 -3.01 -12.66
C PRO A 37 -10.40 -2.08 -13.68
N ILE A 38 -11.06 -1.94 -14.82
CA ILE A 38 -10.54 -1.09 -15.88
C ILE A 38 -10.72 0.38 -15.49
N GLN A 39 -11.76 0.63 -14.70
CA GLN A 39 -12.05 1.98 -14.25
C GLN A 39 -11.14 2.35 -13.07
N LYS A 40 -10.73 1.33 -12.33
CA LYS A 40 -9.86 1.54 -11.19
C LYS A 40 -8.77 0.47 -11.19
N PRO A 41 -7.94 0.49 -12.27
CA PRO A 41 -6.86 -0.48 -12.39
C PRO A 41 -5.70 -0.12 -11.47
N GLY A 42 -5.04 -1.16 -10.97
CA GLY A 42 -3.91 -0.97 -10.08
C GLY A 42 -3.90 -2.03 -8.97
N ILE A 43 -3.18 -1.72 -7.90
CA ILE A 43 -3.08 -2.63 -6.79
C ILE A 43 -3.64 -1.97 -5.53
N PHE A 44 -4.58 -2.66 -4.89
CA PHE A 44 -5.20 -2.14 -3.69
C PHE A 44 -5.35 -3.24 -2.64
N ILE A 45 -5.12 -2.86 -1.39
CA ILE A 45 -5.22 -3.79 -0.29
C ILE A 45 -6.69 -4.25 -0.15
N SER A 46 -6.85 -5.53 0.17
CA SER A 46 -8.17 -6.09 0.33
C SER A 46 -8.43 -6.42 1.81
N HIS A 47 -7.37 -6.85 2.47
CA HIS A 47 -7.46 -7.20 3.87
C HIS A 47 -6.07 -7.16 4.51
N VAL A 48 -6.05 -6.80 5.78
CA VAL A 48 -4.78 -6.72 6.52
C VAL A 48 -5.05 -7.01 7.99
N LYS A 49 -4.22 -7.90 8.54
CA LYS A 49 -4.35 -8.26 9.94
C LYS A 49 -4.00 -7.05 10.82
N PRO A 50 -4.75 -6.93 11.94
CA PRO A 50 -4.53 -5.82 12.87
C PRO A 50 -3.27 -6.06 13.70
N GLY A 51 -2.13 -6.08 13.02
CA GLY A 51 -0.87 -6.29 13.68
C GLY A 51 0.09 -7.08 12.80
N SER A 52 0.14 -6.69 11.53
CA SER A 52 1.00 -7.36 10.57
C SER A 52 2.16 -6.42 10.18
N LEU A 53 2.60 -6.57 8.95
CA LEU A 53 3.70 -5.77 8.43
C LEU A 53 3.14 -4.47 7.84
N SER A 54 1.86 -4.53 7.48
CA SER A 54 1.20 -3.37 6.91
C SER A 54 0.45 -2.60 8.00
N ALA A 55 0.02 -3.33 9.01
CA ALA A 55 -0.71 -2.73 10.11
C ALA A 55 0.27 -1.94 10.99
N GLU A 56 1.54 -2.31 10.89
CA GLU A 56 2.58 -1.66 11.67
C GLU A 56 2.86 -0.26 11.10
N VAL A 57 2.81 -0.18 9.77
CA VAL A 57 3.06 1.08 9.10
C VAL A 57 1.79 1.94 9.15
N GLY A 58 0.66 1.26 9.24
CA GLY A 58 -0.62 1.93 9.30
C GLY A 58 -1.37 1.82 7.97
N LEU A 59 -1.33 0.62 7.41
CA LEU A 59 -1.99 0.37 6.14
C LEU A 59 -3.43 -0.11 6.40
N GLU A 60 -4.32 0.26 5.48
CA GLU A 60 -5.71 -0.12 5.61
C GLU A 60 -6.31 -0.41 4.22
N ILE A 61 -7.44 -1.09 4.23
CA ILE A 61 -8.12 -1.44 2.99
C ILE A 61 -8.35 -0.17 2.18
N GLY A 62 -7.87 -0.20 0.95
CA GLY A 62 -8.03 0.93 0.04
C GLY A 62 -6.67 1.46 -0.40
N ASP A 63 -5.70 1.38 0.50
CA ASP A 63 -4.35 1.84 0.20
C ASP A 63 -3.89 1.21 -1.12
N GLN A 64 -3.98 1.99 -2.19
CA GLN A 64 -3.56 1.53 -3.49
C GLN A 64 -2.06 1.71 -3.66
N ILE A 65 -1.44 0.67 -4.22
CA ILE A 65 -0.01 0.70 -4.45
C ILE A 65 0.28 1.29 -5.84
N VAL A 66 0.84 2.50 -5.81
CA VAL A 66 1.17 3.19 -7.04
C VAL A 66 2.67 3.04 -7.33
N GLU A 67 3.40 2.74 -6.28
CA GLU A 67 4.84 2.57 -6.40
C GLU A 67 5.36 1.61 -5.32
N VAL A 68 6.44 0.93 -5.65
CA VAL A 68 7.04 -0.01 -4.72
C VAL A 68 8.54 -0.11 -4.98
N ASN A 69 9.32 0.35 -4.01
CA ASN A 69 10.77 0.33 -4.12
C ASN A 69 11.18 1.13 -5.36
N GLY A 70 10.29 2.01 -5.79
CA GLY A 70 10.54 2.83 -6.96
C GLY A 70 9.97 2.20 -8.22
N VAL A 71 9.19 1.15 -8.02
CA VAL A 71 8.57 0.45 -9.13
C VAL A 71 7.29 1.17 -9.53
N ASP A 72 6.86 0.92 -10.76
CA ASP A 72 5.65 1.54 -11.27
C ASP A 72 4.47 0.58 -11.05
N PHE A 73 3.85 0.69 -9.89
CA PHE A 73 2.72 -0.15 -9.55
C PHE A 73 1.40 0.52 -9.94
N SER A 74 1.52 1.53 -10.80
CA SER A 74 0.35 2.26 -11.26
C SER A 74 -0.54 1.35 -12.12
N ASN A 75 0.13 0.52 -12.92
CA ASN A 75 -0.59 -0.40 -13.78
C ASN A 75 0.15 -1.75 -13.80
N LEU A 76 0.34 -2.28 -12.60
CA LEU A 76 1.03 -3.56 -12.47
C LEU A 76 0.00 -4.69 -12.53
N ASP A 77 0.44 -5.88 -12.15
CA ASP A 77 -0.42 -7.05 -12.15
C ASP A 77 -0.33 -7.75 -10.80
N HIS A 78 -1.22 -8.71 -10.60
CA HIS A 78 -1.26 -9.47 -9.36
C HIS A 78 -0.05 -10.40 -9.31
N LYS A 79 0.68 -10.44 -10.41
CA LYS A 79 1.86 -11.28 -10.51
C LYS A 79 3.12 -10.40 -10.51
N GLU A 80 2.99 -9.27 -11.19
CA GLU A 80 4.11 -8.34 -11.29
C GLU A 80 4.23 -7.54 -9.99
N ALA A 81 3.10 -7.20 -9.43
CA ALA A 81 3.07 -6.44 -8.19
C ALA A 81 3.57 -7.32 -7.04
N VAL A 82 3.26 -8.61 -7.14
CA VAL A 82 3.67 -9.56 -6.13
C VAL A 82 5.15 -9.89 -6.32
N ASN A 83 5.46 -10.38 -7.51
CA ASN A 83 6.84 -10.74 -7.83
C ASN A 83 7.78 -9.61 -7.38
N VAL A 84 7.37 -8.40 -7.68
CA VAL A 84 8.16 -7.23 -7.31
C VAL A 84 8.26 -7.15 -5.78
N LEU A 85 7.20 -7.60 -5.13
CA LEU A 85 7.16 -7.57 -3.68
C LEU A 85 8.02 -8.71 -3.14
N LYS A 86 8.03 -9.82 -3.86
CA LYS A 86 8.80 -10.98 -3.47
C LYS A 86 10.28 -10.74 -3.81
N SER A 87 10.48 -9.94 -4.85
CA SER A 87 11.84 -9.63 -5.29
C SER A 87 12.77 -9.56 -4.09
N SER A 88 12.60 -8.52 -3.29
CA SER A 88 13.42 -8.33 -2.10
C SER A 88 12.52 -8.19 -0.87
N ARG A 89 13.18 -8.08 0.28
CA ARG A 89 12.47 -7.93 1.54
C ARG A 89 12.16 -6.45 1.81
N SER A 90 13.22 -5.66 1.83
CA SER A 90 13.09 -4.24 2.08
C SER A 90 12.58 -3.53 0.82
N LEU A 91 11.31 -3.15 0.85
CA LEU A 91 10.70 -2.47 -0.28
C LEU A 91 9.97 -1.23 0.22
N THR A 92 9.97 -0.20 -0.62
CA THR A 92 9.31 1.06 -0.28
C THR A 92 8.01 1.20 -1.07
N ILE A 93 6.91 0.92 -0.39
CA ILE A 93 5.60 1.02 -1.00
C ILE A 93 5.06 2.44 -0.82
N SER A 94 4.53 2.98 -1.91
CA SER A 94 3.98 4.32 -1.88
C SER A 94 2.48 4.28 -2.15
N ILE A 95 1.71 4.42 -1.09
CA ILE A 95 0.26 4.39 -1.20
C ILE A 95 -0.27 5.84 -1.17
N VAL A 96 -1.53 5.96 -1.55
CA VAL A 96 -2.18 7.27 -1.57
C VAL A 96 -3.21 7.34 -0.44
N ALA A 97 -2.90 6.67 0.65
CA ALA A 97 -3.78 6.66 1.80
C ALA A 97 -5.22 6.40 1.33
N ALA A 98 -5.60 5.13 1.33
CA ALA A 98 -6.93 4.75 0.90
C ALA A 98 -7.25 5.44 -0.41
N ALA A 99 -6.42 5.17 -1.41
CA ALA A 99 -6.60 5.76 -2.73
C ALA A 99 -7.95 5.29 -3.31
N GLY A 100 -8.03 3.99 -3.55
CA GLY A 100 -9.23 3.40 -4.09
C GLY A 100 -10.01 2.63 -3.02
N ARG A 101 -10.35 3.34 -1.96
CA ARG A 101 -11.09 2.75 -0.86
C ARG A 101 -12.51 2.38 -1.31
N GLU A 102 -12.98 3.11 -2.30
CA GLU A 102 -14.32 2.87 -2.84
C GLU A 102 -14.50 1.39 -3.16
N LEU A 103 -13.50 0.84 -3.85
CA LEU A 103 -13.54 -0.56 -4.22
C LEU A 103 -14.06 -1.40 -3.04
N PHE A 104 -13.47 -1.14 -1.88
CA PHE A 104 -13.86 -1.85 -0.68
C PHE A 104 -14.70 -0.97 0.24
N MET A 105 -15.87 -0.58 -0.27
CA MET A 105 -16.78 0.26 0.48
C MET A 105 -18.01 -0.53 0.94
N THR A 106 -18.27 -0.46 2.24
CA THR A 106 -19.42 -1.16 2.80
C THR A 106 -19.26 -2.67 2.61
N ASP A 107 -19.17 -3.37 3.73
CA ASP A 107 -19.03 -4.81 3.70
C ASP A 107 -19.39 -5.39 5.07
N ARG A 108 -20.01 -6.56 5.04
CA ARG A 108 -20.40 -7.22 6.27
C ARG A 108 -19.93 -8.68 6.26
N SER A 109 -18.99 -8.98 7.15
CA SER A 109 -18.45 -10.32 7.26
C SER A 109 -18.83 -10.93 8.61
N GLY A 110 -18.40 -10.25 9.67
CA GLY A 110 -18.68 -10.72 11.01
C GLY A 110 -17.40 -11.16 11.73
N PRO A 111 -17.59 -11.92 12.84
CA PRO A 111 -16.46 -12.41 13.61
C PRO A 111 -15.77 -13.57 12.89
N SER A 112 -14.67 -14.02 13.48
CA SER A 112 -13.91 -15.12 12.91
C SER A 112 -13.07 -15.80 13.99
N SER A 113 -13.16 -17.12 14.03
CA SER A 113 -12.43 -17.90 15.01
C SER A 113 -10.93 -17.62 14.88
N GLY A 114 -10.18 -18.12 15.86
CA GLY A 114 -8.74 -17.93 15.86
C GLY A 114 -8.07 -18.78 14.80
N GLY A 1 14.72 25.06 -15.35
CA GLY A 1 13.43 24.39 -15.44
C GLY A 1 12.28 25.41 -15.48
N SER A 2 11.09 24.92 -15.18
CA SER A 2 9.91 25.76 -15.18
C SER A 2 8.80 25.13 -14.34
N SER A 3 8.60 25.69 -13.16
CA SER A 3 7.59 25.18 -12.25
C SER A 3 6.86 26.35 -11.58
N GLY A 4 5.76 26.01 -10.93
CA GLY A 4 4.96 27.03 -10.24
C GLY A 4 3.93 26.37 -9.31
N SER A 5 2.80 27.04 -9.17
CA SER A 5 1.73 26.54 -8.34
C SER A 5 0.38 26.82 -8.99
N SER A 6 -0.64 26.12 -8.48
CA SER A 6 -1.98 26.27 -9.01
C SER A 6 -2.85 27.04 -8.01
N GLY A 7 -2.48 26.92 -6.74
CA GLY A 7 -3.22 27.59 -5.68
C GLY A 7 -4.29 26.67 -5.09
N SER A 8 -3.84 25.79 -4.21
CA SER A 8 -4.75 24.86 -3.56
C SER A 8 -4.52 24.85 -2.06
N PRO A 9 -5.63 24.64 -1.30
CA PRO A 9 -5.56 24.61 0.15
C PRO A 9 -4.92 23.30 0.64
N GLY A 10 -4.04 23.44 1.61
CA GLY A 10 -3.37 22.28 2.18
C GLY A 10 -2.50 21.58 1.13
N ASN A 11 -1.32 21.18 1.56
CA ASN A 11 -0.38 20.51 0.68
C ASN A 11 0.54 19.61 1.50
N ARG A 12 0.71 18.39 1.01
CA ARG A 12 1.55 17.42 1.70
C ARG A 12 1.00 17.13 3.10
N GLU A 13 1.42 15.98 3.63
CA GLU A 13 0.99 15.57 4.95
C GLU A 13 -0.52 15.29 4.95
N ASN A 14 -0.90 14.31 4.14
CA ASN A 14 -2.30 13.92 4.04
C ASN A 14 -2.43 12.72 3.11
N LYS A 15 -2.27 12.99 1.82
CA LYS A 15 -2.37 11.94 0.82
C LYS A 15 -0.96 11.50 0.40
N GLU A 16 -0.91 10.42 -0.35
CA GLU A 16 0.37 9.89 -0.82
C GLU A 16 1.36 9.80 0.34
N LYS A 17 1.32 8.68 1.03
CA LYS A 17 2.22 8.47 2.17
C LYS A 17 3.25 7.39 1.80
N LYS A 18 4.44 7.56 2.35
CA LYS A 18 5.52 6.62 2.09
C LYS A 18 5.57 5.58 3.22
N VAL A 19 5.58 4.32 2.81
CA VAL A 19 5.62 3.22 3.75
C VAL A 19 6.81 2.32 3.43
N PHE A 20 7.26 1.59 4.44
CA PHE A 20 8.38 0.68 4.28
C PHE A 20 8.06 -0.69 4.85
N ILE A 21 7.94 -1.66 3.96
CA ILE A 21 7.63 -3.02 4.37
C ILE A 21 8.94 -3.82 4.49
N SER A 22 9.38 -3.99 5.73
CA SER A 22 10.60 -4.73 6.00
C SER A 22 10.27 -6.19 6.31
N LEU A 23 10.64 -7.05 5.38
CA LEU A 23 10.39 -8.47 5.54
C LEU A 23 11.52 -9.09 6.38
N VAL A 24 11.50 -8.77 7.65
CA VAL A 24 12.52 -9.28 8.57
C VAL A 24 11.82 -9.89 9.79
N GLY A 25 12.60 -10.66 10.55
CA GLY A 25 12.08 -11.31 11.73
C GLY A 25 11.25 -12.54 11.37
N SER A 26 9.95 -12.31 11.23
CA SER A 26 9.04 -13.38 10.89
C SER A 26 7.71 -12.79 10.37
N ARG A 27 7.76 -12.30 9.14
CA ARG A 27 6.59 -11.72 8.51
C ARG A 27 6.73 -11.75 6.99
N GLY A 28 5.65 -11.36 6.32
CA GLY A 28 5.64 -11.34 4.87
C GLY A 28 4.35 -10.69 4.35
N LEU A 29 4.13 -9.45 4.78
CA LEU A 29 2.94 -8.72 4.36
C LEU A 29 1.69 -9.46 4.85
N GLY A 30 1.06 -8.87 5.85
CA GLY A 30 -0.15 -9.44 6.42
C GLY A 30 -1.39 -8.73 5.91
N CYS A 31 -1.37 -8.43 4.62
CA CYS A 31 -2.50 -7.75 3.99
C CYS A 31 -2.73 -8.37 2.62
N SER A 32 -4.00 -8.48 2.27
CA SER A 32 -4.38 -9.05 0.99
C SER A 32 -4.42 -7.97 -0.08
N ILE A 33 -3.81 -8.27 -1.22
CA ILE A 33 -3.76 -7.33 -2.33
C ILE A 33 -4.59 -7.88 -3.49
N SER A 34 -5.27 -6.98 -4.17
CA SER A 34 -6.10 -7.35 -5.30
C SER A 34 -5.90 -6.36 -6.45
N SER A 35 -6.38 -6.76 -7.63
CA SER A 35 -6.27 -5.91 -8.81
C SER A 35 -7.62 -5.27 -9.12
N GLY A 36 -7.58 -3.96 -9.37
CA GLY A 36 -8.78 -3.22 -9.68
C GLY A 36 -9.29 -3.56 -11.09
N PRO A 37 -10.44 -2.94 -11.44
CA PRO A 37 -11.04 -3.16 -12.76
C PRO A 37 -10.26 -2.42 -13.85
N ILE A 38 -10.82 -2.43 -15.04
CA ILE A 38 -10.20 -1.76 -16.17
C ILE A 38 -10.33 -0.25 -16.01
N GLN A 39 -11.41 0.15 -15.35
CA GLN A 39 -11.66 1.56 -15.12
C GLN A 39 -10.79 2.09 -13.97
N LYS A 40 -10.47 1.18 -13.06
CA LYS A 40 -9.65 1.53 -11.91
C LYS A 40 -8.65 0.41 -11.65
N PRO A 41 -7.76 0.19 -12.66
CA PRO A 41 -6.75 -0.85 -12.56
C PRO A 41 -5.62 -0.41 -11.63
N GLY A 42 -5.06 -1.39 -10.93
CA GLY A 42 -3.98 -1.13 -10.00
C GLY A 42 -3.91 -2.19 -8.91
N ILE A 43 -3.12 -1.90 -7.88
CA ILE A 43 -2.96 -2.83 -6.77
C ILE A 43 -3.48 -2.17 -5.49
N PHE A 44 -4.54 -2.75 -4.95
CA PHE A 44 -5.14 -2.22 -3.73
C PHE A 44 -5.20 -3.30 -2.64
N ILE A 45 -5.28 -2.84 -1.41
CA ILE A 45 -5.35 -3.75 -0.27
C ILE A 45 -6.81 -4.15 -0.03
N SER A 46 -6.99 -5.41 0.34
CA SER A 46 -8.33 -5.92 0.61
C SER A 46 -8.54 -6.08 2.11
N HIS A 47 -7.48 -6.50 2.79
CA HIS A 47 -7.53 -6.69 4.23
C HIS A 47 -6.13 -6.47 4.82
N VAL A 48 -6.11 -6.35 6.14
CA VAL A 48 -4.86 -6.13 6.85
C VAL A 48 -4.89 -6.89 8.17
N LYS A 49 -3.76 -7.50 8.50
CA LYS A 49 -3.64 -8.26 9.73
C LYS A 49 -3.19 -7.33 10.85
N PRO A 50 -3.53 -7.74 12.10
CA PRO A 50 -3.17 -6.96 13.28
C PRO A 50 -1.69 -7.10 13.59
N GLY A 51 -0.94 -6.05 13.28
CA GLY A 51 0.49 -6.04 13.53
C GLY A 51 1.24 -6.78 12.42
N SER A 52 0.98 -6.37 11.19
CA SER A 52 1.62 -6.97 10.04
C SER A 52 2.57 -5.98 9.39
N LEU A 53 3.07 -6.37 8.22
CA LEU A 53 4.00 -5.53 7.49
C LEU A 53 3.25 -4.30 6.96
N SER A 54 1.93 -4.39 6.98
CA SER A 54 1.09 -3.30 6.51
C SER A 54 0.68 -2.41 7.69
N ALA A 55 0.28 -3.06 8.77
CA ALA A 55 -0.13 -2.35 9.96
C ALA A 55 1.06 -1.62 10.56
N GLU A 56 2.17 -2.35 10.66
CA GLU A 56 3.39 -1.79 11.21
C GLU A 56 3.64 -0.40 10.63
N VAL A 57 3.24 -0.22 9.38
CA VAL A 57 3.42 1.04 8.71
C VAL A 57 2.14 1.87 8.83
N GLY A 58 1.03 1.16 9.01
CA GLY A 58 -0.26 1.81 9.14
C GLY A 58 -1.07 1.71 7.84
N LEU A 59 -0.92 0.58 7.17
CA LEU A 59 -1.63 0.34 5.93
C LEU A 59 -3.05 -0.11 6.24
N GLU A 60 -3.99 0.42 5.46
CA GLU A 60 -5.39 0.07 5.63
C GLU A 60 -6.04 -0.20 4.28
N ILE A 61 -7.24 -0.78 4.34
CA ILE A 61 -7.97 -1.10 3.13
C ILE A 61 -8.16 0.17 2.30
N GLY A 62 -7.93 0.04 1.00
CA GLY A 62 -8.07 1.16 0.09
C GLY A 62 -6.71 1.65 -0.37
N ASP A 63 -5.72 1.51 0.50
CA ASP A 63 -4.37 1.95 0.19
C ASP A 63 -3.92 1.29 -1.11
N GLN A 64 -4.05 2.05 -2.20
CA GLN A 64 -3.66 1.56 -3.51
C GLN A 64 -2.16 1.75 -3.72
N ILE A 65 -1.50 0.64 -4.04
CA ILE A 65 -0.07 0.65 -4.28
C ILE A 65 0.22 1.28 -5.65
N VAL A 66 0.75 2.49 -5.61
CA VAL A 66 1.07 3.20 -6.84
C VAL A 66 2.57 3.05 -7.13
N GLU A 67 3.31 2.74 -6.08
CA GLU A 67 4.76 2.58 -6.21
C GLU A 67 5.27 1.63 -5.13
N VAL A 68 6.38 0.97 -5.45
CA VAL A 68 6.99 0.04 -4.51
C VAL A 68 8.49 -0.05 -4.79
N ASN A 69 9.26 0.40 -3.81
CA ASN A 69 10.71 0.38 -3.93
C ASN A 69 11.13 1.16 -5.18
N GLY A 70 10.25 2.07 -5.59
CA GLY A 70 10.51 2.89 -6.76
C GLY A 70 9.98 2.20 -8.02
N VAL A 71 9.10 1.25 -7.83
CA VAL A 71 8.52 0.51 -8.94
C VAL A 71 7.20 1.17 -9.35
N ASP A 72 6.80 0.90 -10.59
CA ASP A 72 5.56 1.46 -11.11
C ASP A 72 4.42 0.49 -10.87
N PHE A 73 3.83 0.61 -9.68
CA PHE A 73 2.72 -0.26 -9.30
C PHE A 73 1.37 0.40 -9.64
N SER A 74 1.42 1.28 -10.62
CA SER A 74 0.22 1.99 -11.05
C SER A 74 -0.60 1.10 -11.99
N ASN A 75 0.11 0.32 -12.78
CA ASN A 75 -0.53 -0.58 -13.72
C ASN A 75 0.17 -1.94 -13.70
N LEU A 76 0.41 -2.42 -12.48
CA LEU A 76 1.07 -3.70 -12.30
C LEU A 76 0.03 -4.82 -12.37
N ASP A 77 0.45 -6.00 -11.95
CA ASP A 77 -0.43 -7.16 -11.96
C ASP A 77 -0.34 -7.88 -10.62
N HIS A 78 -1.24 -8.83 -10.43
CA HIS A 78 -1.27 -9.60 -9.19
C HIS A 78 -0.07 -10.54 -9.15
N LYS A 79 0.65 -10.58 -10.25
CA LYS A 79 1.82 -11.44 -10.36
C LYS A 79 3.08 -10.58 -10.35
N GLU A 80 2.98 -9.42 -11.00
CA GLU A 80 4.10 -8.50 -11.08
C GLU A 80 4.24 -7.73 -9.77
N ALA A 81 3.10 -7.41 -9.18
CA ALA A 81 3.09 -6.68 -7.93
C ALA A 81 3.56 -7.59 -6.80
N VAL A 82 3.27 -8.87 -6.95
CA VAL A 82 3.65 -9.86 -5.95
C VAL A 82 5.11 -10.25 -6.17
N ASN A 83 5.47 -10.38 -7.43
CA ASN A 83 6.83 -10.76 -7.80
C ASN A 83 7.80 -9.67 -7.31
N VAL A 84 7.39 -8.43 -7.52
CA VAL A 84 8.20 -7.30 -7.10
C VAL A 84 8.14 -7.15 -5.58
N LEU A 85 6.99 -7.55 -5.03
CA LEU A 85 6.79 -7.47 -3.60
C LEU A 85 7.54 -8.62 -2.91
N LYS A 86 7.66 -9.73 -3.63
CA LYS A 86 8.35 -10.90 -3.11
C LYS A 86 9.80 -10.87 -3.57
N SER A 87 10.08 -9.95 -4.48
CA SER A 87 11.43 -9.81 -5.01
C SER A 87 12.43 -9.66 -3.86
N SER A 88 12.27 -8.57 -3.12
CA SER A 88 13.14 -8.29 -1.99
C SER A 88 12.32 -8.21 -0.70
N ARG A 89 13.03 -8.28 0.42
CA ARG A 89 12.39 -8.21 1.72
C ARG A 89 11.94 -6.78 2.02
N SER A 90 12.92 -5.90 2.13
CA SER A 90 12.64 -4.50 2.42
C SER A 90 12.24 -3.77 1.12
N LEU A 91 11.05 -3.19 1.15
CA LEU A 91 10.55 -2.47 -0.01
C LEU A 91 9.82 -1.20 0.46
N THR A 92 9.87 -0.18 -0.37
CA THR A 92 9.22 1.08 -0.05
C THR A 92 7.94 1.23 -0.88
N ILE A 93 6.82 0.96 -0.22
CA ILE A 93 5.53 1.06 -0.88
C ILE A 93 4.99 2.49 -0.71
N SER A 94 4.37 2.98 -1.77
CA SER A 94 3.80 4.32 -1.75
C SER A 94 2.31 4.27 -2.03
N ILE A 95 1.52 4.42 -0.96
CA ILE A 95 0.08 4.39 -1.08
C ILE A 95 -0.45 5.82 -1.09
N VAL A 96 -1.73 5.94 -1.47
CA VAL A 96 -2.36 7.24 -1.52
C VAL A 96 -3.38 7.36 -0.37
N ALA A 97 -3.05 6.69 0.73
CA ALA A 97 -3.91 6.71 1.89
C ALA A 97 -5.36 6.44 1.47
N ALA A 98 -5.76 5.18 1.57
CA ALA A 98 -7.09 4.79 1.20
C ALA A 98 -7.45 5.41 -0.15
N ALA A 99 -6.64 5.10 -1.15
CA ALA A 99 -6.85 5.63 -2.49
C ALA A 99 -8.18 5.09 -3.04
N GLY A 100 -8.24 3.78 -3.16
CA GLY A 100 -9.44 3.13 -3.66
C GLY A 100 -10.13 2.33 -2.56
N ARG A 101 -10.53 3.03 -1.51
CA ARG A 101 -11.19 2.40 -0.39
C ARG A 101 -12.62 1.99 -0.78
N GLU A 102 -13.15 2.71 -1.77
CA GLU A 102 -14.49 2.43 -2.25
C GLU A 102 -14.54 1.10 -2.99
N LEU A 103 -13.37 0.69 -3.47
CA LEU A 103 -13.26 -0.56 -4.20
C LEU A 103 -13.65 -1.72 -3.29
N PHE A 104 -13.56 -1.45 -1.99
CA PHE A 104 -13.90 -2.46 -1.00
C PHE A 104 -15.07 -2.00 -0.13
N MET A 105 -16.11 -1.51 -0.79
CA MET A 105 -17.29 -1.04 -0.09
C MET A 105 -18.11 -2.21 0.47
N THR A 106 -17.98 -2.40 1.77
CA THR A 106 -18.71 -3.48 2.43
C THR A 106 -18.30 -4.83 1.85
N ASP A 107 -18.41 -5.87 2.68
CA ASP A 107 -18.06 -7.21 2.26
C ASP A 107 -18.36 -8.18 3.39
N ARG A 108 -18.57 -9.44 3.02
CA ARG A 108 -18.87 -10.48 3.99
C ARG A 108 -17.66 -11.38 4.19
N SER A 109 -17.50 -11.84 5.42
CA SER A 109 -16.39 -12.71 5.75
C SER A 109 -16.76 -13.62 6.92
N GLY A 110 -16.96 -14.90 6.61
CA GLY A 110 -17.32 -15.87 7.62
C GLY A 110 -16.37 -17.07 7.60
N PRO A 111 -16.70 -18.08 8.44
CA PRO A 111 -15.89 -19.28 8.53
C PRO A 111 -16.08 -20.17 7.30
N SER A 112 -15.10 -21.03 7.08
CA SER A 112 -15.15 -21.95 5.95
C SER A 112 -14.03 -22.96 6.04
N SER A 113 -14.39 -24.22 5.85
CA SER A 113 -13.42 -25.30 5.91
C SER A 113 -13.96 -26.54 5.19
N GLY A 114 -13.19 -27.00 4.21
CA GLY A 114 -13.58 -28.17 3.44
C GLY A 114 -12.93 -29.44 4.00
N GLY A 1 34.10 21.16 -22.09
CA GLY A 1 33.00 20.42 -21.50
C GLY A 1 32.08 21.35 -20.72
N SER A 2 30.87 20.85 -20.47
CA SER A 2 29.89 21.62 -19.72
C SER A 2 28.71 20.74 -19.33
N SER A 3 28.74 20.29 -18.08
CA SER A 3 27.68 19.43 -17.57
C SER A 3 27.12 20.01 -16.28
N GLY A 4 25.84 19.74 -16.04
CA GLY A 4 25.17 20.22 -14.85
C GLY A 4 23.72 20.59 -15.15
N SER A 5 23.01 20.98 -14.09
CA SER A 5 21.62 21.37 -14.23
C SER A 5 20.80 20.19 -14.73
N SER A 6 20.11 19.54 -13.80
CA SER A 6 19.28 18.40 -14.13
C SER A 6 17.80 18.76 -14.01
N GLY A 7 17.54 19.72 -13.14
CA GLY A 7 16.17 20.18 -12.91
C GLY A 7 15.32 19.07 -12.28
N SER A 8 14.49 19.48 -11.35
CA SER A 8 13.62 18.54 -10.66
C SER A 8 12.17 18.98 -10.77
N PRO A 9 11.25 17.97 -10.83
CA PRO A 9 9.83 18.25 -10.93
C PRO A 9 9.26 18.74 -9.60
N GLY A 10 7.96 18.97 -9.60
CA GLY A 10 7.28 19.45 -8.40
C GLY A 10 5.77 19.40 -8.58
N ASN A 11 5.19 18.25 -8.24
CA ASN A 11 3.76 18.06 -8.36
C ASN A 11 3.30 17.01 -7.36
N ARG A 12 2.26 17.36 -6.61
CA ARG A 12 1.71 16.45 -5.62
C ARG A 12 0.51 17.09 -4.92
N GLU A 13 -0.63 16.41 -5.05
CA GLU A 13 -1.85 16.90 -4.44
C GLU A 13 -2.47 15.82 -3.55
N ASN A 14 -2.87 14.73 -4.19
CA ASN A 14 -3.48 13.62 -3.47
C ASN A 14 -2.65 13.32 -2.21
N LYS A 15 -3.23 12.51 -1.35
CA LYS A 15 -2.57 12.13 -0.11
C LYS A 15 -1.74 10.87 -0.34
N GLU A 16 -0.42 11.05 -0.32
CA GLU A 16 0.48 9.93 -0.53
C GLU A 16 1.31 9.69 0.74
N LYS A 17 1.58 8.41 0.99
CA LYS A 17 2.35 8.03 2.16
C LYS A 17 3.44 7.04 1.74
N LYS A 18 4.59 7.16 2.39
CA LYS A 18 5.71 6.28 2.10
C LYS A 18 5.80 5.19 3.17
N VAL A 19 5.51 3.96 2.75
CA VAL A 19 5.55 2.83 3.66
C VAL A 19 6.63 1.85 3.19
N PHE A 20 7.48 1.46 4.13
CA PHE A 20 8.55 0.53 3.84
C PHE A 20 8.27 -0.84 4.45
N ILE A 21 7.99 -1.81 3.58
CA ILE A 21 7.70 -3.16 4.02
C ILE A 21 8.97 -4.00 3.92
N SER A 22 9.38 -4.54 5.06
CA SER A 22 10.57 -5.37 5.12
C SER A 22 10.21 -6.78 5.57
N LEU A 23 10.49 -7.74 4.72
CA LEU A 23 10.20 -9.14 5.02
C LEU A 23 11.42 -9.77 5.69
N VAL A 24 11.88 -9.12 6.75
CA VAL A 24 13.04 -9.61 7.48
C VAL A 24 12.65 -9.81 8.95
N GLY A 25 13.53 -10.50 9.67
CA GLY A 25 13.30 -10.76 11.08
C GLY A 25 11.90 -11.33 11.30
N SER A 26 11.55 -11.46 12.57
CA SER A 26 10.24 -11.98 12.94
C SER A 26 9.15 -10.98 12.54
N ARG A 27 8.82 -11.01 11.26
CA ARG A 27 7.80 -10.11 10.74
C ARG A 27 7.44 -10.50 9.30
N GLY A 28 6.27 -11.09 9.15
CA GLY A 28 5.80 -11.51 7.84
C GLY A 28 4.55 -10.72 7.43
N LEU A 29 4.41 -10.53 6.13
CA LEU A 29 3.28 -9.81 5.59
C LEU A 29 1.98 -10.55 5.95
N GLY A 30 0.92 -9.78 6.12
CA GLY A 30 -0.37 -10.33 6.48
C GLY A 30 -1.51 -9.53 5.85
N CYS A 31 -1.22 -8.97 4.69
CA CYS A 31 -2.21 -8.17 3.97
C CYS A 31 -2.46 -8.82 2.61
N SER A 32 -3.70 -8.70 2.15
CA SER A 32 -4.08 -9.27 0.87
C SER A 32 -4.31 -8.16 -0.14
N ILE A 33 -3.78 -8.37 -1.34
CA ILE A 33 -3.93 -7.39 -2.41
C ILE A 33 -4.97 -7.90 -3.41
N SER A 34 -5.60 -6.95 -4.09
CA SER A 34 -6.61 -7.28 -5.08
C SER A 34 -6.37 -6.48 -6.35
N SER A 35 -6.92 -6.99 -7.45
CA SER A 35 -6.78 -6.34 -8.74
C SER A 35 -7.89 -5.30 -8.93
N GLY A 36 -7.54 -4.25 -9.65
CA GLY A 36 -8.49 -3.18 -9.91
C GLY A 36 -9.02 -3.26 -11.35
N PRO A 37 -10.18 -2.59 -11.57
CA PRO A 37 -10.80 -2.59 -12.89
C PRO A 37 -10.05 -1.65 -13.84
N ILE A 38 -10.69 -1.36 -14.96
CA ILE A 38 -10.09 -0.48 -15.96
C ILE A 38 -10.22 0.97 -15.49
N GLN A 39 -11.27 1.23 -14.74
CA GLN A 39 -11.51 2.56 -14.21
C GLN A 39 -10.63 2.83 -12.99
N LYS A 40 -10.30 1.75 -12.30
CA LYS A 40 -9.47 1.85 -11.11
C LYS A 40 -8.43 0.73 -11.13
N PRO A 41 -7.57 0.76 -12.18
CA PRO A 41 -6.53 -0.23 -12.33
C PRO A 41 -5.39 0.01 -11.34
N GLY A 42 -4.78 -1.07 -10.90
CA GLY A 42 -3.68 -0.98 -9.96
C GLY A 42 -3.80 -2.05 -8.86
N ILE A 43 -2.97 -1.90 -7.84
CA ILE A 43 -2.98 -2.84 -6.73
C ILE A 43 -3.56 -2.15 -5.49
N PHE A 44 -4.59 -2.77 -4.94
CA PHE A 44 -5.24 -2.23 -3.76
C PHE A 44 -5.39 -3.31 -2.68
N ILE A 45 -5.16 -2.90 -1.44
CA ILE A 45 -5.27 -3.81 -0.31
C ILE A 45 -6.72 -4.29 -0.19
N SER A 46 -6.86 -5.53 0.26
CA SER A 46 -8.18 -6.11 0.43
C SER A 46 -8.42 -6.43 1.91
N HIS A 47 -7.36 -6.89 2.56
CA HIS A 47 -7.45 -7.24 3.97
C HIS A 47 -6.04 -7.22 4.59
N VAL A 48 -6.00 -6.86 5.86
CA VAL A 48 -4.74 -6.79 6.57
C VAL A 48 -4.98 -7.08 8.06
N LYS A 49 -4.17 -7.97 8.60
CA LYS A 49 -4.28 -8.34 10.00
C LYS A 49 -3.90 -7.15 10.87
N PRO A 50 -4.64 -6.99 12.00
CA PRO A 50 -4.37 -5.91 12.92
C PRO A 50 -3.11 -6.16 13.74
N GLY A 51 -2.02 -6.40 13.03
CA GLY A 51 -0.74 -6.65 13.67
C GLY A 51 0.21 -7.39 12.73
N SER A 52 0.22 -6.93 11.48
CA SER A 52 1.08 -7.53 10.47
C SER A 52 2.22 -6.59 10.12
N LEU A 53 2.70 -6.71 8.90
CA LEU A 53 3.80 -5.88 8.43
C LEU A 53 3.24 -4.57 7.87
N SER A 54 1.95 -4.62 7.52
CA SER A 54 1.28 -3.45 6.97
C SER A 54 0.57 -2.70 8.08
N ALA A 55 0.13 -3.45 9.08
CA ALA A 55 -0.58 -2.85 10.21
C ALA A 55 0.40 -2.04 11.04
N GLU A 56 1.68 -2.35 10.87
CA GLU A 56 2.73 -1.66 11.60
C GLU A 56 2.99 -0.29 10.98
N VAL A 57 2.84 -0.23 9.67
CA VAL A 57 3.06 1.02 8.94
C VAL A 57 1.80 1.87 8.99
N GLY A 58 0.68 1.18 9.20
CA GLY A 58 -0.61 1.86 9.28
C GLY A 58 -1.38 1.73 7.96
N LEU A 59 -1.28 0.55 7.37
CA LEU A 59 -1.96 0.28 6.12
C LEU A 59 -3.40 -0.15 6.40
N GLU A 60 -4.27 0.18 5.47
CA GLU A 60 -5.68 -0.15 5.60
C GLU A 60 -6.28 -0.46 4.23
N ILE A 61 -7.43 -1.13 4.26
CA ILE A 61 -8.13 -1.48 3.04
C ILE A 61 -8.38 -0.22 2.20
N GLY A 62 -7.90 -0.26 0.97
CA GLY A 62 -8.05 0.87 0.06
C GLY A 62 -6.70 1.38 -0.41
N ASP A 63 -5.74 1.39 0.52
CA ASP A 63 -4.40 1.86 0.21
C ASP A 63 -3.93 1.21 -1.09
N GLN A 64 -4.07 1.96 -2.17
CA GLN A 64 -3.65 1.47 -3.48
C GLN A 64 -2.15 1.69 -3.67
N ILE A 65 -1.50 0.65 -4.18
CA ILE A 65 -0.07 0.71 -4.42
C ILE A 65 0.18 1.25 -5.83
N VAL A 66 0.72 2.46 -5.87
CA VAL A 66 1.01 3.10 -7.14
C VAL A 66 2.51 2.97 -7.44
N GLU A 67 3.27 2.74 -6.38
CA GLU A 67 4.71 2.60 -6.52
C GLU A 67 5.25 1.68 -5.43
N VAL A 68 6.37 1.03 -5.74
CA VAL A 68 7.00 0.12 -4.79
C VAL A 68 8.49 0.05 -5.08
N ASN A 69 9.28 0.41 -4.07
CA ASN A 69 10.72 0.39 -4.20
C ASN A 69 11.12 1.13 -5.48
N GLY A 70 10.29 2.09 -5.85
CA GLY A 70 10.55 2.87 -7.05
C GLY A 70 10.03 2.16 -8.30
N VAL A 71 9.05 1.29 -8.08
CA VAL A 71 8.47 0.54 -9.18
C VAL A 71 7.15 1.20 -9.61
N ASP A 72 6.74 0.90 -10.83
CA ASP A 72 5.51 1.46 -11.37
C ASP A 72 4.36 0.47 -11.13
N PHE A 73 3.73 0.62 -9.97
CA PHE A 73 2.62 -0.25 -9.62
C PHE A 73 1.28 0.38 -10.01
N SER A 74 1.38 1.43 -10.81
CA SER A 74 0.19 2.13 -11.26
C SER A 74 -0.67 1.20 -12.13
N ASN A 75 0.01 0.38 -12.91
CA ASN A 75 -0.68 -0.56 -13.79
C ASN A 75 0.08 -1.89 -13.80
N LEU A 76 0.27 -2.43 -12.61
CA LEU A 76 0.99 -3.69 -12.47
C LEU A 76 -0.01 -4.84 -12.58
N ASP A 77 0.45 -6.03 -12.19
CA ASP A 77 -0.38 -7.22 -12.24
C ASP A 77 -0.32 -7.93 -10.89
N HIS A 78 -1.21 -8.89 -10.73
CA HIS A 78 -1.27 -9.67 -9.49
C HIS A 78 -0.05 -10.58 -9.41
N LYS A 79 0.72 -10.61 -10.49
CA LYS A 79 1.91 -11.44 -10.54
C LYS A 79 3.14 -10.54 -10.53
N GLU A 80 3.04 -9.41 -11.22
CA GLU A 80 4.13 -8.47 -11.28
C GLU A 80 4.24 -7.68 -9.98
N ALA A 81 3.09 -7.41 -9.39
CA ALA A 81 3.04 -6.67 -8.14
C ALA A 81 3.53 -7.56 -7.01
N VAL A 82 3.20 -8.85 -7.11
CA VAL A 82 3.61 -9.81 -6.10
C VAL A 82 5.07 -10.19 -6.33
N ASN A 83 5.44 -10.26 -7.60
CA ASN A 83 6.81 -10.62 -7.95
C ASN A 83 7.76 -9.54 -7.45
N VAL A 84 7.39 -8.29 -7.71
CA VAL A 84 8.20 -7.16 -7.29
C VAL A 84 8.16 -7.06 -5.76
N LEU A 85 7.04 -7.47 -5.20
CA LEU A 85 6.86 -7.43 -3.76
C LEU A 85 7.65 -8.58 -3.12
N LYS A 86 7.61 -9.73 -3.77
CA LYS A 86 8.31 -10.90 -3.28
C LYS A 86 9.75 -10.87 -3.80
N SER A 87 10.02 -9.90 -4.65
CA SER A 87 11.35 -9.75 -5.22
C SER A 87 12.38 -9.61 -4.11
N SER A 88 12.12 -8.66 -3.22
CA SER A 88 13.02 -8.40 -2.10
C SER A 88 12.21 -8.28 -0.81
N ARG A 89 12.94 -8.12 0.29
CA ARG A 89 12.31 -7.98 1.60
C ARG A 89 11.97 -6.52 1.86
N SER A 90 13.00 -5.70 1.87
CA SER A 90 12.83 -4.28 2.13
C SER A 90 12.39 -3.57 0.83
N LEU A 91 11.19 -3.02 0.88
CA LEU A 91 10.65 -2.32 -0.27
C LEU A 91 9.90 -1.07 0.20
N THR A 92 9.91 -0.05 -0.65
CA THR A 92 9.25 1.20 -0.33
C THR A 92 7.97 1.34 -1.14
N ILE A 93 6.85 1.11 -0.46
CA ILE A 93 5.55 1.21 -1.11
C ILE A 93 5.03 2.64 -0.97
N SER A 94 4.42 3.12 -2.06
CA SER A 94 3.88 4.47 -2.08
C SER A 94 2.40 4.43 -2.44
N ILE A 95 1.57 4.54 -1.41
CA ILE A 95 0.13 4.52 -1.60
C ILE A 95 -0.40 5.95 -1.57
N VAL A 96 -1.70 6.06 -1.85
CA VAL A 96 -2.34 7.37 -1.87
C VAL A 96 -3.34 7.44 -0.71
N ALA A 97 -2.97 6.80 0.39
CA ALA A 97 -3.82 6.78 1.57
C ALA A 97 -5.27 6.50 1.15
N ALA A 98 -5.62 5.22 1.20
CA ALA A 98 -6.97 4.80 0.82
C ALA A 98 -7.34 5.43 -0.51
N ALA A 99 -6.51 5.17 -1.51
CA ALA A 99 -6.74 5.70 -2.84
C ALA A 99 -8.09 5.19 -3.37
N GLY A 100 -8.12 3.88 -3.62
CA GLY A 100 -9.33 3.25 -4.12
C GLY A 100 -10.07 2.50 -3.01
N ARG A 101 -10.40 3.23 -1.96
CA ARG A 101 -11.09 2.64 -0.83
C ARG A 101 -12.50 2.20 -1.24
N GLU A 102 -13.08 2.95 -2.16
CA GLU A 102 -14.42 2.65 -2.65
C GLU A 102 -14.51 1.18 -3.06
N LEU A 103 -13.45 0.71 -3.71
CA LEU A 103 -13.40 -0.67 -4.16
C LEU A 103 -13.96 -1.58 -3.08
N PHE A 104 -13.57 -1.29 -1.84
CA PHE A 104 -14.03 -2.07 -0.71
C PHE A 104 -14.99 -1.26 0.17
N MET A 105 -16.03 -0.74 -0.48
CA MET A 105 -17.02 0.05 0.22
C MET A 105 -18.24 -0.79 0.59
N THR A 106 -17.97 -1.88 1.31
CA THR A 106 -19.03 -2.78 1.73
C THR A 106 -19.79 -2.19 2.92
N ASP A 107 -19.04 -1.62 3.84
CA ASP A 107 -19.61 -1.01 5.03
C ASP A 107 -20.32 -2.09 5.85
N ARG A 108 -21.54 -2.40 5.43
CA ARG A 108 -22.34 -3.40 6.12
C ARG A 108 -21.46 -4.59 6.51
N SER A 109 -21.66 -5.06 7.73
CA SER A 109 -20.89 -6.19 8.23
C SER A 109 -21.81 -7.40 8.41
N GLY A 110 -22.82 -7.23 9.26
CA GLY A 110 -23.76 -8.30 9.52
C GLY A 110 -23.20 -9.29 10.56
N PRO A 111 -24.06 -10.26 10.94
CA PRO A 111 -23.67 -11.27 11.91
C PRO A 111 -22.71 -12.29 11.28
N SER A 112 -21.44 -12.15 11.62
CA SER A 112 -20.43 -13.05 11.10
C SER A 112 -19.20 -13.04 12.02
N SER A 113 -18.61 -11.86 12.15
CA SER A 113 -17.43 -11.70 12.99
C SER A 113 -16.21 -12.29 12.29
N GLY A 114 -16.30 -13.57 11.98
CA GLY A 114 -15.20 -14.25 11.31
C GLY A 114 -15.24 -14.00 9.81
#